data_4PL4
#
_entry.id   4PL4
#
_cell.length_a   319.110
_cell.length_b   62.310
_cell.length_c   141.330
_cell.angle_alpha   90.000
_cell.angle_beta   99.570
_cell.angle_gamma   90.000
#
_symmetry.space_group_name_H-M   'C 1 2 1'
#
loop_
_entity.id
_entity.type
_entity.pdbx_description
1 polymer 'Serine/threonine-protein kinase/endoribonuclease IRE1'
2 non-polymer 2-methoxy-6-methyl-4-(4-methyl-3,4-dihydro-2H-1,4-benzoxazin-7-yl)phenol
3 non-polymer "ADENOSINE-5'-DIPHOSPHATE"
4 non-polymer 2,5,8,11,14,17,20,23,26,29,32,35,38,41,44,47,50,53,56,59,62,65,68,71,74,77,80-HEPTACOSAOXADOOCTACONTAN-82-OL
5 non-polymer 'MAGNESIUM ION'
#
_entity_poly.entity_id   1
_entity_poly.type   'polypeptide(L)'
_entity_poly.pdbx_seq_one_letter_code
;GAMDPEFPSLEQDDEDEETRMVIVGKISFCPKDVLGHGAEGTIVYKGMFDNRDVAVKRILPECFSFADREVQLLRESDEH
PNVIRYFCTEKDRQFQYIAIELCAATLQEYVEQKDFAHLGLEPITLLHQTTSGLAHLHSLNIVHRDLKPHNILLSMPNAH
GRIKAMISDFGLCKKLAVGRHSFSRRSGVPGTEGWIAPEMLSEDCKDNPTYTVDIFSAGCVFYYVISEGYHPFGKSLQRQ
ANILLGACNLDCFHSDKHEDVIARELIEKMIAMDPQQRPSAKHVLKHPFFWSLEKQLQFFQDVSDRIEKEALDGPIVRQL
ERGGRAVVKMDWRENITVPLQTDLRKFRTYKGGSVRDLLRAMRNKKHHYRELPVEVQETLGSIPDDFVRYFTSRFPHLLS
HTYQAMELCRHERLFQTYYWHEPTEPQPPVIPYAL
;
_entity_poly.pdbx_strand_id   A,B,C,D
#
# COMPACT_ATOMS: atom_id res chain seq x y z
N ARG A 20 12.79 -22.71 -38.70
CA ARG A 20 13.89 -22.95 -37.78
C ARG A 20 13.42 -22.75 -36.34
N MET A 21 12.51 -23.62 -35.91
CA MET A 21 11.84 -23.48 -34.62
C MET A 21 12.76 -23.51 -33.40
N VAL A 22 12.18 -23.12 -32.26
CA VAL A 22 12.83 -23.14 -30.96
C VAL A 22 11.87 -23.82 -29.97
N ILE A 23 12.39 -24.38 -28.88
CA ILE A 23 11.51 -24.89 -27.83
C ILE A 23 11.53 -24.11 -26.51
N VAL A 24 12.43 -24.42 -25.58
CA VAL A 24 12.38 -23.93 -24.18
C VAL A 24 10.96 -24.00 -23.60
N GLY A 25 10.27 -25.09 -23.93
CA GLY A 25 8.85 -25.19 -23.61
C GLY A 25 8.28 -26.47 -22.99
N LYS A 26 7.09 -26.42 -22.37
CA LYS A 26 6.28 -25.20 -22.15
C LYS A 26 5.90 -24.47 -23.44
N ILE A 27 6.30 -23.20 -23.53
CA ILE A 27 6.13 -22.39 -24.71
C ILE A 27 7.10 -22.81 -25.81
N SER A 28 6.60 -23.06 -27.00
CA SER A 28 7.47 -23.18 -28.17
C SER A 28 7.11 -22.05 -29.12
N PHE A 29 7.97 -21.82 -30.12
CA PHE A 29 7.64 -20.89 -31.21
C PHE A 29 8.63 -20.92 -32.36
N CYS A 30 8.34 -20.12 -33.39
CA CYS A 30 9.28 -19.89 -34.48
C CYS A 30 9.63 -18.40 -34.55
N PRO A 31 10.93 -18.09 -34.59
CA PRO A 31 11.46 -16.72 -34.57
C PRO A 31 11.07 -15.90 -35.80
N LYS A 32 10.68 -16.54 -36.89
CA LYS A 32 10.30 -15.83 -38.11
C LYS A 32 8.84 -15.31 -38.10
N ASP A 33 8.03 -15.80 -37.17
CA ASP A 33 6.67 -15.31 -37.01
C ASP A 33 6.62 -14.15 -36.01
N VAL A 34 7.25 -13.03 -36.38
CA VAL A 34 7.32 -11.87 -35.51
C VAL A 34 6.04 -11.03 -35.54
N LEU A 35 5.38 -10.92 -34.39
CA LEU A 35 4.21 -10.07 -34.27
C LEU A 35 4.62 -8.60 -34.24
N GLY A 36 5.65 -8.29 -33.46
CA GLY A 36 6.16 -6.93 -33.44
C GLY A 36 7.10 -6.63 -32.28
N HIS A 37 7.93 -5.62 -32.47
CA HIS A 37 8.91 -5.26 -31.45
C HIS A 37 8.32 -4.38 -30.36
N GLY A 38 8.79 -4.59 -29.14
CA GLY A 38 8.30 -3.84 -27.99
C GLY A 38 9.31 -2.81 -27.52
N ALA A 39 9.32 -2.56 -26.22
CA ALA A 39 10.23 -1.56 -25.67
C ALA A 39 11.56 -2.18 -25.28
N GLU A 40 12.65 -1.51 -25.65
CA GLU A 40 13.98 -1.85 -25.13
C GLU A 40 14.39 -3.33 -25.28
N GLY A 41 14.46 -3.79 -26.53
CA GLY A 41 14.89 -5.14 -26.82
C GLY A 41 13.74 -6.10 -26.98
N THR A 42 12.88 -6.11 -25.97
CA THR A 42 11.70 -6.98 -25.92
C THR A 42 10.98 -7.11 -27.26
N ILE A 43 10.82 -8.34 -27.70
CA ILE A 43 10.20 -8.61 -28.99
C ILE A 43 9.09 -9.67 -28.86
N VAL A 44 8.07 -9.60 -29.72
CA VAL A 44 6.94 -10.54 -29.67
C VAL A 44 6.72 -11.33 -30.96
N TYR A 45 6.85 -12.66 -30.86
CA TYR A 45 6.58 -13.55 -31.98
C TYR A 45 5.30 -14.34 -31.77
N LYS A 46 4.90 -15.03 -32.82
CA LYS A 46 3.72 -15.89 -32.76
C LYS A 46 4.11 -17.34 -32.55
N GLY A 47 3.84 -17.87 -31.36
CA GLY A 47 4.15 -19.24 -31.03
C GLY A 47 2.95 -20.13 -30.75
N MET A 48 3.20 -21.23 -30.05
CA MET A 48 2.17 -22.22 -29.72
C MET A 48 2.17 -22.55 -28.22
N PHE A 49 1.25 -23.40 -27.78
CA PHE A 49 1.24 -23.81 -26.38
C PHE A 49 0.66 -25.22 -26.18
N ASP A 50 -0.66 -25.32 -26.04
CA ASP A 50 -1.27 -26.63 -25.97
C ASP A 50 -1.25 -27.19 -27.37
N ASN A 51 -1.90 -26.45 -28.28
CA ASN A 51 -1.82 -26.68 -29.72
C ASN A 51 -2.56 -25.53 -30.36
N ARG A 52 -2.74 -24.47 -29.57
CA ARG A 52 -3.41 -23.25 -29.99
C ARG A 52 -2.38 -22.21 -30.40
N ASP A 53 -2.76 -21.33 -31.31
CA ASP A 53 -1.90 -20.21 -31.65
C ASP A 53 -1.85 -19.26 -30.44
N VAL A 54 -0.67 -18.76 -30.13
CA VAL A 54 -0.47 -17.87 -28.97
C VAL A 54 0.59 -16.79 -29.29
N ALA A 55 0.47 -15.63 -28.67
CA ALA A 55 1.49 -14.58 -28.77
C ALA A 55 2.51 -14.75 -27.65
N VAL A 56 3.78 -14.93 -28.02
CA VAL A 56 4.84 -15.11 -27.04
C VAL A 56 5.86 -13.96 -27.05
N LYS A 57 6.17 -13.51 -25.84
CA LYS A 57 6.92 -12.27 -25.62
C LYS A 57 8.20 -12.59 -24.84
N ARG A 58 9.35 -12.39 -25.48
CA ARG A 58 10.66 -12.58 -24.86
C ARG A 58 11.15 -11.26 -24.29
N ILE A 59 11.52 -11.26 -23.01
CA ILE A 59 12.03 -10.05 -22.38
C ILE A 59 13.39 -10.26 -21.74
N LEU A 60 14.22 -9.22 -21.79
CA LEU A 60 15.51 -9.23 -21.11
C LEU A 60 15.28 -9.04 -19.62
N PRO A 61 15.65 -10.04 -18.81
CA PRO A 61 15.46 -9.96 -17.35
C PRO A 61 16.22 -8.76 -16.79
N GLU A 62 17.23 -8.30 -17.53
CA GLU A 62 18.01 -7.15 -17.13
C GLU A 62 17.19 -5.86 -17.24
N CYS A 63 16.17 -5.87 -18.10
CA CYS A 63 15.38 -4.68 -18.38
C CYS A 63 14.02 -4.63 -17.65
N PHE A 64 13.26 -5.72 -17.74
CA PHE A 64 11.87 -5.76 -17.26
C PHE A 64 11.62 -6.75 -16.12
N SER A 65 11.03 -6.25 -15.03
CA SER A 65 10.79 -7.07 -13.84
C SER A 65 9.34 -7.53 -13.71
N PHE A 66 9.10 -8.78 -14.04
CA PHE A 66 7.82 -9.45 -13.82
C PHE A 66 7.48 -9.45 -12.32
N ALA A 67 6.20 -9.34 -11.99
CA ALA A 67 5.74 -9.54 -10.61
C ALA A 67 4.79 -10.74 -10.56
N ASP A 68 5.38 -11.92 -10.38
CA ASP A 68 4.63 -13.18 -10.32
C ASP A 68 3.59 -13.16 -9.19
N ARG A 69 3.85 -12.36 -8.15
CA ARG A 69 2.93 -12.23 -7.03
C ARG A 69 1.57 -11.71 -7.46
N GLU A 70 1.56 -10.50 -8.02
CA GLU A 70 0.33 -9.91 -8.54
C GLU A 70 -0.42 -10.87 -9.45
N VAL A 71 0.26 -11.33 -10.50
CA VAL A 71 -0.34 -12.20 -11.51
C VAL A 71 -0.94 -13.46 -10.87
N GLN A 72 -0.30 -13.94 -9.82
CA GLN A 72 -0.88 -15.04 -9.07
C GLN A 72 -2.18 -14.63 -8.35
N LEU A 73 -2.20 -13.42 -7.79
CA LEU A 73 -3.44 -12.91 -7.20
C LEU A 73 -4.54 -12.81 -8.27
N LEU A 74 -4.12 -12.59 -9.52
CA LEU A 74 -5.06 -12.53 -10.65
C LEU A 74 -5.64 -13.90 -10.96
N ARG A 75 -4.76 -14.90 -11.10
CA ARG A 75 -5.19 -16.27 -11.41
C ARG A 75 -6.07 -16.85 -10.32
N GLU A 76 -5.61 -16.75 -9.08
CA GLU A 76 -6.34 -17.25 -7.92
C GLU A 76 -7.68 -16.53 -7.74
N SER A 77 -7.83 -15.39 -8.42
CA SER A 77 -9.08 -14.65 -8.36
C SER A 77 -9.96 -14.94 -9.57
N ASP A 78 -11.22 -14.53 -9.48
CA ASP A 78 -12.22 -14.82 -10.49
C ASP A 78 -11.93 -14.06 -11.79
N GLU A 79 -12.04 -14.76 -12.91
CA GLU A 79 -11.73 -14.18 -14.22
C GLU A 79 -12.63 -12.99 -14.57
N HIS A 80 -12.02 -11.84 -14.82
CA HIS A 80 -12.72 -10.69 -15.37
C HIS A 80 -12.36 -10.65 -16.84
N PRO A 81 -13.37 -10.57 -17.72
CA PRO A 81 -13.15 -10.85 -19.15
C PRO A 81 -12.46 -9.74 -19.92
N ASN A 82 -11.99 -8.71 -19.23
CA ASN A 82 -11.38 -7.58 -19.89
C ASN A 82 -9.95 -7.33 -19.40
N VAL A 83 -9.40 -8.34 -18.75
CA VAL A 83 -8.01 -8.33 -18.37
C VAL A 83 -7.39 -9.60 -18.93
N ILE A 84 -6.51 -9.45 -19.91
CA ILE A 84 -5.96 -10.58 -20.65
C ILE A 84 -5.27 -11.54 -19.70
N ARG A 85 -5.16 -12.80 -20.10
CA ARG A 85 -4.66 -13.81 -19.19
C ARG A 85 -3.22 -14.21 -19.52
N TYR A 86 -2.42 -14.44 -18.49
CA TYR A 86 -1.07 -14.94 -18.75
C TYR A 86 -1.04 -16.44 -18.55
N PHE A 87 -0.81 -17.15 -19.65
CA PHE A 87 -0.85 -18.61 -19.63
C PHE A 87 0.16 -19.20 -18.63
N CYS A 88 1.43 -19.22 -19.00
CA CYS A 88 2.48 -19.62 -18.04
C CYS A 88 3.74 -18.77 -18.23
N THR A 89 4.63 -18.77 -17.24
CA THR A 89 5.91 -18.05 -17.31
C THR A 89 7.09 -19.01 -17.38
N GLU A 90 8.10 -18.67 -18.19
CA GLU A 90 9.32 -19.49 -18.19
C GLU A 90 10.57 -18.63 -18.10
N LYS A 91 11.49 -18.99 -17.21
CA LYS A 91 12.78 -18.28 -17.13
C LYS A 91 13.94 -19.06 -17.74
N ASP A 92 14.17 -18.85 -19.03
CA ASP A 92 15.41 -19.20 -19.71
C ASP A 92 16.62 -18.57 -18.98
N ARG A 93 17.81 -19.12 -19.16
CA ARG A 93 19.00 -18.67 -18.42
C ARG A 93 19.33 -17.19 -18.63
N GLN A 94 19.06 -16.72 -19.84
CA GLN A 94 19.47 -15.38 -20.23
C GLN A 94 18.26 -14.49 -20.44
N PHE A 95 17.08 -15.11 -20.49
CA PHE A 95 15.86 -14.41 -20.91
C PHE A 95 14.70 -14.51 -19.93
N GLN A 96 13.52 -14.22 -20.46
CA GLN A 96 12.27 -14.62 -19.85
C GLN A 96 11.21 -14.69 -20.94
N TYR A 97 10.32 -15.68 -20.87
CA TYR A 97 9.34 -15.94 -21.92
C TYR A 97 7.90 -15.97 -21.37
N ILE A 98 7.01 -15.20 -22.00
CA ILE A 98 5.59 -15.15 -21.59
C ILE A 98 4.58 -15.44 -22.70
N ALA A 99 3.52 -16.15 -22.35
CA ALA A 99 2.48 -16.56 -23.30
C ALA A 99 1.14 -15.85 -23.06
N ILE A 100 0.60 -15.25 -24.12
CA ILE A 100 -0.66 -14.54 -24.05
C ILE A 100 -1.55 -14.79 -25.26
N GLU A 101 -2.81 -14.43 -25.12
CA GLU A 101 -3.84 -14.72 -26.10
C GLU A 101 -3.57 -13.97 -27.37
N LEU A 102 -3.28 -14.71 -28.45
CA LEU A 102 -3.07 -14.06 -29.74
C LEU A 102 -4.29 -13.22 -30.09
N CYS A 103 -4.23 -11.93 -29.77
CA CYS A 103 -5.33 -11.03 -30.10
C CYS A 103 -5.17 -10.56 -31.54
N ALA A 104 -6.28 -10.12 -32.12
CA ALA A 104 -6.32 -9.74 -33.53
C ALA A 104 -5.55 -8.44 -33.75
N ALA A 105 -5.60 -7.54 -32.76
CA ALA A 105 -4.98 -6.23 -32.89
C ALA A 105 -4.97 -5.47 -31.55
N THR A 106 -4.16 -4.42 -31.46
CA THR A 106 -4.22 -3.51 -30.30
C THR A 106 -5.19 -2.40 -30.62
N LEU A 107 -5.48 -1.55 -29.64
CA LEU A 107 -6.49 -0.51 -29.81
C LEU A 107 -6.14 0.40 -30.96
N GLN A 108 -4.85 0.66 -31.16
CA GLN A 108 -4.40 1.57 -32.20
C GLN A 108 -4.86 1.13 -33.58
N GLU A 109 -4.93 -0.18 -33.83
CA GLU A 109 -5.49 -0.65 -35.10
C GLU A 109 -6.94 -0.28 -35.19
N TYR A 110 -7.67 -0.55 -34.12
CA TYR A 110 -9.10 -0.31 -34.06
C TYR A 110 -9.41 1.15 -34.32
N VAL A 111 -8.56 2.02 -33.81
CA VAL A 111 -8.79 3.44 -33.86
C VAL A 111 -8.34 4.01 -35.19
N GLU A 112 -7.21 3.52 -35.73
CA GLU A 112 -6.59 4.16 -36.89
C GLU A 112 -7.15 3.71 -38.24
N GLN A 113 -7.42 2.42 -38.40
CA GLN A 113 -8.24 1.98 -39.53
C GLN A 113 -9.61 1.55 -39.01
N LYS A 114 -10.58 2.45 -39.15
CA LYS A 114 -11.98 2.18 -38.81
C LYS A 114 -12.43 0.80 -39.33
N ASP A 115 -12.08 0.53 -40.59
CA ASP A 115 -12.35 -0.75 -41.23
C ASP A 115 -11.20 -1.73 -41.00
N PHE A 116 -11.07 -2.20 -39.76
CA PHE A 116 -10.24 -3.36 -39.47
C PHE A 116 -11.27 -4.46 -39.23
N ALA A 117 -12.54 -4.05 -39.38
CA ALA A 117 -13.72 -4.86 -39.11
C ALA A 117 -13.96 -5.07 -37.61
N HIS A 118 -14.55 -4.07 -36.96
CA HIS A 118 -14.89 -4.18 -35.53
C HIS A 118 -15.68 -5.44 -35.07
N LEU A 119 -16.69 -5.90 -35.80
CA LEU A 119 -17.32 -5.17 -36.91
C LEU A 119 -18.20 -3.95 -36.52
N GLY A 120 -18.99 -4.03 -35.44
CA GLY A 120 -19.17 -5.20 -34.58
C GLY A 120 -18.73 -5.03 -33.13
N LEU A 121 -18.30 -3.82 -32.77
CA LEU A 121 -17.93 -3.47 -31.40
C LEU A 121 -17.91 -1.96 -31.19
N GLU A 122 -18.82 -1.49 -30.35
CA GLU A 122 -19.00 -0.05 -30.08
C GLU A 122 -17.81 0.57 -29.34
N PRO A 123 -17.50 1.82 -29.69
CA PRO A 123 -16.44 2.57 -29.00
C PRO A 123 -16.72 2.70 -27.51
N ILE A 124 -17.90 3.19 -27.16
CA ILE A 124 -18.22 3.42 -25.76
C ILE A 124 -18.23 2.12 -24.94
N THR A 125 -18.71 1.01 -25.52
CA THR A 125 -18.67 -0.24 -24.76
C THR A 125 -17.23 -0.72 -24.62
N LEU A 126 -16.42 -0.53 -25.65
CA LEU A 126 -14.97 -0.79 -25.58
C LEU A 126 -14.40 -0.04 -24.40
N LEU A 127 -14.83 1.19 -24.22
CA LEU A 127 -14.35 1.99 -23.11
C LEU A 127 -14.88 1.47 -21.75
N HIS A 128 -16.12 0.97 -21.74
CA HIS A 128 -16.68 0.40 -20.51
C HIS A 128 -15.93 -0.87 -20.08
N GLN A 129 -15.62 -1.71 -21.06
CA GLN A 129 -14.79 -2.89 -20.84
C GLN A 129 -13.40 -2.47 -20.32
N THR A 130 -12.65 -1.68 -21.10
CA THR A 130 -11.32 -1.24 -20.69
C THR A 130 -11.33 -0.73 -19.26
N THR A 131 -12.19 0.26 -19.01
CA THR A 131 -12.30 0.86 -17.69
C THR A 131 -12.67 -0.16 -16.62
N SER A 132 -13.47 -1.16 -16.99
CA SER A 132 -13.86 -2.17 -16.02
C SER A 132 -12.70 -3.11 -15.66
N GLY A 133 -12.07 -3.71 -16.66
CA GLY A 133 -10.89 -4.54 -16.44
C GLY A 133 -9.91 -3.80 -15.58
N LEU A 134 -9.76 -2.51 -15.86
CA LEU A 134 -8.95 -1.66 -15.00
C LEU A 134 -9.48 -1.59 -13.57
N ALA A 135 -10.80 -1.58 -13.41
CA ALA A 135 -11.36 -1.50 -12.05
C ALA A 135 -11.04 -2.79 -11.31
N HIS A 136 -11.02 -3.88 -12.04
CA HIS A 136 -10.69 -5.19 -11.51
C HIS A 136 -9.25 -5.19 -11.05
N LEU A 137 -8.37 -4.59 -11.86
CA LEU A 137 -6.97 -4.50 -11.49
C LEU A 137 -6.80 -3.65 -10.24
N HIS A 138 -7.41 -2.47 -10.23
CA HIS A 138 -7.31 -1.58 -9.08
C HIS A 138 -7.95 -2.20 -7.85
N SER A 139 -8.84 -3.17 -8.06
CA SER A 139 -9.51 -3.81 -6.95
C SER A 139 -8.51 -4.57 -6.11
N LEU A 140 -7.71 -5.40 -6.77
CA LEU A 140 -6.69 -6.20 -6.10
C LEU A 140 -5.42 -5.38 -5.84
N ASN A 141 -5.61 -4.10 -5.56
CA ASN A 141 -4.50 -3.18 -5.32
C ASN A 141 -3.31 -3.34 -6.26
N ILE A 142 -3.59 -3.65 -7.53
CA ILE A 142 -2.54 -3.65 -8.54
C ILE A 142 -2.75 -2.50 -9.52
N VAL A 143 -1.68 -1.77 -9.78
CA VAL A 143 -1.71 -0.61 -10.68
C VAL A 143 -1.06 -1.00 -12.01
N HIS A 144 -1.62 -0.53 -13.12
CA HIS A 144 -1.09 -0.91 -14.43
C HIS A 144 0.18 -0.15 -14.76
N ARG A 145 0.17 1.17 -14.57
CA ARG A 145 1.35 2.02 -14.75
C ARG A 145 1.81 2.25 -16.21
N ASP A 146 1.25 1.49 -17.15
CA ASP A 146 1.55 1.70 -18.58
C ASP A 146 0.35 1.41 -19.47
N LEU A 147 -0.69 2.23 -19.32
CA LEU A 147 -1.89 2.08 -20.13
C LEU A 147 -1.76 2.94 -21.38
N LYS A 148 -1.98 2.33 -22.53
CA LYS A 148 -1.88 3.01 -23.82
C LYS A 148 -2.67 2.15 -24.80
N PRO A 149 -2.91 2.65 -26.03
CA PRO A 149 -3.65 1.78 -26.93
C PRO A 149 -2.91 0.47 -27.22
N HIS A 150 -1.58 0.50 -27.31
CA HIS A 150 -0.82 -0.73 -27.50
C HIS A 150 -0.95 -1.74 -26.35
N ASN A 151 -1.47 -1.34 -25.20
CA ASN A 151 -1.73 -2.32 -24.16
C ASN A 151 -3.22 -2.50 -23.87
N ILE A 152 -4.04 -2.18 -24.86
CA ILE A 152 -5.45 -2.53 -24.85
C ILE A 152 -5.71 -3.29 -26.13
N LEU A 153 -5.72 -4.61 -26.03
CA LEU A 153 -5.81 -5.45 -27.21
C LEU A 153 -7.20 -5.99 -27.44
N LEU A 154 -7.56 -6.10 -28.71
CA LEU A 154 -8.88 -6.59 -29.11
C LEU A 154 -8.80 -8.03 -29.57
N SER A 155 -9.62 -8.88 -28.97
CA SER A 155 -9.57 -10.30 -29.24
C SER A 155 -10.08 -10.63 -30.63
N MET A 156 -9.90 -11.88 -31.01
CA MET A 156 -10.40 -12.37 -32.27
C MET A 156 -11.84 -12.78 -32.07
N PRO A 157 -12.66 -12.64 -33.14
CA PRO A 157 -14.09 -12.93 -33.21
C PRO A 157 -14.49 -14.13 -32.37
N ASN A 158 -15.53 -14.01 -31.56
CA ASN A 158 -15.97 -15.16 -30.80
C ASN A 158 -16.91 -16.03 -31.60
N ALA A 159 -17.66 -16.86 -30.89
CA ALA A 159 -18.58 -17.83 -31.47
C ALA A 159 -19.61 -17.22 -32.42
N HIS A 160 -20.16 -16.05 -32.07
CA HIS A 160 -21.07 -15.35 -32.99
C HIS A 160 -20.39 -14.16 -33.67
N GLY A 161 -19.08 -14.06 -33.52
CA GLY A 161 -18.31 -13.06 -34.23
C GLY A 161 -18.22 -11.73 -33.53
N ARG A 162 -18.42 -11.73 -32.21
CA ARG A 162 -18.25 -10.55 -31.39
C ARG A 162 -16.81 -10.40 -30.94
N ILE A 163 -16.42 -9.17 -30.66
CA ILE A 163 -15.04 -8.83 -30.33
C ILE A 163 -15.02 -8.16 -28.97
N LYS A 164 -14.04 -8.46 -28.12
CA LYS A 164 -13.95 -7.77 -26.83
C LYS A 164 -12.61 -7.03 -26.59
N ALA A 165 -12.53 -6.25 -25.51
CA ALA A 165 -11.33 -5.48 -25.22
C ALA A 165 -10.69 -5.94 -23.93
N MET A 166 -9.38 -6.16 -23.96
CA MET A 166 -8.66 -6.64 -22.78
C MET A 166 -7.40 -5.82 -22.57
N ILE A 167 -7.09 -5.50 -21.32
CA ILE A 167 -5.79 -4.89 -21.01
C ILE A 167 -4.66 -5.91 -20.82
N SER A 168 -3.64 -5.79 -21.66
CA SER A 168 -2.49 -6.67 -21.64
C SER A 168 -1.28 -5.95 -21.03
N ASP A 169 -0.12 -6.62 -21.07
CA ASP A 169 1.16 -6.07 -20.60
C ASP A 169 1.12 -5.34 -19.25
N PHE A 170 0.18 -5.75 -18.40
CA PHE A 170 0.09 -5.27 -17.03
C PHE A 170 0.82 -6.21 -16.07
N GLY A 171 1.48 -5.65 -15.05
CA GLY A 171 2.19 -6.48 -14.11
C GLY A 171 3.71 -6.47 -14.26
N LEU A 172 4.20 -6.36 -15.50
CA LEU A 172 5.64 -6.17 -15.71
C LEU A 172 6.06 -4.69 -15.50
N CYS A 173 7.37 -4.43 -15.45
CA CYS A 173 7.88 -3.06 -15.23
C CYS A 173 9.32 -2.85 -15.75
N LYS A 174 9.94 -1.74 -15.35
CA LYS A 174 11.32 -1.44 -15.73
C LYS A 174 12.14 -1.26 -14.47
N LYS A 175 13.43 -1.55 -14.53
CA LYS A 175 14.24 -1.57 -13.31
C LYS A 175 15.44 -0.63 -13.36
N LEU A 176 15.16 0.65 -13.63
CA LEU A 176 16.23 1.63 -13.85
C LEU A 176 17.14 1.18 -14.99
N ALA A 177 16.55 1.09 -16.19
CA ALA A 177 17.28 0.66 -17.37
C ALA A 177 18.33 1.69 -17.76
N VAL A 189 11.93 5.65 -15.58
CA VAL A 189 10.57 6.02 -15.18
C VAL A 189 9.52 5.07 -15.78
N PRO A 190 8.70 4.45 -14.92
CA PRO A 190 7.71 3.53 -15.46
C PRO A 190 6.76 4.28 -16.37
N GLY A 191 6.18 3.56 -17.32
CA GLY A 191 5.24 4.18 -18.22
C GLY A 191 5.86 4.45 -19.57
N THR A 192 5.09 5.13 -20.41
CA THR A 192 5.39 5.30 -21.82
C THR A 192 5.17 6.75 -22.20
N GLU A 193 6.17 7.35 -22.85
CA GLU A 193 6.11 8.75 -23.23
C GLU A 193 4.85 9.11 -24.01
N GLY A 194 4.06 10.01 -23.45
CA GLY A 194 2.83 10.41 -24.09
C GLY A 194 1.62 10.13 -23.22
N TRP A 195 1.75 9.16 -22.31
CA TRP A 195 0.61 8.71 -21.51
C TRP A 195 0.94 8.74 -20.03
N ILE A 196 2.08 9.34 -19.69
CA ILE A 196 2.58 9.32 -18.32
C ILE A 196 1.95 10.42 -17.51
N ALA A 197 1.21 10.05 -16.47
CA ALA A 197 0.56 11.04 -15.61
C ALA A 197 1.61 12.05 -15.21
N PRO A 198 1.19 13.30 -14.98
CA PRO A 198 2.27 14.29 -14.87
C PRO A 198 3.02 14.19 -13.55
N GLU A 199 2.31 13.89 -12.47
CA GLU A 199 2.92 13.88 -11.15
C GLU A 199 3.90 12.72 -10.99
N MET A 200 3.90 11.79 -11.93
CA MET A 200 4.87 10.70 -11.92
C MET A 200 6.15 11.07 -12.66
N LEU A 201 6.34 12.34 -12.95
CA LEU A 201 7.65 12.78 -13.42
C LEU A 201 8.39 13.56 -12.34
N SER A 202 7.74 14.56 -11.77
CA SER A 202 8.29 15.35 -10.65
C SER A 202 9.68 15.90 -10.91
N PRO A 209 3.48 4.42 -6.89
CA PRO A 209 2.39 5.10 -7.59
C PRO A 209 1.01 4.47 -7.30
N THR A 210 -0.05 5.26 -7.36
CA THR A 210 -1.38 4.78 -7.01
C THR A 210 -2.24 4.50 -8.24
N TYR A 211 -3.57 4.53 -8.10
CA TYR A 211 -4.45 4.25 -9.23
C TYR A 211 -4.58 5.42 -10.23
N THR A 212 -4.34 6.63 -9.71
CA THR A 212 -4.65 7.83 -10.46
C THR A 212 -3.83 7.95 -11.73
N VAL A 213 -2.64 7.36 -11.74
CA VAL A 213 -1.81 7.43 -12.94
C VAL A 213 -2.49 6.62 -14.04
N ASP A 214 -3.12 5.53 -13.63
CA ASP A 214 -3.89 4.72 -14.56
C ASP A 214 -5.16 5.43 -15.00
N ILE A 215 -5.77 6.19 -14.10
CA ILE A 215 -6.96 6.94 -14.50
C ILE A 215 -6.61 7.99 -15.55
N PHE A 216 -5.53 8.72 -15.30
CA PHE A 216 -5.08 9.76 -16.23
C PHE A 216 -4.79 9.17 -17.60
N SER A 217 -4.00 8.10 -17.60
CA SER A 217 -3.69 7.44 -18.85
C SER A 217 -5.01 7.08 -19.56
N ALA A 218 -5.92 6.49 -18.80
CA ALA A 218 -7.20 6.07 -19.37
C ALA A 218 -7.93 7.24 -20.00
N GLY A 219 -7.81 8.42 -19.39
CA GLY A 219 -8.50 9.60 -19.89
C GLY A 219 -7.98 9.94 -21.27
N CYS A 220 -6.65 9.94 -21.35
CA CYS A 220 -6.03 10.12 -22.65
C CYS A 220 -6.54 9.08 -23.66
N VAL A 221 -6.73 7.83 -23.25
CA VAL A 221 -7.24 6.88 -24.24
C VAL A 221 -8.71 7.07 -24.62
N PHE A 222 -9.54 7.50 -23.67
CA PHE A 222 -10.94 7.75 -23.99
C PHE A 222 -10.95 8.79 -25.07
N TYR A 223 -10.11 9.80 -24.89
CA TYR A 223 -10.11 10.86 -25.89
C TYR A 223 -9.55 10.34 -27.20
N TYR A 224 -8.53 9.50 -27.11
CA TYR A 224 -7.96 8.87 -28.28
C TYR A 224 -9.04 8.16 -29.10
N VAL A 225 -9.92 7.43 -28.43
CA VAL A 225 -10.95 6.67 -29.13
C VAL A 225 -12.06 7.56 -29.67
N ILE A 226 -12.78 8.22 -28.76
CA ILE A 226 -13.89 9.10 -29.13
C ILE A 226 -13.56 9.99 -30.33
N SER A 227 -12.41 10.64 -30.28
CA SER A 227 -11.97 11.59 -31.29
C SER A 227 -11.34 10.92 -32.50
N GLU A 228 -11.40 9.60 -32.55
CA GLU A 228 -10.85 8.84 -33.68
C GLU A 228 -9.37 9.08 -33.98
N GLY A 229 -8.56 9.29 -32.95
CA GLY A 229 -7.13 9.26 -33.18
C GLY A 229 -6.33 10.33 -32.47
N TYR A 230 -6.96 11.45 -32.17
CA TYR A 230 -6.27 12.56 -31.55
C TYR A 230 -6.05 12.29 -30.08
N HIS A 231 -5.09 13.00 -29.50
CA HIS A 231 -4.71 12.83 -28.10
C HIS A 231 -4.99 14.16 -27.45
N PRO A 232 -5.38 14.17 -26.18
CA PRO A 232 -5.63 15.46 -25.55
C PRO A 232 -4.39 16.33 -25.31
N PHE A 233 -3.22 16.00 -25.85
CA PHE A 233 -2.05 16.81 -25.50
C PHE A 233 -1.01 17.30 -26.53
N GLY A 234 -1.15 17.11 -27.85
CA GLY A 234 -2.08 16.24 -28.52
C GLY A 234 -1.32 15.54 -29.64
N LYS A 235 -0.23 16.17 -30.06
CA LYS A 235 0.64 15.64 -31.10
C LYS A 235 1.86 14.99 -30.41
N SER A 236 2.35 13.90 -30.99
CA SER A 236 3.33 13.02 -30.35
C SER A 236 4.54 13.68 -29.68
N LEU A 237 5.12 14.68 -30.34
CA LEU A 237 6.43 15.18 -29.93
C LEU A 237 6.39 16.14 -28.73
N GLN A 238 5.33 16.94 -28.68
CA GLN A 238 5.14 17.91 -27.59
C GLN A 238 4.18 17.36 -26.55
N ARG A 239 3.73 16.13 -26.79
CA ARG A 239 2.78 15.43 -25.93
C ARG A 239 3.15 15.43 -24.46
N GLN A 240 4.29 14.81 -24.13
CA GLN A 240 4.67 14.66 -22.74
C GLN A 240 4.97 16.01 -22.10
N ALA A 241 5.54 16.89 -22.91
CA ALA A 241 5.77 18.27 -22.53
C ALA A 241 4.48 18.96 -22.09
N ASN A 242 3.52 19.06 -23.01
CA ASN A 242 2.24 19.67 -22.70
C ASN A 242 1.53 19.03 -21.53
N ILE A 243 1.71 17.72 -21.36
CA ILE A 243 1.18 17.09 -20.17
C ILE A 243 1.79 17.76 -18.96
N LEU A 244 3.12 17.88 -18.96
CA LEU A 244 3.81 18.42 -17.80
C LEU A 244 3.47 19.88 -17.59
N LEU A 245 3.00 20.53 -18.65
CA LEU A 245 2.57 21.92 -18.59
C LEU A 245 1.13 22.04 -18.08
N GLY A 246 0.23 21.26 -18.67
CA GLY A 246 -1.20 21.36 -18.39
C GLY A 246 -2.03 21.73 -19.61
N ALA A 247 -1.37 21.76 -20.77
CA ALA A 247 -2.01 22.09 -22.05
C ALA A 247 -2.90 21.00 -22.55
N CYS A 248 -4.21 21.25 -22.60
CA CYS A 248 -5.14 20.27 -23.16
C CYS A 248 -5.59 20.73 -24.53
N ASN A 249 -6.61 20.08 -25.06
CA ASN A 249 -7.33 20.66 -26.19
C ASN A 249 -8.81 20.33 -26.15
N LEU A 250 -9.12 19.04 -26.26
CA LEU A 250 -10.51 18.59 -26.35
C LEU A 250 -11.32 19.36 -27.41
N ASP A 251 -10.67 19.87 -28.45
CA ASP A 251 -11.34 20.70 -29.44
C ASP A 251 -12.40 19.95 -30.26
N CYS A 252 -12.50 18.64 -30.05
CA CYS A 252 -13.44 17.77 -30.76
C CYS A 252 -14.83 17.90 -30.18
N PHE A 253 -14.91 18.41 -28.96
CA PHE A 253 -16.18 18.50 -28.26
C PHE A 253 -16.82 19.86 -28.41
N HIS A 254 -17.74 19.96 -29.36
CA HIS A 254 -18.60 21.13 -29.49
C HIS A 254 -19.36 21.29 -28.19
N SER A 255 -19.82 22.49 -27.89
CA SER A 255 -20.60 22.66 -26.68
C SER A 255 -22.06 22.87 -27.01
N ASP A 256 -22.51 22.21 -28.07
CA ASP A 256 -23.91 22.24 -28.46
C ASP A 256 -24.43 20.82 -28.61
N LYS A 257 -23.62 19.83 -28.23
CA LYS A 257 -24.07 18.45 -28.26
C LYS A 257 -24.04 17.83 -26.87
N HIS A 258 -25.15 17.18 -26.53
CA HIS A 258 -25.34 16.47 -25.27
C HIS A 258 -24.22 15.48 -25.03
N GLU A 259 -24.04 14.62 -26.02
CA GLU A 259 -22.97 13.64 -26.05
C GLU A 259 -21.60 14.27 -25.79
N ASP A 260 -21.29 15.34 -26.51
CA ASP A 260 -19.96 15.91 -26.37
C ASP A 260 -19.82 16.56 -25.02
N VAL A 261 -20.89 17.16 -24.52
CA VAL A 261 -20.80 17.84 -23.23
C VAL A 261 -20.48 16.84 -22.12
N ILE A 262 -21.15 15.69 -22.17
CA ILE A 262 -20.93 14.66 -21.16
C ILE A 262 -19.51 14.08 -21.27
N ALA A 263 -19.13 13.68 -22.48
CA ALA A 263 -17.77 13.21 -22.69
C ALA A 263 -16.73 14.21 -22.15
N ARG A 264 -16.87 15.48 -22.51
CA ARG A 264 -15.93 16.48 -22.03
C ARG A 264 -15.88 16.49 -20.51
N GLU A 265 -17.04 16.63 -19.88
CA GLU A 265 -17.10 16.67 -18.41
C GLU A 265 -16.39 15.51 -17.74
N LEU A 266 -16.53 14.31 -18.30
CA LEU A 266 -15.84 13.16 -17.73
C LEU A 266 -14.32 13.17 -17.96
N ILE A 267 -13.91 13.36 -19.22
CA ILE A 267 -12.49 13.36 -19.52
C ILE A 267 -11.72 14.41 -18.73
N GLU A 268 -12.31 15.59 -18.58
CA GLU A 268 -11.67 16.66 -17.81
C GLU A 268 -11.28 16.19 -16.42
N LYS A 269 -12.22 15.63 -15.68
CA LYS A 269 -11.88 15.09 -14.36
C LYS A 269 -10.90 13.94 -14.47
N MET A 270 -10.97 13.19 -15.57
CA MET A 270 -10.02 12.08 -15.72
C MET A 270 -8.57 12.52 -15.90
N ILE A 271 -8.33 13.61 -16.61
CA ILE A 271 -6.96 14.05 -16.90
C ILE A 271 -6.56 15.28 -16.07
N ALA A 272 -7.12 15.36 -14.87
CA ALA A 272 -6.92 16.51 -14.00
C ALA A 272 -5.53 16.48 -13.41
N MET A 273 -4.84 17.62 -13.55
CA MET A 273 -3.44 17.75 -13.20
C MET A 273 -3.20 17.55 -11.70
N ASP A 274 -4.26 17.74 -10.92
CA ASP A 274 -4.24 17.40 -9.50
C ASP A 274 -4.78 15.99 -9.37
N PRO A 275 -3.91 15.01 -9.09
CA PRO A 275 -4.27 13.60 -9.14
C PRO A 275 -5.39 13.23 -8.16
N GLN A 276 -5.62 14.08 -7.17
CA GLN A 276 -6.72 13.90 -6.23
C GLN A 276 -8.07 14.21 -6.91
N GLN A 277 -8.05 15.06 -7.92
CA GLN A 277 -9.27 15.41 -8.65
C GLN A 277 -9.75 14.30 -9.57
N ARG A 278 -8.98 13.24 -9.68
CA ARG A 278 -9.25 12.17 -10.65
C ARG A 278 -10.24 11.12 -10.15
N PRO A 279 -11.23 10.76 -10.98
CA PRO A 279 -12.25 9.82 -10.54
C PRO A 279 -11.69 8.45 -10.22
N SER A 280 -12.28 7.80 -9.22
CA SER A 280 -12.03 6.38 -8.98
C SER A 280 -12.39 5.54 -10.20
N ALA A 281 -11.61 4.51 -10.47
CA ALA A 281 -11.81 3.69 -11.65
C ALA A 281 -13.25 3.23 -11.84
N LYS A 282 -13.95 3.03 -10.73
CA LYS A 282 -15.34 2.57 -10.78
C LYS A 282 -16.27 3.76 -10.91
N HIS A 283 -15.87 4.87 -10.28
CA HIS A 283 -16.61 6.13 -10.38
C HIS A 283 -16.77 6.49 -11.87
N VAL A 284 -15.71 6.25 -12.64
CA VAL A 284 -15.78 6.43 -14.09
C VAL A 284 -16.88 5.57 -14.73
N LEU A 285 -16.93 4.29 -14.40
CA LEU A 285 -17.96 3.40 -14.92
C LEU A 285 -19.36 3.91 -14.63
N LYS A 286 -19.53 4.48 -13.46
CA LYS A 286 -20.86 4.86 -13.02
C LYS A 286 -21.41 6.11 -13.70
N HIS A 287 -20.47 6.97 -14.10
CA HIS A 287 -20.73 8.23 -14.81
C HIS A 287 -21.75 8.13 -15.95
N PRO A 288 -22.46 9.24 -16.24
CA PRO A 288 -23.42 9.34 -17.36
C PRO A 288 -22.83 8.91 -18.69
N PHE A 289 -21.53 9.13 -18.87
CA PHE A 289 -20.91 8.97 -20.17
C PHE A 289 -21.20 7.62 -20.80
N PHE A 290 -21.56 6.64 -19.96
CA PHE A 290 -21.80 5.29 -20.44
C PHE A 290 -23.29 4.96 -20.64
N TRP A 291 -24.17 5.71 -19.98
CA TRP A 291 -25.57 5.30 -19.82
C TRP A 291 -26.27 4.92 -21.12
N SER A 292 -27.09 3.86 -21.07
CA SER A 292 -27.96 3.50 -22.19
C SER A 292 -28.96 4.62 -22.46
N LEU A 293 -29.62 4.59 -23.61
CA LEU A 293 -30.57 5.67 -23.93
C LEU A 293 -31.71 5.51 -22.97
N GLU A 294 -32.07 4.26 -22.76
CA GLU A 294 -33.08 3.89 -21.77
C GLU A 294 -32.70 4.47 -20.41
N LYS A 295 -31.42 4.37 -20.04
CA LYS A 295 -31.00 4.85 -18.73
C LYS A 295 -31.22 6.35 -18.60
N GLN A 296 -30.83 7.09 -19.63
CA GLN A 296 -30.97 8.53 -19.61
C GLN A 296 -32.45 8.89 -19.45
N LEU A 297 -33.29 8.28 -20.28
CA LEU A 297 -34.71 8.60 -20.25
C LEU A 297 -35.28 8.31 -18.86
N GLN A 298 -34.92 7.14 -18.35
CA GLN A 298 -35.35 6.75 -17.03
C GLN A 298 -34.92 7.78 -16.01
N PHE A 299 -33.73 8.34 -16.19
CA PHE A 299 -33.22 9.31 -15.24
C PHE A 299 -34.08 10.56 -15.28
N PHE A 300 -34.53 10.93 -16.48
CA PHE A 300 -35.37 12.10 -16.60
C PHE A 300 -36.74 11.88 -15.95
N GLN A 301 -37.28 10.68 -16.11
CA GLN A 301 -38.58 10.38 -15.55
C GLN A 301 -38.52 10.24 -14.04
N ASP A 302 -37.41 9.70 -13.56
CA ASP A 302 -37.19 9.48 -12.14
C ASP A 302 -36.97 10.80 -11.41
N VAL A 303 -36.17 11.67 -12.00
CA VAL A 303 -36.09 13.03 -11.48
C VAL A 303 -37.48 13.65 -11.49
N SER A 304 -38.22 13.53 -12.58
CA SER A 304 -39.51 14.21 -12.66
C SER A 304 -40.47 13.75 -11.59
N ASP A 305 -40.40 12.47 -11.25
CA ASP A 305 -41.20 11.95 -10.13
C ASP A 305 -40.69 12.44 -8.77
N ARG A 306 -39.40 12.30 -8.51
CA ARG A 306 -38.85 12.61 -7.20
C ARG A 306 -38.95 14.09 -6.84
N ILE A 307 -38.98 14.95 -7.86
CA ILE A 307 -39.12 16.39 -7.58
C ILE A 307 -40.58 16.80 -7.59
N GLU A 308 -41.48 15.84 -7.72
CA GLU A 308 -42.91 16.12 -7.74
C GLU A 308 -43.47 16.18 -6.32
N LYS A 309 -44.57 16.91 -6.15
CA LYS A 309 -45.17 17.12 -4.83
C LYS A 309 -44.13 17.70 -3.87
N GLU A 310 -43.21 18.48 -4.43
CA GLU A 310 -42.17 19.11 -3.64
C GLU A 310 -42.20 20.60 -3.98
N ALA A 311 -42.32 21.42 -2.94
CA ALA A 311 -42.56 22.86 -3.13
C ALA A 311 -41.41 23.57 -3.85
N LEU A 312 -41.68 24.77 -4.35
CA LEU A 312 -40.68 25.56 -5.04
C LEU A 312 -39.59 26.07 -4.10
N ASP A 313 -39.97 26.42 -2.88
CA ASP A 313 -39.03 26.97 -1.91
C ASP A 313 -37.96 25.96 -1.53
N GLY A 314 -38.27 24.68 -1.69
CA GLY A 314 -37.38 23.60 -1.30
C GLY A 314 -36.00 23.71 -1.91
N PRO A 315 -35.03 22.98 -1.34
CA PRO A 315 -33.65 23.02 -1.81
C PRO A 315 -33.53 22.50 -3.24
N ILE A 316 -34.09 21.31 -3.47
CA ILE A 316 -34.05 20.67 -4.78
C ILE A 316 -34.61 21.54 -5.88
N VAL A 317 -35.89 21.89 -5.77
CA VAL A 317 -36.52 22.65 -6.85
C VAL A 317 -35.77 23.97 -7.08
N ARG A 318 -35.34 24.61 -6.00
CA ARG A 318 -34.55 25.84 -6.08
C ARG A 318 -33.27 25.64 -6.91
N GLN A 319 -32.57 24.56 -6.61
CA GLN A 319 -31.30 24.26 -7.26
C GLN A 319 -31.47 23.86 -8.71
N LEU A 320 -32.59 23.19 -9.02
CA LEU A 320 -32.78 22.57 -10.33
C LEU A 320 -32.93 23.57 -11.47
N GLU A 321 -33.55 24.73 -11.20
CA GLU A 321 -33.60 25.78 -12.22
C GLU A 321 -32.62 26.91 -11.89
N ARG A 322 -31.58 26.59 -11.13
CA ARG A 322 -30.50 27.54 -10.89
C ARG A 322 -29.97 28.05 -12.23
N GLY A 323 -29.71 27.14 -13.16
CA GLY A 323 -29.30 27.51 -14.49
C GLY A 323 -30.48 27.91 -15.36
N GLY A 324 -31.66 27.45 -14.97
CA GLY A 324 -32.93 27.80 -15.61
C GLY A 324 -32.89 28.13 -17.08
N ARG A 325 -33.10 29.41 -17.39
CA ARG A 325 -33.24 29.90 -18.76
C ARG A 325 -32.25 29.29 -19.75
N ALA A 326 -30.99 29.16 -19.32
CA ALA A 326 -29.91 28.76 -20.21
C ALA A 326 -30.11 27.39 -20.85
N VAL A 327 -30.47 26.41 -20.02
CA VAL A 327 -30.61 25.03 -20.46
C VAL A 327 -31.94 24.82 -21.19
N VAL A 328 -32.96 25.51 -20.72
CA VAL A 328 -34.27 25.41 -21.31
C VAL A 328 -34.33 26.16 -22.65
N LYS A 329 -33.42 27.11 -22.83
CA LYS A 329 -33.36 28.00 -24.01
C LYS A 329 -34.50 29.03 -24.04
N MET A 330 -34.62 29.78 -22.94
CA MET A 330 -35.66 30.80 -22.72
C MET A 330 -37.08 30.23 -22.55
N ASP A 331 -37.72 29.85 -23.66
CA ASP A 331 -38.98 29.10 -23.59
C ASP A 331 -38.81 27.78 -24.32
N TRP A 332 -39.05 26.68 -23.62
CA TRP A 332 -38.79 25.36 -24.18
C TRP A 332 -39.94 24.88 -25.04
N ARG A 333 -41.11 25.48 -24.82
CA ARG A 333 -42.24 25.28 -25.71
C ARG A 333 -41.89 25.77 -27.12
N GLU A 334 -40.91 26.68 -27.19
CA GLU A 334 -40.57 27.36 -28.43
C GLU A 334 -39.53 26.65 -29.27
N ASN A 335 -38.86 25.67 -28.70
CA ASN A 335 -37.76 25.00 -29.41
C ASN A 335 -38.14 23.66 -29.99
N ILE A 336 -39.36 23.22 -29.72
CA ILE A 336 -39.76 21.86 -30.07
C ILE A 336 -40.63 21.76 -31.32
N THR A 337 -41.04 20.55 -31.65
CA THR A 337 -41.81 20.36 -32.87
C THR A 337 -43.17 20.97 -32.70
N VAL A 338 -43.78 21.34 -33.84
CA VAL A 338 -45.09 21.93 -33.84
C VAL A 338 -46.20 21.07 -33.20
N PRO A 339 -46.29 19.76 -33.56
CA PRO A 339 -47.37 18.96 -32.94
C PRO A 339 -47.27 18.93 -31.43
N LEU A 340 -46.06 18.68 -30.93
CA LEU A 340 -45.78 18.62 -29.50
C LEU A 340 -46.18 19.91 -28.79
N GLN A 341 -45.72 21.03 -29.31
CA GLN A 341 -46.03 22.35 -28.79
C GLN A 341 -47.56 22.52 -28.73
N THR A 342 -48.23 22.13 -29.80
CA THR A 342 -49.69 22.19 -29.91
C THR A 342 -50.40 21.41 -28.81
N ASP A 343 -50.06 20.13 -28.70
CA ASP A 343 -50.57 19.28 -27.62
C ASP A 343 -50.29 19.89 -26.23
N LEU A 344 -49.06 20.34 -25.99
CA LEU A 344 -48.66 20.85 -24.68
C LEU A 344 -49.44 22.07 -24.25
N ARG A 345 -49.67 22.99 -25.19
CA ARG A 345 -50.40 24.22 -24.90
C ARG A 345 -51.74 23.91 -24.23
N LYS A 346 -52.35 22.78 -24.58
CA LYS A 346 -53.66 22.37 -24.07
C LYS A 346 -53.68 21.91 -22.60
N PHE A 347 -52.51 21.82 -21.98
CA PHE A 347 -52.45 21.41 -20.59
C PHE A 347 -51.98 22.56 -19.72
N ARG A 348 -50.91 23.22 -20.18
CA ARG A 348 -50.15 24.22 -19.44
C ARG A 348 -50.92 25.06 -18.43
N THR A 349 -50.69 24.92 -17.11
CA THR A 349 -49.90 23.87 -16.42
C THR A 349 -48.40 23.63 -16.74
N TYR A 350 -47.84 24.40 -17.65
CA TYR A 350 -46.49 24.16 -18.14
C TYR A 350 -45.74 25.44 -18.38
N LYS A 351 -44.73 25.68 -17.54
CA LYS A 351 -43.96 26.92 -17.59
C LYS A 351 -43.39 27.16 -18.97
N GLY A 352 -42.17 26.69 -19.16
CA GLY A 352 -41.41 27.01 -20.35
C GLY A 352 -40.11 27.69 -19.99
N GLY A 353 -39.91 27.94 -18.70
CA GLY A 353 -38.69 28.54 -18.20
C GLY A 353 -38.18 27.64 -17.12
N SER A 354 -39.08 26.77 -16.68
CA SER A 354 -38.76 25.78 -15.66
C SER A 354 -38.23 24.53 -16.32
N VAL A 355 -37.05 24.10 -15.92
CA VAL A 355 -36.56 22.80 -16.33
C VAL A 355 -37.53 21.77 -15.77
N ARG A 356 -37.95 21.97 -14.53
CA ARG A 356 -38.87 21.05 -13.87
C ARG A 356 -40.13 20.78 -14.70
N ASP A 357 -40.61 21.81 -15.39
CA ASP A 357 -41.76 21.64 -16.25
C ASP A 357 -41.43 20.84 -17.52
N LEU A 358 -40.26 21.06 -18.11
CA LEU A 358 -39.84 20.26 -19.26
C LEU A 358 -39.72 18.79 -18.87
N LEU A 359 -39.19 18.53 -17.68
CA LEU A 359 -39.06 17.16 -17.18
C LEU A 359 -40.43 16.53 -16.89
N ARG A 360 -41.33 17.29 -16.27
CA ARG A 360 -42.66 16.78 -15.98
C ARG A 360 -43.38 16.47 -17.26
N ALA A 361 -43.17 17.30 -18.27
CA ALA A 361 -43.85 17.12 -19.54
C ALA A 361 -43.26 15.93 -20.30
N MET A 362 -41.96 15.73 -20.13
CA MET A 362 -41.29 14.58 -20.75
C MET A 362 -41.85 13.32 -20.15
N ARG A 363 -41.83 13.25 -18.82
CA ARG A 363 -42.36 12.10 -18.10
C ARG A 363 -43.79 11.83 -18.46
N ASN A 364 -44.59 12.89 -18.47
CA ASN A 364 -45.98 12.78 -18.86
C ASN A 364 -46.15 12.20 -20.25
N LYS A 365 -45.52 12.79 -21.26
CA LYS A 365 -45.70 12.31 -22.62
C LYS A 365 -45.21 10.87 -22.77
N LYS A 366 -44.17 10.52 -22.03
CA LYS A 366 -43.67 9.15 -22.09
C LYS A 366 -44.70 8.20 -21.48
N HIS A 367 -45.35 8.63 -20.41
CA HIS A 367 -46.30 7.79 -19.71
C HIS A 367 -47.54 7.51 -20.55
N HIS A 368 -48.17 8.56 -21.08
CA HIS A 368 -49.36 8.42 -21.91
C HIS A 368 -49.06 8.16 -23.38
N TYR A 369 -47.86 7.68 -23.68
CA TYR A 369 -47.42 7.63 -25.07
C TYR A 369 -48.36 6.88 -26.01
N ARG A 370 -48.71 5.63 -25.71
CA ARG A 370 -49.56 4.85 -26.61
C ARG A 370 -50.91 5.50 -26.94
N GLU A 371 -51.50 6.22 -25.99
CA GLU A 371 -52.81 6.86 -26.22
C GLU A 371 -52.68 8.29 -26.76
N LEU A 372 -51.46 8.68 -27.14
CA LEU A 372 -51.24 9.98 -27.78
C LEU A 372 -51.55 9.89 -29.27
N PRO A 373 -51.92 11.04 -29.88
CA PRO A 373 -52.19 11.13 -31.32
C PRO A 373 -51.03 10.59 -32.14
N VAL A 374 -51.29 10.13 -33.35
CA VAL A 374 -50.26 9.58 -34.23
C VAL A 374 -49.20 10.63 -34.64
N GLU A 375 -49.66 11.87 -34.81
CA GLU A 375 -48.78 12.97 -35.17
C GLU A 375 -47.63 13.07 -34.18
N VAL A 376 -47.98 13.27 -32.91
CA VAL A 376 -46.96 13.36 -31.88
C VAL A 376 -46.09 12.10 -31.82
N GLN A 377 -46.73 10.92 -31.81
CA GLN A 377 -46.00 9.65 -31.75
C GLN A 377 -44.88 9.60 -32.78
N GLU A 378 -45.19 10.06 -34.00
CA GLU A 378 -44.18 10.08 -35.06
C GLU A 378 -43.15 11.16 -34.82
N THR A 379 -43.55 12.29 -34.23
CA THR A 379 -42.61 13.37 -33.96
C THR A 379 -41.61 13.04 -32.84
N LEU A 380 -41.99 12.10 -31.99
CA LEU A 380 -41.24 11.80 -30.78
C LEU A 380 -40.56 10.45 -30.93
N GLY A 381 -41.37 9.46 -31.29
CA GLY A 381 -41.02 8.06 -31.21
C GLY A 381 -39.80 7.67 -32.00
N SER A 382 -39.26 6.47 -31.77
CA SER A 382 -39.88 5.37 -31.04
C SER A 382 -40.01 5.51 -29.52
N ILE A 383 -39.16 4.76 -28.80
CA ILE A 383 -39.08 4.75 -27.32
C ILE A 383 -38.25 3.56 -26.82
N PRO A 384 -37.29 3.78 -25.91
CA PRO A 384 -36.85 5.02 -25.28
C PRO A 384 -35.93 5.80 -26.21
N ASP A 385 -35.23 5.09 -27.10
CA ASP A 385 -34.13 5.67 -27.87
C ASP A 385 -34.43 7.06 -28.47
N ASP A 386 -35.31 7.09 -29.47
CA ASP A 386 -35.61 8.33 -30.19
C ASP A 386 -36.38 9.34 -29.34
N PHE A 387 -37.12 8.83 -28.36
CA PHE A 387 -37.86 9.71 -27.48
C PHE A 387 -36.91 10.54 -26.62
N VAL A 388 -35.86 9.92 -26.09
CA VAL A 388 -34.93 10.66 -25.23
C VAL A 388 -33.90 11.41 -26.03
N ARG A 389 -33.57 10.90 -27.22
CA ARG A 389 -32.64 11.63 -28.06
C ARG A 389 -33.33 12.85 -28.67
N TYR A 390 -34.66 12.82 -28.74
CA TYR A 390 -35.44 14.01 -29.15
C TYR A 390 -35.16 15.21 -28.23
N PHE A 391 -35.33 15.01 -26.95
CA PHE A 391 -35.11 16.10 -26.01
C PHE A 391 -33.62 16.41 -25.79
N THR A 392 -32.74 15.42 -25.81
CA THR A 392 -31.35 15.83 -25.60
C THR A 392 -30.72 16.43 -26.86
N SER A 393 -31.29 16.13 -28.03
CA SER A 393 -30.84 16.79 -29.25
C SER A 393 -31.10 18.29 -29.21
N ARG A 394 -32.18 18.68 -28.52
CA ARG A 394 -32.67 20.06 -28.52
C ARG A 394 -32.35 20.81 -27.23
N PHE A 395 -31.66 20.15 -26.32
CA PHE A 395 -31.26 20.77 -25.06
C PHE A 395 -29.98 20.12 -24.59
N PRO A 396 -28.89 20.32 -25.33
CA PRO A 396 -27.61 19.64 -25.13
C PRO A 396 -27.22 19.62 -23.66
N HIS A 397 -27.52 20.70 -22.96
CA HIS A 397 -27.14 20.78 -21.58
C HIS A 397 -28.19 20.29 -20.59
N LEU A 398 -29.26 19.67 -21.07
CA LEU A 398 -30.34 19.25 -20.17
C LEU A 398 -29.88 18.19 -19.19
N LEU A 399 -29.57 17.00 -19.69
CA LEU A 399 -29.09 15.91 -18.83
C LEU A 399 -27.94 16.37 -17.93
N SER A 400 -26.90 16.93 -18.53
CA SER A 400 -25.75 17.39 -17.76
C SER A 400 -26.18 18.18 -16.54
N HIS A 401 -27.03 19.18 -16.79
CA HIS A 401 -27.51 20.07 -15.76
C HIS A 401 -28.31 19.35 -14.69
N THR A 402 -29.33 18.61 -15.11
CA THR A 402 -30.23 17.96 -14.17
C THR A 402 -29.39 17.11 -13.26
N TYR A 403 -28.52 16.32 -13.86
CA TYR A 403 -27.69 15.40 -13.12
C TYR A 403 -26.82 16.17 -12.13
N GLN A 404 -26.35 17.35 -12.54
CA GLN A 404 -25.49 18.12 -11.64
C GLN A 404 -26.28 18.59 -10.43
N ALA A 405 -27.41 19.24 -10.68
CA ALA A 405 -28.24 19.80 -9.63
C ALA A 405 -28.84 18.71 -8.72
N MET A 406 -29.17 17.57 -9.30
CA MET A 406 -29.73 16.48 -8.51
C MET A 406 -28.68 15.69 -7.76
N GLU A 407 -27.51 16.29 -7.53
CA GLU A 407 -26.43 15.60 -6.81
C GLU A 407 -26.84 15.43 -5.37
N LEU A 408 -27.70 16.35 -4.93
CA LEU A 408 -28.19 16.40 -3.56
C LEU A 408 -28.69 15.05 -3.06
N CYS A 409 -29.40 14.35 -3.93
CA CYS A 409 -29.98 13.08 -3.54
C CYS A 409 -29.14 11.91 -4.02
N ARG A 410 -27.87 11.91 -3.69
CA ARG A 410 -27.02 10.80 -4.14
C ARG A 410 -27.23 9.55 -3.32
N HIS A 411 -27.56 9.73 -2.04
CA HIS A 411 -27.62 8.61 -1.12
C HIS A 411 -28.96 7.89 -1.16
N GLU A 412 -29.96 8.55 -1.76
CA GLU A 412 -31.31 8.00 -1.83
C GLU A 412 -31.37 6.60 -2.45
N ARG A 413 -32.50 5.93 -2.28
CA ARG A 413 -32.63 4.52 -2.65
C ARG A 413 -32.69 4.37 -4.17
N LEU A 414 -33.42 5.28 -4.80
CA LEU A 414 -33.64 5.26 -6.24
C LEU A 414 -32.41 5.69 -7.03
N PHE A 415 -31.63 6.61 -6.47
CA PHE A 415 -30.55 7.25 -7.20
C PHE A 415 -29.18 6.61 -7.03
N GLN A 416 -29.14 5.35 -6.64
CA GLN A 416 -27.85 4.70 -6.43
C GLN A 416 -27.21 4.26 -7.75
N THR A 417 -28.05 3.93 -8.73
CA THR A 417 -27.58 3.50 -10.05
C THR A 417 -26.96 4.65 -10.84
N TYR A 418 -27.26 5.85 -10.37
CA TYR A 418 -26.83 7.04 -11.07
C TYR A 418 -25.58 7.66 -10.47
N TYR A 419 -25.45 7.63 -9.14
CA TYR A 419 -24.34 8.32 -8.45
C TYR A 419 -23.46 7.44 -7.55
N TRP A 420 -22.30 7.99 -7.15
CA TRP A 420 -21.23 7.26 -6.46
C TRP A 420 -21.09 7.65 -4.98
N HIS A 421 -20.56 6.74 -4.16
CA HIS A 421 -20.40 6.99 -2.73
C HIS A 421 -18.97 6.78 -2.25
N ARG B 20 -22.91 -23.02 -42.22
CA ARG B 20 -24.23 -23.01 -41.58
C ARG B 20 -24.07 -23.24 -40.09
N MET B 21 -23.41 -22.32 -39.41
CA MET B 21 -22.93 -22.56 -38.04
C MET B 21 -24.00 -22.90 -37.00
N VAL B 22 -23.53 -23.47 -35.90
CA VAL B 22 -24.34 -23.86 -34.76
C VAL B 22 -23.87 -22.97 -33.62
N ILE B 23 -24.46 -23.11 -32.43
CA ILE B 23 -23.94 -22.39 -31.29
C ILE B 23 -23.89 -23.17 -29.96
N VAL B 24 -24.93 -23.10 -29.13
CA VAL B 24 -24.98 -23.73 -27.80
C VAL B 24 -23.81 -23.33 -26.88
N GLY B 25 -23.41 -22.05 -26.94
CA GLY B 25 -22.30 -21.51 -26.14
C GLY B 25 -21.89 -22.32 -24.92
N LYS B 26 -20.59 -22.57 -24.76
CA LYS B 26 -19.54 -21.83 -25.46
C LYS B 26 -18.94 -22.54 -26.67
N ILE B 27 -19.33 -23.80 -26.87
CA ILE B 27 -18.90 -24.60 -28.00
C ILE B 27 -19.53 -24.11 -29.30
N SER B 28 -19.03 -24.59 -30.44
CA SER B 28 -19.47 -24.08 -31.74
C SER B 28 -18.85 -24.88 -32.86
N PHE B 29 -19.60 -25.09 -33.93
CA PHE B 29 -19.11 -25.88 -35.04
C PHE B 29 -19.96 -25.72 -36.29
N CYS B 30 -19.32 -25.89 -37.44
CA CYS B 30 -20.00 -26.01 -38.72
C CYS B 30 -20.39 -27.48 -38.88
N PRO B 31 -21.67 -27.76 -39.13
CA PRO B 31 -22.20 -29.13 -39.15
C PRO B 31 -21.66 -29.91 -40.35
N LYS B 32 -21.16 -29.18 -41.34
CA LYS B 32 -20.54 -29.77 -42.52
C LYS B 32 -19.21 -30.45 -42.17
N ASP B 33 -18.48 -29.85 -41.24
CA ASP B 33 -17.21 -30.39 -40.78
C ASP B 33 -17.43 -31.52 -39.77
N VAL B 34 -17.93 -32.65 -40.26
CA VAL B 34 -18.16 -33.82 -39.43
C VAL B 34 -16.88 -34.63 -39.33
N LEU B 35 -16.70 -35.29 -38.18
CA LEU B 35 -15.51 -36.11 -37.97
C LEU B 35 -15.88 -37.58 -38.06
N GLY B 36 -17.03 -37.95 -37.51
CA GLY B 36 -17.44 -39.33 -37.59
C GLY B 36 -18.71 -39.60 -36.82
N HIS B 37 -19.45 -40.60 -37.28
CA HIS B 37 -20.67 -40.99 -36.60
C HIS B 37 -20.33 -42.04 -35.55
N GLY B 38 -21.17 -42.18 -34.53
CA GLY B 38 -20.85 -43.06 -33.44
C GLY B 38 -21.99 -44.02 -33.16
N ALA B 39 -22.03 -44.53 -31.94
CA ALA B 39 -23.13 -45.35 -31.49
C ALA B 39 -24.40 -44.51 -31.42
N GLU B 40 -25.55 -45.18 -31.32
CA GLU B 40 -26.82 -44.57 -30.91
C GLU B 40 -27.05 -43.14 -31.37
N GLY B 41 -26.69 -42.85 -32.61
CA GLY B 41 -26.95 -41.53 -33.16
C GLY B 41 -25.98 -40.45 -32.72
N THR B 42 -25.04 -40.81 -31.86
CA THR B 42 -24.00 -39.88 -31.43
C THR B 42 -23.08 -39.44 -32.59
N ILE B 43 -22.87 -38.13 -32.71
CA ILE B 43 -22.09 -37.61 -33.82
C ILE B 43 -20.94 -36.73 -33.34
N VAL B 44 -19.83 -36.76 -34.07
CA VAL B 44 -18.68 -35.94 -33.71
C VAL B 44 -18.19 -35.05 -34.86
N TYR B 45 -18.06 -33.77 -34.56
CA TYR B 45 -17.66 -32.74 -35.51
C TYR B 45 -16.38 -32.01 -35.11
N LYS B 46 -15.81 -31.28 -36.07
CA LYS B 46 -14.73 -30.36 -35.78
C LYS B 46 -15.32 -28.97 -35.56
N GLY B 47 -15.05 -28.42 -34.38
CA GLY B 47 -15.57 -27.12 -34.00
C GLY B 47 -14.60 -26.34 -33.13
N MET B 48 -15.14 -25.50 -32.25
CA MET B 48 -14.32 -24.54 -31.52
C MET B 48 -14.62 -24.48 -30.01
N PHE B 49 -13.65 -24.03 -29.23
CA PHE B 49 -13.92 -23.69 -27.84
C PHE B 49 -13.48 -22.27 -27.49
N ASP B 50 -12.27 -22.12 -26.92
CA ASP B 50 -11.73 -20.79 -26.64
C ASP B 50 -11.39 -20.12 -27.95
N ASN B 51 -10.32 -20.58 -28.56
CA ASN B 51 -10.06 -20.36 -29.96
C ASN B 51 -9.34 -21.59 -30.47
N ARG B 52 -9.37 -22.64 -29.66
CA ARG B 52 -8.80 -23.92 -30.05
C ARG B 52 -9.74 -24.65 -30.98
N ASP B 53 -9.18 -25.30 -31.99
CA ASP B 53 -9.94 -26.27 -32.74
C ASP B 53 -10.16 -27.36 -31.72
N VAL B 54 -11.30 -28.04 -31.81
CA VAL B 54 -11.71 -28.98 -30.77
C VAL B 54 -12.78 -29.91 -31.35
N ALA B 55 -12.79 -31.17 -30.92
CA ALA B 55 -13.84 -32.08 -31.40
C ALA B 55 -15.07 -32.03 -30.51
N VAL B 56 -16.24 -31.83 -31.11
CA VAL B 56 -17.48 -31.83 -30.35
C VAL B 56 -18.31 -33.10 -30.57
N LYS B 57 -18.69 -33.74 -29.48
CA LYS B 57 -19.44 -34.99 -29.51
C LYS B 57 -20.82 -34.70 -28.95
N ARG B 58 -21.82 -34.69 -29.81
CA ARG B 58 -23.18 -34.51 -29.33
C ARG B 58 -23.80 -35.87 -29.03
N ILE B 59 -24.34 -35.97 -27.82
CA ILE B 59 -25.03 -37.18 -27.42
C ILE B 59 -26.49 -36.90 -27.13
N LEU B 60 -27.35 -37.84 -27.48
CA LEU B 60 -28.73 -37.82 -27.06
C LEU B 60 -28.74 -38.25 -25.61
N PRO B 61 -29.12 -37.34 -24.69
CA PRO B 61 -29.04 -37.60 -23.25
C PRO B 61 -29.94 -38.76 -22.84
N GLU B 62 -30.77 -39.19 -23.78
CA GLU B 62 -31.69 -40.31 -23.58
C GLU B 62 -31.01 -41.67 -23.77
N CYS B 63 -29.90 -41.68 -24.48
CA CYS B 63 -29.16 -42.91 -24.73
C CYS B 63 -27.95 -43.05 -23.81
N PHE B 64 -27.19 -41.97 -23.62
CA PHE B 64 -25.95 -41.99 -22.83
C PHE B 64 -25.96 -41.05 -21.62
N SER B 65 -25.50 -41.54 -20.47
CA SER B 65 -25.40 -40.68 -19.28
C SER B 65 -23.95 -40.26 -19.01
N PHE B 66 -23.74 -38.95 -18.89
CA PHE B 66 -22.42 -38.42 -18.58
C PHE B 66 -22.26 -38.45 -17.07
N ALA B 67 -21.08 -38.86 -16.61
CA ALA B 67 -20.80 -38.86 -15.17
C ALA B 67 -19.92 -37.68 -14.79
N ASP B 68 -20.54 -36.57 -14.42
CA ASP B 68 -19.82 -35.36 -14.07
C ASP B 68 -18.87 -35.55 -12.87
N ARG B 69 -19.30 -36.33 -11.89
CA ARG B 69 -18.52 -36.58 -10.67
C ARG B 69 -17.14 -37.15 -10.98
N GLU B 70 -17.11 -38.23 -11.75
CA GLU B 70 -15.85 -38.85 -12.19
C GLU B 70 -14.90 -37.84 -12.83
N VAL B 71 -15.36 -37.21 -13.91
CA VAL B 71 -14.55 -36.29 -14.68
C VAL B 71 -14.02 -35.14 -13.83
N GLN B 72 -14.87 -34.64 -12.94
CA GLN B 72 -14.45 -33.57 -12.03
C GLN B 72 -13.33 -34.08 -11.11
N LEU B 73 -13.42 -35.35 -10.71
CA LEU B 73 -12.35 -35.97 -9.94
C LEU B 73 -11.07 -36.06 -10.78
N LEU B 74 -11.23 -36.23 -12.09
CA LEU B 74 -10.07 -36.26 -12.99
C LEU B 74 -9.42 -34.90 -13.09
N ARG B 75 -10.23 -33.85 -13.11
CA ARG B 75 -9.71 -32.49 -13.14
C ARG B 75 -9.02 -32.17 -11.82
N GLU B 76 -9.65 -32.60 -10.72
CA GLU B 76 -9.17 -32.31 -9.38
C GLU B 76 -7.90 -33.07 -9.05
N SER B 77 -7.52 -33.99 -9.93
CA SER B 77 -6.25 -34.68 -9.78
C SER B 77 -5.27 -34.22 -10.83
N ASP B 78 -3.99 -34.56 -10.64
CA ASP B 78 -2.93 -34.13 -11.53
C ASP B 78 -3.10 -34.78 -12.89
N GLU B 79 -2.78 -34.04 -13.94
CA GLU B 79 -3.06 -34.48 -15.30
C GLU B 79 -2.15 -35.62 -15.73
N HIS B 80 -2.75 -36.75 -16.12
CA HIS B 80 -1.98 -37.82 -16.74
C HIS B 80 -1.97 -37.57 -18.23
N PRO B 81 -0.79 -37.75 -18.86
CA PRO B 81 -0.61 -37.37 -20.26
C PRO B 81 -1.28 -38.27 -21.27
N ASN B 82 -1.68 -39.48 -20.86
CA ASN B 82 -2.35 -40.40 -21.78
C ASN B 82 -3.84 -40.52 -21.48
N VAL B 83 -4.33 -39.61 -20.65
CA VAL B 83 -5.74 -39.52 -20.37
C VAL B 83 -6.24 -38.21 -20.97
N ILE B 84 -7.14 -38.32 -21.94
CA ILE B 84 -7.65 -37.14 -22.63
C ILE B 84 -8.41 -36.27 -21.65
N ARG B 85 -8.64 -35.00 -22.02
CA ARG B 85 -9.27 -34.03 -21.14
C ARG B 85 -10.65 -33.61 -21.65
N TYR B 86 -11.66 -33.74 -20.79
CA TYR B 86 -12.97 -33.21 -21.16
C TYR B 86 -12.95 -31.72 -20.84
N PHE B 87 -12.93 -30.88 -21.88
CA PHE B 87 -12.88 -29.44 -21.63
C PHE B 87 -14.10 -28.96 -20.81
N CYS B 88 -15.26 -28.87 -21.45
CA CYS B 88 -16.49 -28.53 -20.74
C CYS B 88 -17.70 -29.26 -21.32
N THR B 89 -18.81 -29.24 -20.60
CA THR B 89 -20.06 -29.80 -21.10
C THR B 89 -21.16 -28.76 -21.08
N GLU B 90 -21.99 -28.77 -22.10
CA GLU B 90 -23.19 -27.95 -22.12
C GLU B 90 -24.38 -28.78 -22.55
N LYS B 91 -25.55 -28.44 -22.00
CA LYS B 91 -26.79 -29.11 -22.37
C LYS B 91 -27.58 -28.21 -23.31
N ASP B 92 -27.87 -28.74 -24.49
CA ASP B 92 -28.85 -28.14 -25.37
C ASP B 92 -30.20 -28.52 -24.75
N ARG B 93 -31.29 -27.95 -25.24
CA ARG B 93 -32.61 -28.25 -24.69
C ARG B 93 -33.00 -29.71 -24.97
N GLN B 94 -32.41 -30.26 -26.02
CA GLN B 94 -32.77 -31.58 -26.50
C GLN B 94 -31.56 -32.51 -26.59
N PHE B 95 -30.38 -31.96 -26.37
CA PHE B 95 -29.13 -32.71 -26.54
C PHE B 95 -28.18 -32.54 -25.39
N GLN B 96 -26.97 -33.09 -25.57
CA GLN B 96 -25.86 -32.75 -24.72
C GLN B 96 -24.61 -32.62 -25.59
N TYR B 97 -23.81 -31.60 -25.30
CA TYR B 97 -22.61 -31.37 -26.07
C TYR B 97 -21.39 -31.66 -25.20
N ILE B 98 -20.38 -32.29 -25.78
CA ILE B 98 -19.14 -32.49 -25.04
C ILE B 98 -17.90 -32.23 -25.90
N ALA B 99 -16.99 -31.39 -25.40
CA ALA B 99 -15.81 -30.96 -26.16
C ALA B 99 -14.49 -31.61 -25.69
N ILE B 100 -13.74 -32.16 -26.64
CA ILE B 100 -12.50 -32.87 -26.32
C ILE B 100 -11.36 -32.60 -27.31
N GLU B 101 -10.12 -32.81 -26.86
CA GLU B 101 -8.93 -32.45 -27.63
C GLU B 101 -8.98 -33.08 -28.99
N LEU B 102 -8.85 -32.25 -30.03
CA LEU B 102 -8.87 -32.79 -31.38
C LEU B 102 -7.63 -33.66 -31.60
N CYS B 103 -7.86 -34.91 -32.02
CA CYS B 103 -6.78 -35.85 -32.26
C CYS B 103 -6.73 -36.26 -33.72
N ALA B 104 -5.56 -36.67 -34.20
CA ALA B 104 -5.33 -36.85 -35.63
C ALA B 104 -5.88 -38.16 -36.19
N ALA B 105 -6.02 -39.18 -35.35
CA ALA B 105 -6.56 -40.47 -35.76
C ALA B 105 -7.01 -41.33 -34.58
N THR B 106 -7.52 -42.52 -34.88
CA THR B 106 -7.78 -43.53 -33.86
C THR B 106 -6.84 -44.70 -34.08
N LEU B 107 -6.58 -45.46 -33.01
CA LEU B 107 -5.64 -46.59 -33.05
C LEU B 107 -5.91 -47.50 -34.23
N GLN B 108 -7.17 -47.58 -34.63
CA GLN B 108 -7.58 -48.18 -35.89
C GLN B 108 -6.67 -47.79 -37.06
N GLU B 109 -6.54 -46.48 -37.29
CA GLU B 109 -5.69 -45.97 -38.36
C GLU B 109 -4.27 -46.38 -38.11
N TYR B 110 -3.75 -46.01 -36.93
CA TYR B 110 -2.40 -46.38 -36.50
C TYR B 110 -2.04 -47.77 -36.98
N VAL B 111 -2.94 -48.71 -36.75
CA VAL B 111 -2.70 -50.09 -37.09
C VAL B 111 -2.84 -50.36 -38.59
N GLU B 112 -3.91 -49.84 -39.19
CA GLU B 112 -4.37 -50.37 -40.47
C GLU B 112 -3.97 -49.61 -41.75
N GLN B 113 -4.05 -48.28 -41.75
CA GLN B 113 -3.71 -47.57 -42.99
C GLN B 113 -2.20 -47.63 -43.23
N LYS B 114 -1.82 -48.41 -44.24
CA LYS B 114 -0.43 -48.73 -44.54
C LYS B 114 0.53 -47.55 -44.44
N ASP B 115 0.17 -46.43 -45.04
CA ASP B 115 1.04 -45.26 -45.05
C ASP B 115 0.60 -44.22 -44.04
N PHE B 116 0.41 -44.67 -42.80
CA PHE B 116 0.15 -43.77 -41.69
C PHE B 116 1.47 -43.51 -41.00
N ALA B 117 1.83 -42.24 -40.83
CA ALA B 117 3.04 -41.93 -40.07
C ALA B 117 2.75 -42.02 -38.57
N HIS B 118 3.00 -43.18 -37.99
CA HIS B 118 3.02 -43.26 -36.53
C HIS B 118 4.33 -42.70 -36.02
N LEU B 119 4.65 -41.48 -36.45
CA LEU B 119 5.98 -40.92 -36.24
C LEU B 119 6.41 -40.68 -34.79
N GLY B 120 7.60 -41.19 -34.46
CA GLY B 120 8.17 -41.06 -33.13
C GLY B 120 7.46 -41.89 -32.09
N LEU B 121 6.92 -43.04 -32.49
CA LEU B 121 6.09 -43.84 -31.59
C LEU B 121 6.04 -45.33 -31.96
N GLU B 122 6.77 -46.12 -31.20
CA GLU B 122 6.76 -47.57 -31.36
C GLU B 122 5.48 -48.10 -30.72
N PRO B 123 4.97 -49.21 -31.26
CA PRO B 123 3.77 -49.91 -30.78
C PRO B 123 3.82 -50.27 -29.29
N ILE B 124 4.93 -50.84 -28.84
CA ILE B 124 5.00 -51.26 -27.45
C ILE B 124 4.91 -50.06 -26.52
N THR B 125 5.47 -48.93 -26.92
CA THR B 125 5.32 -47.76 -26.07
C THR B 125 3.91 -47.18 -26.16
N LEU B 126 3.18 -47.50 -27.23
CA LEU B 126 1.80 -47.01 -27.33
C LEU B 126 0.97 -47.78 -26.33
N LEU B 127 1.05 -49.12 -26.41
CA LEU B 127 0.33 -49.97 -25.46
C LEU B 127 0.75 -49.60 -24.03
N HIS B 128 2.02 -49.28 -23.83
CA HIS B 128 2.45 -48.82 -22.53
C HIS B 128 1.76 -47.52 -22.09
N GLN B 129 1.70 -46.54 -22.97
CA GLN B 129 1.06 -45.28 -22.63
C GLN B 129 -0.39 -45.55 -22.25
N THR B 130 -1.05 -46.32 -23.10
CA THR B 130 -2.44 -46.70 -22.89
C THR B 130 -2.65 -47.30 -21.50
N THR B 131 -1.82 -48.29 -21.17
CA THR B 131 -1.96 -49.05 -19.94
C THR B 131 -1.60 -48.22 -18.71
N SER B 132 -0.79 -47.18 -18.91
CA SER B 132 -0.45 -46.26 -17.82
C SER B 132 -1.65 -45.35 -17.54
N GLY B 133 -2.27 -44.87 -18.62
CA GLY B 133 -3.49 -44.11 -18.49
C GLY B 133 -4.54 -44.90 -17.73
N LEU B 134 -4.69 -46.18 -18.10
CA LEU B 134 -5.61 -47.08 -17.39
C LEU B 134 -5.25 -47.24 -15.92
N ALA B 135 -3.96 -47.34 -15.63
CA ALA B 135 -3.53 -47.44 -14.25
C ALA B 135 -4.00 -46.20 -13.49
N HIS B 136 -3.84 -45.04 -14.15
CA HIS B 136 -4.27 -43.76 -13.59
C HIS B 136 -5.77 -43.77 -13.29
N LEU B 137 -6.57 -44.13 -14.29
CA LEU B 137 -8.03 -44.17 -14.13
C LEU B 137 -8.48 -45.15 -13.04
N HIS B 138 -7.90 -46.35 -13.01
CA HIS B 138 -8.23 -47.31 -11.96
C HIS B 138 -7.82 -46.77 -10.61
N SER B 139 -6.75 -45.98 -10.58
CA SER B 139 -6.24 -45.44 -9.34
C SER B 139 -7.27 -44.50 -8.71
N LEU B 140 -8.05 -43.83 -9.55
CA LEU B 140 -9.12 -42.96 -9.10
C LEU B 140 -10.43 -43.73 -8.94
N ASN B 141 -10.33 -45.06 -8.93
CA ASN B 141 -11.52 -45.89 -8.88
C ASN B 141 -12.59 -45.53 -9.93
N ILE B 142 -12.15 -45.08 -11.11
CA ILE B 142 -13.05 -44.91 -12.24
C ILE B 142 -12.79 -45.97 -13.32
N VAL B 143 -13.81 -46.76 -13.61
CA VAL B 143 -13.71 -47.83 -14.60
C VAL B 143 -14.17 -47.36 -15.98
N HIS B 144 -13.42 -47.72 -17.02
CA HIS B 144 -13.71 -47.26 -18.38
C HIS B 144 -14.96 -47.93 -18.97
N ARG B 145 -14.96 -49.26 -18.99
CA ARG B 145 -16.11 -50.08 -19.43
C ARG B 145 -16.24 -50.24 -20.95
N ASP B 146 -15.56 -49.40 -21.73
CA ASP B 146 -15.60 -49.52 -23.19
C ASP B 146 -14.24 -49.26 -23.82
N LEU B 147 -13.25 -50.06 -23.45
CA LEU B 147 -11.91 -49.88 -24.01
C LEU B 147 -11.86 -50.58 -25.36
N LYS B 148 -11.37 -49.88 -26.38
CA LYS B 148 -11.33 -50.40 -27.75
C LYS B 148 -10.58 -49.42 -28.65
N PRO B 149 -10.12 -49.89 -29.83
CA PRO B 149 -9.34 -49.08 -30.77
C PRO B 149 -9.87 -47.67 -31.04
N HIS B 150 -11.19 -47.51 -31.15
CA HIS B 150 -11.78 -46.19 -31.37
C HIS B 150 -11.71 -45.30 -30.11
N ASN B 151 -11.47 -45.92 -28.96
CA ASN B 151 -11.42 -45.18 -27.71
C ASN B 151 -9.99 -45.00 -27.20
N ILE B 152 -9.03 -45.30 -28.08
CA ILE B 152 -7.64 -44.93 -27.87
C ILE B 152 -7.23 -44.10 -29.09
N LEU B 153 -7.02 -42.81 -28.87
CA LEU B 153 -6.78 -41.86 -29.94
C LEU B 153 -5.32 -41.44 -30.04
N LEU B 154 -4.93 -40.99 -31.23
CA LEU B 154 -3.59 -40.47 -31.48
C LEU B 154 -3.55 -38.94 -31.56
N SER B 155 -2.65 -38.33 -30.79
CA SER B 155 -2.53 -36.88 -30.77
C SER B 155 -1.98 -36.32 -32.09
N MET B 156 -1.87 -35.01 -32.17
CA MET B 156 -1.25 -34.37 -33.32
C MET B 156 0.14 -33.96 -32.88
N PRO B 157 1.09 -33.86 -33.84
CA PRO B 157 2.49 -33.65 -33.50
C PRO B 157 2.69 -32.43 -32.61
N ASN B 158 3.26 -32.65 -31.43
CA ASN B 158 3.55 -31.57 -30.50
C ASN B 158 4.75 -30.75 -30.95
N ALA B 159 5.20 -29.87 -30.06
CA ALA B 159 6.33 -28.97 -30.30
C ALA B 159 7.48 -29.52 -31.19
N HIS B 160 8.09 -30.63 -30.79
CA HIS B 160 9.16 -31.22 -31.61
C HIS B 160 8.70 -32.39 -32.48
N GLY B 161 7.41 -32.47 -32.76
CA GLY B 161 6.88 -33.46 -33.68
C GLY B 161 6.31 -34.75 -33.08
N ARG B 162 6.58 -35.00 -31.81
CA ARG B 162 6.23 -36.28 -31.20
C ARG B 162 4.74 -36.57 -31.05
N ILE B 163 4.33 -37.75 -31.54
CA ILE B 163 2.96 -38.24 -31.43
C ILE B 163 2.73 -39.02 -30.12
N LYS B 164 1.57 -38.82 -29.50
CA LYS B 164 1.22 -39.51 -28.25
C LYS B 164 -0.18 -40.12 -28.34
N ALA B 165 -0.46 -41.16 -27.56
CA ALA B 165 -1.81 -41.73 -27.57
C ALA B 165 -2.48 -41.56 -26.22
N MET B 166 -3.80 -41.38 -26.24
CA MET B 166 -4.59 -41.20 -25.02
C MET B 166 -5.95 -41.91 -25.11
N ILE B 167 -6.53 -42.32 -23.97
CA ILE B 167 -7.88 -42.93 -24.03
C ILE B 167 -9.01 -41.91 -23.91
N SER B 168 -10.11 -42.11 -24.63
CA SER B 168 -11.25 -41.19 -24.54
C SER B 168 -12.59 -41.90 -24.35
N ASP B 169 -13.66 -41.12 -24.43
CA ASP B 169 -15.01 -41.65 -24.26
C ASP B 169 -15.19 -42.49 -23.01
N PHE B 170 -14.31 -42.30 -22.02
CA PHE B 170 -14.50 -42.90 -20.70
C PHE B 170 -15.55 -42.08 -19.94
N GLY B 171 -15.97 -42.55 -18.77
CA GLY B 171 -16.95 -41.83 -17.99
C GLY B 171 -18.36 -41.76 -18.56
N LEU B 172 -18.52 -42.00 -19.87
CA LEU B 172 -19.85 -42.16 -20.45
C LEU B 172 -20.34 -43.60 -20.25
N CYS B 173 -21.65 -43.78 -20.26
CA CYS B 173 -22.22 -45.13 -20.29
C CYS B 173 -23.49 -45.16 -21.16
N LYS B 174 -24.12 -46.34 -21.25
CA LYS B 174 -25.28 -46.52 -22.10
C LYS B 174 -26.47 -46.94 -21.22
N LYS B 175 -27.67 -46.47 -21.56
CA LYS B 175 -28.84 -46.75 -20.73
C LYS B 175 -29.98 -47.52 -21.43
N LEU B 176 -30.13 -47.32 -22.74
CA LEU B 176 -31.32 -47.80 -23.47
C LEU B 176 -31.66 -49.28 -23.26
N VAL B 189 -26.63 -51.89 -22.01
CA VAL B 189 -25.47 -52.66 -21.56
C VAL B 189 -24.15 -52.03 -22.04
N PRO B 190 -23.20 -51.85 -21.11
CA PRO B 190 -21.95 -51.14 -21.40
C PRO B 190 -21.03 -51.97 -22.29
N GLY B 191 -20.07 -51.32 -22.91
CA GLY B 191 -19.11 -51.99 -23.77
C GLY B 191 -19.52 -51.94 -25.22
N THR B 192 -18.62 -52.37 -26.10
CA THR B 192 -18.88 -52.43 -27.54
C THR B 192 -18.60 -53.84 -28.04
N GLU B 193 -19.44 -54.33 -28.95
CA GLU B 193 -19.35 -55.72 -29.41
C GLU B 193 -18.01 -56.06 -30.02
N GLY B 194 -17.31 -57.01 -29.42
CA GLY B 194 -16.00 -57.40 -29.89
C GLY B 194 -14.91 -57.11 -28.88
N TRP B 195 -15.23 -56.38 -27.81
CA TRP B 195 -14.23 -56.01 -26.80
C TRP B 195 -14.78 -56.14 -25.42
N ILE B 196 -15.92 -56.84 -25.34
CA ILE B 196 -16.62 -56.95 -24.08
C ILE B 196 -16.15 -58.16 -23.30
N ALA B 197 -15.82 -57.95 -22.03
CA ALA B 197 -15.44 -59.06 -21.16
C ALA B 197 -16.61 -60.03 -21.10
N PRO B 198 -16.32 -61.33 -20.96
CA PRO B 198 -17.42 -62.31 -20.98
C PRO B 198 -18.33 -62.21 -19.74
N GLU B 199 -17.70 -62.13 -18.56
CA GLU B 199 -18.43 -62.26 -17.31
C GLU B 199 -19.36 -61.10 -17.05
N MET B 200 -19.21 -60.02 -17.82
CA MET B 200 -20.17 -58.93 -17.73
C MET B 200 -21.49 -59.31 -18.37
N LEU B 201 -21.51 -60.45 -19.08
CA LEU B 201 -22.74 -60.95 -19.67
C LEU B 201 -23.41 -62.05 -18.82
N SER B 202 -22.59 -62.96 -18.29
CA SER B 202 -23.01 -64.03 -17.38
C SER B 202 -24.36 -64.68 -17.69
N PRO B 209 -19.77 -53.47 -12.37
CA PRO B 209 -18.56 -53.92 -13.08
C PRO B 209 -17.26 -53.37 -12.47
N THR B 210 -16.18 -54.14 -12.58
CA THR B 210 -14.90 -53.77 -11.98
C THR B 210 -13.80 -53.51 -13.02
N TYR B 211 -12.57 -53.29 -12.54
CA TYR B 211 -11.46 -52.93 -13.43
C TYR B 211 -11.01 -54.07 -14.35
N THR B 212 -11.41 -55.28 -13.98
CA THR B 212 -11.01 -56.47 -14.68
C THR B 212 -11.45 -56.44 -16.14
N VAL B 213 -12.65 -55.91 -16.39
CA VAL B 213 -13.18 -55.75 -17.75
C VAL B 213 -12.24 -54.95 -18.64
N ASP B 214 -11.76 -53.83 -18.11
CA ASP B 214 -10.83 -52.99 -18.82
C ASP B 214 -9.53 -53.74 -19.06
N ILE B 215 -9.05 -54.50 -18.06
CA ILE B 215 -7.83 -55.27 -18.30
C ILE B 215 -8.01 -56.24 -19.47
N PHE B 216 -9.17 -56.90 -19.51
CA PHE B 216 -9.48 -57.84 -20.58
C PHE B 216 -9.48 -57.18 -21.96
N SER B 217 -10.36 -56.19 -22.13
CA SER B 217 -10.45 -55.46 -23.38
C SER B 217 -9.07 -54.98 -23.80
N ALA B 218 -8.32 -54.47 -22.83
CA ALA B 218 -6.94 -54.08 -23.03
C ALA B 218 -6.16 -55.22 -23.68
N GLY B 219 -6.22 -56.40 -23.07
CA GLY B 219 -5.54 -57.56 -23.61
C GLY B 219 -5.87 -57.72 -25.07
N CYS B 220 -7.15 -57.60 -25.38
CA CYS B 220 -7.58 -57.66 -26.78
C CYS B 220 -6.86 -56.62 -27.66
N VAL B 221 -6.95 -55.33 -27.31
CA VAL B 221 -6.27 -54.31 -28.13
C VAL B 221 -4.75 -54.52 -28.18
N PHE B 222 -4.20 -55.09 -27.12
CA PHE B 222 -2.79 -55.44 -27.08
C PHE B 222 -2.48 -56.32 -28.27
N TYR B 223 -3.18 -57.45 -28.36
CA TYR B 223 -2.89 -58.41 -29.43
C TYR B 223 -3.11 -57.73 -30.76
N TYR B 224 -4.25 -57.03 -30.85
CA TYR B 224 -4.63 -56.29 -32.04
C TYR B 224 -3.49 -55.45 -32.61
N VAL B 225 -2.90 -54.60 -31.75
CA VAL B 225 -1.77 -53.75 -32.13
C VAL B 225 -0.59 -54.59 -32.53
N ILE B 226 -0.18 -55.49 -31.63
CA ILE B 226 0.99 -56.33 -31.86
C ILE B 226 0.83 -57.24 -33.08
N SER B 227 -0.35 -57.84 -33.24
CA SER B 227 -0.60 -58.69 -34.41
C SER B 227 -0.78 -57.90 -35.70
N GLU B 228 -0.66 -56.58 -35.62
CA GLU B 228 -0.79 -55.70 -36.78
C GLU B 228 -2.13 -55.88 -37.53
N GLY B 229 -3.23 -55.98 -36.78
CA GLY B 229 -4.56 -56.03 -37.38
C GLY B 229 -5.56 -57.06 -36.86
N TYR B 230 -5.07 -58.20 -36.39
CA TYR B 230 -5.94 -59.30 -35.96
C TYR B 230 -6.51 -59.10 -34.56
N HIS B 231 -7.37 -60.02 -34.16
CA HIS B 231 -8.05 -59.95 -32.88
C HIS B 231 -7.94 -61.32 -32.27
N PRO B 232 -7.85 -61.40 -30.94
CA PRO B 232 -7.78 -62.69 -30.26
C PRO B 232 -8.96 -63.65 -30.51
N PHE B 233 -10.10 -63.14 -30.95
CA PHE B 233 -11.32 -63.93 -30.90
C PHE B 233 -12.19 -64.30 -32.14
N GLY B 234 -12.01 -63.78 -33.36
CA GLY B 234 -11.02 -62.83 -33.81
C GLY B 234 -11.55 -62.20 -35.08
N LYS B 235 -12.75 -62.63 -35.49
CA LYS B 235 -13.45 -62.06 -36.64
C LYS B 235 -14.74 -61.38 -36.25
N SER B 236 -14.92 -60.15 -36.73
CA SER B 236 -15.99 -59.24 -36.32
C SER B 236 -17.34 -59.87 -35.95
N LEU B 237 -17.90 -60.66 -36.86
CA LEU B 237 -19.21 -61.27 -36.62
C LEU B 237 -19.21 -62.29 -35.47
N GLN B 238 -18.16 -63.11 -35.42
CA GLN B 238 -18.08 -64.21 -34.47
C GLN B 238 -17.30 -63.84 -33.21
N ARG B 239 -16.73 -62.63 -33.21
CA ARG B 239 -15.85 -62.18 -32.15
C ARG B 239 -16.48 -62.44 -30.80
N GLN B 240 -17.53 -61.69 -30.50
CA GLN B 240 -18.18 -61.73 -29.20
C GLN B 240 -18.59 -63.16 -28.82
N ALA B 241 -19.11 -63.89 -29.81
CA ALA B 241 -19.52 -65.27 -29.62
C ALA B 241 -18.37 -66.15 -29.11
N ASN B 242 -17.29 -66.22 -29.88
CA ASN B 242 -16.11 -66.97 -29.47
C ASN B 242 -15.56 -66.50 -28.14
N ILE B 243 -15.70 -65.22 -27.79
CA ILE B 243 -15.23 -64.81 -26.47
C ILE B 243 -16.09 -65.46 -25.40
N LEU B 244 -17.39 -65.51 -25.62
CA LEU B 244 -18.23 -66.22 -24.69
C LEU B 244 -17.77 -67.68 -24.58
N LEU B 245 -17.46 -68.28 -25.72
CA LEU B 245 -17.05 -69.68 -25.77
C LEU B 245 -15.67 -69.92 -25.17
N GLY B 246 -14.84 -68.87 -25.08
CA GLY B 246 -13.50 -69.02 -24.56
C GLY B 246 -12.45 -69.34 -25.61
N ALA B 247 -12.90 -69.36 -26.87
CA ALA B 247 -12.01 -69.54 -28.01
C ALA B 247 -11.05 -68.38 -28.14
N CYS B 248 -9.74 -68.66 -28.15
CA CYS B 248 -8.76 -67.59 -28.40
C CYS B 248 -8.06 -67.87 -29.72
N ASN B 249 -6.95 -67.19 -29.96
CA ASN B 249 -6.18 -67.51 -31.16
C ASN B 249 -4.67 -67.38 -30.95
N LEU B 250 -4.20 -66.14 -31.02
CA LEU B 250 -2.82 -65.82 -30.69
C LEU B 250 -1.86 -66.49 -31.67
N ASP B 251 -2.34 -66.73 -32.89
CA ASP B 251 -1.58 -67.47 -33.89
C ASP B 251 -0.35 -66.75 -34.37
N CYS B 252 -0.32 -65.43 -34.23
CA CYS B 252 0.79 -64.64 -34.72
C CYS B 252 1.99 -64.83 -33.80
N PHE B 253 1.82 -65.65 -32.77
CA PHE B 253 2.86 -65.84 -31.76
C PHE B 253 3.63 -67.13 -31.90
N HIS B 254 4.66 -67.08 -32.75
CA HIS B 254 5.67 -68.12 -32.88
C HIS B 254 6.21 -68.49 -31.49
N SER B 255 6.77 -69.70 -31.38
CA SER B 255 7.34 -70.16 -30.13
C SER B 255 8.88 -70.15 -30.22
N ASP B 256 9.39 -69.82 -31.40
CA ASP B 256 10.84 -69.65 -31.55
C ASP B 256 11.30 -68.20 -31.49
N LYS B 257 10.39 -67.23 -31.45
CA LYS B 257 10.88 -65.86 -31.29
C LYS B 257 10.44 -65.22 -29.98
N HIS B 258 11.46 -64.77 -29.25
CA HIS B 258 11.38 -64.22 -27.89
C HIS B 258 10.20 -63.29 -27.60
N GLU B 259 10.23 -62.15 -28.29
CA GLU B 259 9.14 -61.19 -28.35
C GLU B 259 7.73 -61.84 -28.34
N ASP B 260 7.46 -62.70 -29.33
CA ASP B 260 6.20 -63.41 -29.38
C ASP B 260 5.98 -64.12 -28.07
N VAL B 261 6.99 -64.84 -27.57
CA VAL B 261 6.82 -65.63 -26.36
C VAL B 261 6.37 -64.80 -25.17
N ILE B 262 6.98 -63.62 -25.00
CA ILE B 262 6.65 -62.80 -23.83
C ILE B 262 5.31 -62.10 -24.01
N ALA B 263 5.13 -61.46 -25.16
CA ALA B 263 3.88 -60.79 -25.47
C ALA B 263 2.78 -61.77 -25.13
N ARG B 264 2.86 -62.95 -25.74
CA ARG B 264 1.96 -64.07 -25.46
C ARG B 264 1.80 -64.30 -23.97
N GLU B 265 2.93 -64.49 -23.29
CA GLU B 265 2.97 -64.73 -21.85
C GLU B 265 2.01 -63.80 -21.10
N LEU B 266 2.00 -62.53 -21.49
CA LEU B 266 1.20 -61.55 -20.78
C LEU B 266 -0.24 -61.42 -21.29
N ILE B 267 -0.40 -61.31 -22.61
CA ILE B 267 -1.71 -61.25 -23.25
C ILE B 267 -2.60 -62.37 -22.72
N GLU B 268 -2.05 -63.58 -22.64
CA GLU B 268 -2.83 -64.74 -22.17
C GLU B 268 -3.44 -64.47 -20.79
N LYS B 269 -2.64 -63.94 -19.88
CA LYS B 269 -3.12 -63.62 -18.54
C LYS B 269 -4.15 -62.49 -18.59
N MET B 270 -3.93 -61.53 -19.50
CA MET B 270 -4.83 -60.38 -19.61
C MET B 270 -6.20 -60.76 -20.18
N ILE B 271 -6.23 -61.74 -21.09
CA ILE B 271 -7.50 -62.11 -21.74
C ILE B 271 -8.08 -63.42 -21.22
N ALA B 272 -7.69 -63.78 -20.00
CA ALA B 272 -8.24 -64.94 -19.32
C ALA B 272 -9.75 -64.83 -19.28
N MET B 273 -10.44 -65.96 -19.16
CA MET B 273 -11.89 -65.91 -19.09
C MET B 273 -12.34 -65.73 -17.65
N ASP B 274 -11.49 -66.14 -16.71
CA ASP B 274 -11.74 -65.91 -15.29
C ASP B 274 -11.20 -64.54 -14.92
N PRO B 275 -12.10 -63.59 -14.63
CA PRO B 275 -11.69 -62.21 -14.32
C PRO B 275 -10.84 -62.09 -13.05
N GLN B 276 -10.61 -63.19 -12.34
CA GLN B 276 -9.80 -63.18 -11.13
C GLN B 276 -8.33 -63.39 -11.47
N GLN B 277 -8.09 -63.76 -12.72
CA GLN B 277 -6.75 -64.13 -13.19
C GLN B 277 -6.05 -62.91 -13.76
N ARG B 278 -6.87 -61.97 -14.22
CA ARG B 278 -6.38 -60.79 -14.90
C ARG B 278 -5.51 -59.95 -13.95
N PRO B 279 -4.34 -59.52 -14.42
CA PRO B 279 -3.42 -58.76 -13.56
C PRO B 279 -3.85 -57.31 -13.48
N SER B 280 -3.57 -56.64 -12.36
CA SER B 280 -3.95 -55.24 -12.20
C SER B 280 -3.28 -54.40 -13.26
N ALA B 281 -3.89 -53.25 -13.57
CA ALA B 281 -3.38 -52.36 -14.61
C ALA B 281 -1.91 -52.01 -14.40
N LYS B 282 -1.52 -51.84 -13.16
CA LYS B 282 -0.15 -51.43 -12.85
C LYS B 282 0.77 -52.65 -12.83
N HIS B 283 0.19 -53.79 -12.49
CA HIS B 283 0.89 -55.07 -12.55
C HIS B 283 1.34 -55.38 -13.99
N VAL B 284 0.41 -55.22 -14.94
CA VAL B 284 0.70 -55.43 -16.35
C VAL B 284 1.91 -54.60 -16.76
N LEU B 285 2.12 -53.47 -16.11
CA LEU B 285 3.26 -52.62 -16.44
C LEU B 285 4.63 -53.20 -16.07
N LYS B 286 4.74 -53.77 -14.87
CA LYS B 286 6.02 -54.30 -14.38
C LYS B 286 6.55 -55.44 -15.26
N HIS B 287 5.65 -55.98 -16.08
CA HIS B 287 5.91 -57.12 -16.95
C HIS B 287 6.97 -56.88 -18.02
N PRO B 288 7.84 -57.88 -18.22
CA PRO B 288 8.93 -57.99 -19.18
C PRO B 288 8.67 -57.34 -20.54
N PHE B 289 7.50 -57.61 -21.11
CA PHE B 289 7.07 -57.05 -22.40
C PHE B 289 7.53 -55.62 -22.68
N PHE B 290 7.63 -54.80 -21.63
CA PHE B 290 7.92 -53.38 -21.79
C PHE B 290 9.38 -53.00 -21.66
N TRP B 291 10.20 -53.88 -21.10
CA TRP B 291 11.58 -53.53 -20.76
C TRP B 291 12.44 -53.18 -21.96
N SER B 292 13.24 -52.12 -21.82
CA SER B 292 14.23 -51.81 -22.83
C SER B 292 15.20 -52.96 -22.78
N LEU B 293 15.88 -53.22 -23.90
CA LEU B 293 16.88 -54.29 -23.95
C LEU B 293 17.90 -54.11 -22.82
N GLU B 294 18.24 -52.86 -22.51
CA GLU B 294 19.18 -52.60 -21.44
C GLU B 294 18.65 -53.18 -20.14
N LYS B 295 17.37 -52.97 -19.88
CA LYS B 295 16.75 -53.50 -18.67
C LYS B 295 16.79 -55.02 -18.69
N GLN B 296 16.54 -55.61 -19.86
CA GLN B 296 16.50 -57.06 -20.01
C GLN B 296 17.83 -57.64 -19.59
N LEU B 297 18.88 -57.12 -20.22
CA LEU B 297 20.24 -57.59 -20.02
C LEU B 297 20.60 -57.39 -18.56
N GLN B 298 20.23 -56.22 -18.01
CA GLN B 298 20.43 -55.94 -16.59
C GLN B 298 19.72 -56.95 -15.67
N PHE B 299 18.60 -57.47 -16.14
CA PHE B 299 17.89 -58.45 -15.37
C PHE B 299 18.66 -59.76 -15.38
N PHE B 300 19.15 -60.15 -16.56
CA PHE B 300 19.96 -61.36 -16.63
C PHE B 300 21.21 -61.25 -15.76
N GLN B 301 21.76 -60.05 -15.67
CA GLN B 301 22.97 -59.86 -14.88
C GLN B 301 22.67 -59.94 -13.40
N ASP B 302 21.68 -59.18 -12.95
CA ASP B 302 21.28 -59.25 -11.55
C ASP B 302 20.90 -60.67 -11.13
N VAL B 303 20.24 -61.41 -12.02
CA VAL B 303 19.89 -62.78 -11.70
C VAL B 303 21.15 -63.63 -11.56
N SER B 304 22.04 -63.50 -12.54
CA SER B 304 23.30 -64.24 -12.50
C SER B 304 24.06 -63.97 -11.21
N ASP B 305 24.01 -62.73 -10.75
CA ASP B 305 24.74 -62.30 -9.56
C ASP B 305 24.10 -62.86 -8.29
N ARG B 306 22.79 -62.67 -8.18
CA ARG B 306 21.99 -63.18 -7.06
C ARG B 306 22.15 -64.68 -6.85
N ILE B 307 22.07 -65.46 -7.92
CA ILE B 307 22.10 -66.92 -7.81
C ILE B 307 23.47 -67.44 -7.40
N GLU B 308 24.52 -66.70 -7.76
CA GLU B 308 25.88 -67.15 -7.47
C GLU B 308 26.05 -67.29 -5.97
N LYS B 309 26.84 -68.27 -5.57
CA LYS B 309 27.00 -68.62 -4.15
C LYS B 309 25.66 -69.02 -3.51
N GLU B 310 24.93 -69.89 -4.21
CA GLU B 310 23.73 -70.52 -3.67
C GLU B 310 23.80 -72.02 -3.95
N ALA B 311 23.42 -72.85 -2.98
CA ALA B 311 23.51 -74.29 -3.17
C ALA B 311 22.70 -74.70 -4.38
N LEU B 312 23.22 -75.66 -5.13
CA LEU B 312 22.60 -76.12 -6.36
C LEU B 312 21.43 -77.05 -6.04
N ASP B 313 21.29 -77.39 -4.77
CA ASP B 313 20.12 -78.10 -4.29
C ASP B 313 19.04 -77.10 -3.86
N GLY B 314 19.48 -75.87 -3.62
CA GLY B 314 18.61 -74.77 -3.19
C GLY B 314 17.32 -74.64 -3.97
N PRO B 315 16.25 -74.20 -3.29
CA PRO B 315 14.91 -74.34 -3.88
C PRO B 315 14.77 -73.43 -5.08
N ILE B 316 15.54 -72.36 -5.04
CA ILE B 316 15.53 -71.32 -6.04
C ILE B 316 16.32 -71.79 -7.26
N VAL B 317 17.55 -72.22 -7.04
CA VAL B 317 18.33 -72.84 -8.09
C VAL B 317 17.58 -74.04 -8.67
N ARG B 318 17.07 -74.88 -7.79
CA ARG B 318 16.27 -76.03 -8.21
C ARG B 318 15.13 -75.59 -9.13
N GLN B 319 14.45 -74.51 -8.74
CA GLN B 319 13.29 -74.04 -9.50
C GLN B 319 13.71 -73.45 -10.84
N LEU B 320 14.84 -72.76 -10.85
CA LEU B 320 15.36 -72.14 -12.06
C LEU B 320 15.64 -73.17 -13.14
N GLU B 321 16.05 -74.37 -12.72
CA GLU B 321 16.42 -75.44 -13.64
C GLU B 321 15.27 -76.41 -13.93
N ARG B 322 14.11 -76.14 -13.33
CA ARG B 322 12.93 -77.00 -13.46
C ARG B 322 12.59 -77.27 -14.91
N GLY B 323 12.47 -76.20 -15.70
CA GLY B 323 12.17 -76.34 -17.11
C GLY B 323 13.38 -76.83 -17.87
N GLY B 324 14.56 -76.51 -17.36
CA GLY B 324 15.85 -76.93 -17.91
C GLY B 324 15.98 -77.22 -19.39
N ARG B 325 16.37 -78.45 -19.70
CA ARG B 325 16.69 -78.93 -21.05
C ARG B 325 16.05 -78.16 -22.18
N ALA B 326 14.72 -78.07 -22.12
CA ALA B 326 13.93 -77.47 -23.17
C ALA B 326 14.40 -76.06 -23.53
N VAL B 327 14.58 -75.21 -22.51
CA VAL B 327 14.93 -73.81 -22.72
C VAL B 327 16.39 -73.54 -23.14
N VAL B 328 17.31 -74.42 -22.77
CA VAL B 328 18.69 -74.22 -23.18
C VAL B 328 18.97 -74.99 -24.47
N LYS B 329 17.94 -75.63 -25.01
CA LYS B 329 18.05 -76.35 -26.27
C LYS B 329 19.06 -77.50 -26.21
N MET B 330 18.91 -78.36 -25.21
CA MET B 330 19.77 -79.54 -25.02
C MET B 330 21.17 -79.21 -24.49
N ASP B 331 21.99 -78.60 -25.33
CA ASP B 331 23.32 -78.17 -24.94
C ASP B 331 23.46 -76.76 -25.47
N TRP B 332 23.31 -75.78 -24.59
CA TRP B 332 23.33 -74.40 -25.06
C TRP B 332 24.68 -74.00 -25.61
N ARG B 333 25.71 -74.79 -25.34
CA ARG B 333 27.05 -74.52 -25.88
C ARG B 333 27.05 -74.80 -27.37
N GLU B 334 26.23 -75.75 -27.79
CA GLU B 334 26.18 -76.14 -29.19
C GLU B 334 25.25 -75.22 -29.99
N ASN B 335 24.55 -74.34 -29.29
CA ASN B 335 23.56 -73.46 -29.93
C ASN B 335 23.99 -71.99 -29.96
N ILE B 336 25.31 -71.76 -30.03
CA ILE B 336 25.84 -70.40 -30.06
C ILE B 336 26.91 -70.32 -31.14
N THR B 337 27.23 -69.10 -31.56
CA THR B 337 28.19 -68.88 -32.64
C THR B 337 29.50 -69.61 -32.38
N VAL B 338 30.12 -70.08 -33.45
CA VAL B 338 31.39 -70.80 -33.39
C VAL B 338 32.51 -70.07 -32.59
N PRO B 339 32.71 -68.75 -32.80
CA PRO B 339 33.79 -68.10 -32.06
C PRO B 339 33.55 -68.11 -30.57
N LEU B 340 32.34 -67.79 -30.14
CA LEU B 340 32.01 -67.78 -28.72
C LEU B 340 32.25 -69.14 -28.06
N GLN B 341 31.89 -70.22 -28.73
CA GLN B 341 32.10 -71.53 -28.10
C GLN B 341 33.57 -71.88 -28.11
N THR B 342 34.25 -71.49 -29.18
CA THR B 342 35.70 -71.62 -29.27
C THR B 342 36.39 -70.97 -28.09
N ASP B 343 35.88 -69.81 -27.65
CA ASP B 343 36.42 -69.07 -26.52
C ASP B 343 35.92 -69.61 -25.18
N LEU B 344 34.75 -70.24 -25.18
CA LEU B 344 34.15 -70.73 -23.95
C LEU B 344 34.75 -72.07 -23.57
N ARG B 345 35.34 -72.74 -24.55
CA ARG B 345 35.93 -74.07 -24.37
C ARG B 345 37.12 -74.01 -23.42
N LYS B 346 37.78 -72.85 -23.39
CA LYS B 346 38.98 -72.67 -22.58
C LYS B 346 38.74 -72.65 -21.06
N PHE B 347 37.49 -72.44 -20.65
CA PHE B 347 37.16 -72.25 -19.23
C PHE B 347 36.37 -73.40 -18.59
N ARG B 348 35.17 -73.65 -19.12
CA ARG B 348 34.18 -74.62 -18.62
C ARG B 348 34.67 -75.71 -17.68
N THR B 349 34.09 -75.89 -16.48
CA THR B 349 33.03 -75.10 -15.78
C THR B 349 31.62 -74.77 -16.33
N TYR B 350 31.31 -75.07 -17.59
CA TYR B 350 30.01 -74.70 -18.15
C TYR B 350 29.19 -75.93 -18.50
N LYS B 351 28.18 -76.21 -17.69
CA LYS B 351 27.42 -77.46 -17.79
C LYS B 351 26.68 -77.67 -19.13
N GLY B 352 26.08 -76.60 -19.68
CA GLY B 352 25.49 -76.70 -21.00
C GLY B 352 24.06 -77.21 -21.04
N GLY B 353 23.63 -77.85 -19.97
CA GLY B 353 22.23 -78.20 -19.84
C GLY B 353 21.60 -77.44 -18.68
N SER B 354 22.22 -76.32 -18.30
CA SER B 354 21.90 -75.67 -17.05
C SER B 354 21.74 -74.17 -17.21
N VAL B 355 20.52 -73.67 -17.05
CA VAL B 355 20.26 -72.24 -17.25
C VAL B 355 21.17 -71.39 -16.37
N ARG B 356 21.58 -71.94 -15.23
CA ARG B 356 22.41 -71.21 -14.30
C ARG B 356 23.74 -70.90 -14.97
N ASP B 357 24.24 -71.86 -15.73
CA ASP B 357 25.50 -71.67 -16.44
C ASP B 357 25.39 -70.85 -17.72
N LEU B 358 24.31 -71.00 -18.48
CA LEU B 358 24.13 -70.13 -19.64
C LEU B 358 24.10 -68.68 -19.13
N LEU B 359 23.37 -68.45 -18.05
CA LEU B 359 23.25 -67.11 -17.47
C LEU B 359 24.57 -66.59 -16.90
N ARG B 360 25.35 -67.49 -16.33
CA ARG B 360 26.67 -67.12 -15.79
C ARG B 360 27.64 -66.78 -16.90
N ALA B 361 27.59 -67.52 -18.00
CA ALA B 361 28.40 -67.18 -19.16
C ALA B 361 27.99 -65.81 -19.69
N MET B 362 26.70 -65.55 -19.67
CA MET B 362 26.19 -64.24 -20.05
C MET B 362 26.85 -63.12 -19.21
N ARG B 363 26.66 -63.19 -17.90
CA ARG B 363 27.22 -62.21 -16.98
C ARG B 363 28.73 -62.07 -17.19
N ASN B 364 29.41 -63.19 -17.33
CA ASN B 364 30.86 -63.19 -17.34
C ASN B 364 31.45 -62.65 -18.63
N LYS B 365 30.89 -63.03 -19.76
CA LYS B 365 31.35 -62.45 -21.01
C LYS B 365 31.06 -60.95 -21.03
N LYS B 366 29.86 -60.56 -20.59
CA LYS B 366 29.56 -59.13 -20.54
C LYS B 366 30.55 -58.36 -19.68
N HIS B 367 30.91 -58.92 -18.53
CA HIS B 367 31.86 -58.25 -17.65
C HIS B 367 33.24 -58.11 -18.29
N HIS B 368 33.82 -59.24 -18.67
CA HIS B 368 35.12 -59.25 -19.29
C HIS B 368 35.07 -58.91 -20.77
N TYR B 369 34.07 -58.18 -21.22
CA TYR B 369 33.93 -57.88 -22.65
C TYR B 369 35.17 -57.21 -23.26
N ARG B 370 35.75 -56.28 -22.52
CA ARG B 370 36.84 -55.46 -23.04
C ARG B 370 38.04 -56.28 -23.45
N GLU B 371 38.35 -57.32 -22.69
CA GLU B 371 39.56 -58.10 -22.93
C GLU B 371 39.37 -59.22 -23.94
N LEU B 372 38.13 -59.48 -24.33
CA LEU B 372 37.84 -60.62 -25.20
C LEU B 372 38.35 -60.41 -26.63
N PRO B 373 38.73 -61.50 -27.33
CA PRO B 373 39.25 -61.36 -28.69
C PRO B 373 38.27 -60.59 -29.56
N VAL B 374 38.78 -59.90 -30.56
CA VAL B 374 37.94 -59.09 -31.42
C VAL B 374 36.91 -59.94 -32.18
N GLU B 375 37.24 -61.20 -32.47
CA GLU B 375 36.31 -62.11 -33.15
C GLU B 375 35.05 -62.28 -32.34
N VAL B 376 35.23 -62.56 -31.06
CA VAL B 376 34.14 -62.74 -30.12
C VAL B 376 33.40 -61.42 -29.95
N GLN B 377 34.19 -60.35 -29.86
CA GLN B 377 33.66 -59.00 -29.78
C GLN B 377 32.63 -58.74 -30.88
N GLU B 378 33.01 -59.07 -32.12
CA GLU B 378 32.18 -58.80 -33.30
C GLU B 378 31.05 -59.80 -33.51
N THR B 379 31.17 -61.02 -33.00
CA THR B 379 30.03 -61.94 -33.04
C THR B 379 29.00 -61.54 -31.97
N LEU B 380 29.45 -60.78 -30.98
CA LEU B 380 28.59 -60.45 -29.85
C LEU B 380 28.02 -59.01 -29.90
N GLY B 381 28.91 -58.02 -29.77
CA GLY B 381 28.59 -56.63 -29.44
C GLY B 381 27.43 -55.98 -30.15
N SER B 382 26.97 -54.84 -29.65
CA SER B 382 27.81 -53.89 -28.93
C SER B 382 27.62 -53.67 -27.42
N ILE B 383 26.52 -54.19 -26.84
CA ILE B 383 26.08 -53.92 -25.45
C ILE B 383 25.34 -52.59 -25.25
N PRO B 384 24.13 -52.65 -24.69
CA PRO B 384 23.50 -53.89 -24.26
C PRO B 384 22.74 -54.57 -25.40
N ASP B 385 22.07 -53.75 -26.21
CA ASP B 385 21.11 -54.22 -27.19
C ASP B 385 21.53 -55.48 -27.93
N ASP B 386 22.55 -55.37 -28.78
CA ASP B 386 22.96 -56.50 -29.62
C ASP B 386 23.35 -57.76 -28.85
N PHE B 387 23.87 -57.55 -27.65
CA PHE B 387 24.39 -58.63 -26.82
C PHE B 387 23.21 -59.42 -26.23
N VAL B 388 22.33 -58.72 -25.53
CA VAL B 388 21.20 -59.39 -24.93
C VAL B 388 20.35 -59.99 -26.03
N ARG B 389 20.35 -59.33 -27.19
CA ARG B 389 19.67 -59.89 -28.34
C ARG B 389 20.38 -61.17 -28.75
N TYR B 390 21.70 -61.15 -28.70
CA TYR B 390 22.47 -62.33 -29.07
C TYR B 390 22.02 -63.54 -28.28
N PHE B 391 21.66 -63.36 -27.03
CA PHE B 391 21.18 -64.56 -26.33
C PHE B 391 19.70 -64.83 -26.46
N THR B 392 18.87 -63.80 -26.38
CA THR B 392 17.42 -64.05 -26.45
C THR B 392 16.97 -64.54 -27.81
N SER B 393 17.68 -64.12 -28.85
CA SER B 393 17.47 -64.64 -30.18
C SER B 393 17.49 -66.16 -30.16
N ARG B 394 18.55 -66.72 -29.59
CA ARG B 394 18.86 -68.14 -29.70
C ARG B 394 18.10 -68.97 -28.69
N PHE B 395 17.73 -68.34 -27.57
CA PHE B 395 17.05 -69.04 -26.50
C PHE B 395 15.82 -68.24 -26.16
N PRO B 396 14.79 -68.36 -27.00
CA PRO B 396 13.61 -67.50 -27.04
C PRO B 396 12.97 -67.48 -25.68
N HIS B 397 13.03 -68.62 -25.00
CA HIS B 397 12.29 -68.81 -23.77
C HIS B 397 13.09 -68.43 -22.55
N LEU B 398 14.36 -68.12 -22.76
CA LEU B 398 15.27 -67.87 -21.65
C LEU B 398 14.71 -66.83 -20.71
N LEU B 399 14.29 -65.69 -21.27
CA LEU B 399 13.81 -64.60 -20.44
C LEU B 399 12.54 -64.98 -19.72
N SER B 400 11.52 -65.39 -20.48
CA SER B 400 10.27 -65.83 -19.91
C SER B 400 10.52 -66.77 -18.74
N HIS B 401 11.34 -67.77 -19.01
CA HIS B 401 11.58 -68.82 -18.03
C HIS B 401 12.25 -68.31 -16.77
N THR B 402 13.31 -67.54 -16.92
CA THR B 402 13.99 -66.99 -15.77
C THR B 402 13.03 -66.14 -14.97
N TYR B 403 12.25 -65.31 -15.66
CA TYR B 403 11.32 -64.40 -14.99
C TYR B 403 10.36 -65.17 -14.14
N GLN B 404 9.77 -66.20 -14.71
CA GLN B 404 8.87 -67.05 -13.95
C GLN B 404 9.56 -67.67 -12.73
N ALA B 405 10.76 -68.22 -12.91
CA ALA B 405 11.39 -68.98 -11.84
C ALA B 405 11.93 -68.09 -10.73
N MET B 406 12.32 -66.89 -11.11
CA MET B 406 12.92 -65.98 -10.17
C MET B 406 11.83 -65.17 -9.46
N GLU B 407 10.57 -65.62 -9.58
CA GLU B 407 9.47 -64.97 -8.86
C GLU B 407 9.58 -65.29 -7.38
N LEU B 408 10.48 -66.20 -7.04
CA LEU B 408 10.72 -66.59 -5.66
C LEU B 408 11.42 -65.49 -4.87
N CYS B 409 12.13 -64.61 -5.55
CA CYS B 409 12.82 -63.50 -4.90
C CYS B 409 12.04 -62.20 -5.08
N ARG B 410 10.73 -62.30 -5.21
CA ARG B 410 9.90 -61.16 -5.60
C ARG B 410 10.09 -59.97 -4.68
N HIS B 411 10.09 -60.24 -3.39
CA HIS B 411 10.03 -59.20 -2.38
C HIS B 411 11.34 -58.48 -2.15
N GLU B 412 12.45 -59.13 -2.50
CA GLU B 412 13.78 -58.55 -2.31
C GLU B 412 13.91 -57.13 -2.89
N ARG B 413 14.72 -56.31 -2.23
CA ARG B 413 14.86 -54.89 -2.58
C ARG B 413 15.46 -54.68 -3.96
N LEU B 414 16.33 -55.59 -4.38
CA LEU B 414 16.91 -55.49 -5.71
C LEU B 414 15.83 -55.72 -6.75
N PHE B 415 14.97 -56.70 -6.48
CA PHE B 415 14.02 -57.16 -7.48
C PHE B 415 12.65 -56.47 -7.42
N GLN B 416 12.60 -55.21 -7.02
CA GLN B 416 11.33 -54.50 -7.07
C GLN B 416 11.07 -53.85 -8.43
N THR B 417 12.14 -53.42 -9.10
CA THR B 417 12.01 -52.88 -10.45
C THR B 417 11.53 -53.97 -11.42
N TYR B 418 11.73 -55.23 -11.03
CA TYR B 418 11.39 -56.36 -11.87
C TYR B 418 10.00 -56.93 -11.60
N TYR B 419 9.55 -56.78 -10.35
CA TYR B 419 8.34 -57.47 -9.92
C TYR B 419 7.30 -56.62 -9.20
N TRP B 420 6.13 -57.23 -9.03
CA TRP B 420 5.00 -56.61 -8.35
C TRP B 420 4.91 -57.04 -6.89
N HIS B 421 5.02 -56.09 -5.96
CA HIS B 421 4.86 -56.41 -4.55
C HIS B 421 3.41 -56.23 -4.11
N ARG C 20 9.78 -38.06 42.37
CA ARG C 20 9.11 -38.80 41.30
C ARG C 20 9.52 -38.29 39.92
N MET C 21 10.73 -38.65 39.48
CA MET C 21 11.33 -38.07 38.26
C MET C 21 10.72 -38.56 36.94
N VAL C 22 11.07 -37.89 35.85
CA VAL C 22 10.62 -38.22 34.50
C VAL C 22 11.84 -38.24 33.58
N ILE C 23 11.83 -39.09 32.56
CA ILE C 23 12.91 -39.06 31.57
C ILE C 23 12.56 -38.47 30.20
N VAL C 24 12.01 -39.28 29.29
CA VAL C 24 11.96 -38.95 27.84
C VAL C 24 13.22 -38.22 27.33
N GLY C 25 14.33 -38.95 27.29
CA GLY C 25 15.62 -38.44 26.86
C GLY C 25 15.58 -37.78 25.50
N LYS C 26 16.54 -36.89 25.21
CA LYS C 26 17.65 -36.56 26.09
C LYS C 26 17.24 -35.60 27.20
N ILE C 27 16.06 -35.02 27.05
CA ILE C 27 15.47 -34.17 28.07
C ILE C 27 15.20 -35.00 29.33
N SER C 28 15.00 -34.33 30.46
CA SER C 28 14.74 -34.98 31.74
C SER C 28 14.35 -33.88 32.70
N PHE C 29 13.45 -34.18 33.62
CA PHE C 29 13.03 -33.19 34.61
C PHE C 29 12.32 -33.84 35.79
N CYS C 30 12.26 -33.09 36.89
CA CYS C 30 11.51 -33.48 38.06
C CYS C 30 10.23 -32.65 38.13
N PRO C 31 9.07 -33.30 37.93
CA PRO C 31 7.75 -32.64 37.83
C PRO C 31 7.45 -31.70 38.97
N LYS C 32 8.09 -31.90 40.12
CA LYS C 32 7.81 -31.08 41.30
C LYS C 32 8.30 -29.65 41.15
N ASP C 33 9.42 -29.46 40.48
CA ASP C 33 9.98 -28.12 40.32
C ASP C 33 9.38 -27.40 39.13
N VAL C 34 8.21 -26.80 39.33
CA VAL C 34 7.48 -26.12 38.25
C VAL C 34 7.87 -24.65 38.13
N LEU C 35 8.25 -24.24 36.92
CA LEU C 35 8.65 -22.85 36.71
C LEU C 35 7.47 -21.96 36.37
N GLY C 36 6.40 -22.53 35.81
CA GLY C 36 5.21 -21.73 35.59
C GLY C 36 4.11 -22.38 34.78
N HIS C 37 2.94 -21.75 34.77
CA HIS C 37 1.85 -22.21 33.91
C HIS C 37 1.68 -21.30 32.69
N GLY C 38 1.67 -21.92 31.52
CA GLY C 38 1.55 -21.20 30.27
C GLY C 38 0.11 -21.05 29.82
N ALA C 39 -0.09 -21.03 28.50
CA ALA C 39 -1.43 -20.88 27.92
C ALA C 39 -1.88 -22.23 27.39
N GLU C 40 -3.18 -22.49 27.46
CA GLU C 40 -3.76 -23.68 26.86
C GLU C 40 -3.16 -24.99 27.39
N GLY C 41 -3.01 -25.06 28.71
CA GLY C 41 -2.58 -26.26 29.40
C GLY C 41 -1.08 -26.40 29.59
N THR C 42 -0.33 -25.51 28.97
CA THR C 42 1.13 -25.60 28.92
C THR C 42 1.77 -25.36 30.28
N ILE C 43 2.87 -26.08 30.51
CA ILE C 43 3.58 -26.10 31.78
C ILE C 43 5.08 -25.96 31.54
N VAL C 44 5.78 -25.31 32.48
CA VAL C 44 7.25 -25.28 32.45
C VAL C 44 7.89 -25.67 33.80
N TYR C 45 8.78 -26.67 33.73
CA TYR C 45 9.55 -27.12 34.87
C TYR C 45 11.02 -26.79 34.65
N LYS C 46 11.84 -26.98 35.67
CA LYS C 46 13.28 -26.88 35.53
C LYS C 46 13.87 -28.26 35.37
N GLY C 47 14.58 -28.48 34.27
CA GLY C 47 15.14 -29.79 34.00
C GLY C 47 16.64 -29.82 33.84
N MET C 48 17.12 -30.93 33.29
CA MET C 48 18.54 -31.13 33.06
C MET C 48 18.72 -31.51 31.59
N PHE C 49 19.80 -31.04 30.98
CA PHE C 49 20.12 -31.48 29.64
C PHE C 49 21.33 -32.41 29.67
N ASP C 50 22.47 -31.93 29.16
CA ASP C 50 23.70 -32.71 29.20
C ASP C 50 23.98 -33.10 30.64
N ASN C 51 24.30 -32.10 31.45
CA ASN C 51 24.37 -32.24 32.89
C ASN C 51 24.10 -30.85 33.43
N ARG C 52 23.81 -29.95 32.50
CA ARG C 52 23.53 -28.56 32.81
C ARG C 52 22.05 -28.37 33.15
N ASP C 53 21.75 -27.24 33.78
CA ASP C 53 20.37 -26.90 34.11
C ASP C 53 19.68 -26.21 32.95
N VAL C 54 18.44 -26.62 32.68
CA VAL C 54 17.65 -26.04 31.58
C VAL C 54 16.20 -25.78 32.01
N ALA C 55 15.43 -25.12 31.15
CA ALA C 55 13.99 -24.98 31.42
C ALA C 55 13.16 -25.74 30.38
N VAL C 56 12.31 -26.67 30.84
CA VAL C 56 11.51 -27.48 29.92
C VAL C 56 10.00 -27.20 29.92
N LYS C 57 9.41 -27.13 28.73
CA LYS C 57 7.98 -26.92 28.62
C LYS C 57 7.32 -28.07 27.92
N ARG C 58 6.30 -28.63 28.57
CA ARG C 58 5.47 -29.63 27.92
C ARG C 58 4.31 -28.90 27.28
N ILE C 59 3.99 -29.30 26.05
CA ILE C 59 2.94 -28.66 25.31
C ILE C 59 2.06 -29.73 24.70
N LEU C 60 0.75 -29.52 24.79
CA LEU C 60 -0.18 -30.39 24.09
C LEU C 60 -0.06 -30.11 22.60
N PRO C 61 0.21 -31.15 21.81
CA PRO C 61 0.44 -31.03 20.37
C PRO C 61 -0.84 -30.63 19.67
N GLU C 62 -1.95 -30.97 20.32
CA GLU C 62 -3.28 -30.56 19.87
C GLU C 62 -3.40 -29.01 19.90
N CYS C 63 -2.60 -28.38 20.76
CA CYS C 63 -2.71 -26.95 21.01
C CYS C 63 -1.71 -26.10 20.22
N PHE C 64 -0.42 -26.44 20.34
CA PHE C 64 0.66 -25.64 19.76
C PHE C 64 1.48 -26.40 18.71
N SER C 65 1.57 -25.82 17.52
CA SER C 65 2.34 -26.41 16.44
C SER C 65 3.76 -25.85 16.40
N PHE C 66 4.74 -26.69 16.68
CA PHE C 66 6.14 -26.29 16.61
C PHE C 66 6.58 -26.15 15.15
N ALA C 67 7.57 -25.30 14.91
CA ALA C 67 8.12 -25.19 13.56
C ALA C 67 9.60 -25.54 13.57
N ASP C 68 9.93 -26.78 13.21
CA ASP C 68 11.30 -27.27 13.33
C ASP C 68 12.26 -26.64 12.32
N ARG C 69 11.71 -26.28 11.16
CA ARG C 69 12.49 -25.69 10.07
C ARG C 69 13.10 -24.34 10.43
N GLU C 70 12.27 -23.46 10.98
CA GLU C 70 12.71 -22.12 11.39
C GLU C 70 13.79 -22.22 12.45
N VAL C 71 13.51 -22.97 13.50
CA VAL C 71 14.46 -23.16 14.58
C VAL C 71 15.80 -23.73 14.11
N GLN C 72 15.78 -24.75 13.25
CA GLN C 72 17.05 -25.25 12.72
C GLN C 72 17.77 -24.24 11.81
N LEU C 73 17.01 -23.45 11.05
CA LEU C 73 17.60 -22.34 10.30
C LEU C 73 18.31 -21.37 11.23
N LEU C 74 17.74 -21.13 12.39
CA LEU C 74 18.42 -20.30 13.37
C LEU C 74 19.67 -21.00 13.88
N ARG C 75 19.61 -22.32 13.97
CA ARG C 75 20.78 -23.09 14.41
C ARG C 75 21.95 -22.89 13.45
N GLU C 76 21.67 -23.07 12.16
CA GLU C 76 22.72 -23.03 11.14
C GLU C 76 23.29 -21.63 10.90
N SER C 77 22.64 -20.60 11.42
CA SER C 77 23.21 -19.25 11.41
C SER C 77 23.83 -18.94 12.77
N ASP C 78 24.63 -17.87 12.81
CA ASP C 78 25.39 -17.52 14.01
C ASP C 78 24.47 -17.18 15.17
N GLU C 79 24.90 -17.48 16.38
CA GLU C 79 24.10 -17.20 17.57
C GLU C 79 24.05 -15.70 17.82
N HIS C 80 22.90 -15.21 18.28
CA HIS C 80 22.73 -13.82 18.68
C HIS C 80 22.44 -13.79 20.17
N PRO C 81 23.22 -13.00 20.91
CA PRO C 81 23.17 -13.01 22.37
C PRO C 81 21.80 -12.69 22.95
N ASN C 82 20.99 -11.89 22.26
CA ASN C 82 19.65 -11.54 22.75
C ASN C 82 18.54 -12.37 22.10
N VAL C 83 18.93 -13.48 21.48
CA VAL C 83 17.98 -14.44 20.93
C VAL C 83 18.19 -15.77 21.64
N ILE C 84 17.20 -16.19 22.43
CA ILE C 84 17.37 -17.38 23.26
C ILE C 84 17.58 -18.62 22.42
N ARG C 85 18.29 -19.57 23.00
CA ARG C 85 18.60 -20.80 22.30
C ARG C 85 17.70 -21.93 22.78
N TYR C 86 17.18 -22.67 21.80
CA TYR C 86 16.50 -23.92 22.06
C TYR C 86 17.55 -25.03 22.03
N PHE C 87 17.70 -25.74 23.13
CA PHE C 87 18.70 -26.80 23.22
C PHE C 87 18.34 -28.03 22.39
N CYS C 88 17.12 -28.53 22.55
CA CYS C 88 16.63 -29.64 21.73
C CYS C 88 15.13 -29.85 21.90
N THR C 89 14.55 -30.63 20.99
CA THR C 89 13.13 -30.98 21.06
C THR C 89 12.92 -32.48 20.90
N GLU C 90 12.13 -33.07 21.79
CA GLU C 90 11.75 -34.47 21.67
C GLU C 90 10.25 -34.61 21.72
N LYS C 91 9.74 -35.65 21.07
CA LYS C 91 8.30 -35.89 21.09
C LYS C 91 7.94 -37.07 22.01
N ASP C 92 6.97 -36.85 22.90
CA ASP C 92 6.37 -37.92 23.67
C ASP C 92 5.24 -38.50 22.83
N ARG C 93 4.56 -39.51 23.35
CA ARG C 93 3.42 -40.13 22.66
C ARG C 93 2.21 -39.22 22.69
N GLN C 94 2.23 -38.26 23.61
CA GLN C 94 1.03 -37.48 23.93
C GLN C 94 1.35 -36.01 24.15
N PHE C 95 2.64 -35.68 24.08
CA PHE C 95 3.11 -34.32 24.37
C PHE C 95 4.15 -33.88 23.35
N GLN C 96 4.70 -32.70 23.57
CA GLN C 96 5.97 -32.30 22.96
C GLN C 96 6.75 -31.50 23.99
N TYR C 97 8.06 -31.72 24.05
CA TYR C 97 8.86 -31.15 25.11
C TYR C 97 9.94 -30.21 24.56
N ILE C 98 10.18 -29.08 25.23
CA ILE C 98 11.31 -28.22 24.83
C ILE C 98 12.18 -27.70 25.99
N ALA C 99 13.50 -27.89 25.87
CA ALA C 99 14.45 -27.34 26.85
C ALA C 99 15.17 -26.11 26.30
N ILE C 100 15.16 -25.04 27.08
CA ILE C 100 15.70 -23.76 26.64
C ILE C 100 16.61 -23.21 27.73
N GLU C 101 17.48 -22.28 27.34
CA GLU C 101 18.43 -21.70 28.26
C GLU C 101 17.70 -21.17 29.49
N LEU C 102 17.95 -21.78 30.64
CA LEU C 102 17.19 -21.45 31.85
C LEU C 102 17.46 -20.04 32.32
N CYS C 103 16.40 -19.27 32.49
CA CYS C 103 16.54 -17.83 32.71
C CYS C 103 16.12 -17.38 34.10
N ALA C 104 16.50 -16.16 34.47
CA ALA C 104 16.34 -15.67 35.84
C ALA C 104 14.95 -15.16 36.08
N ALA C 105 14.44 -14.39 35.12
CA ALA C 105 13.15 -13.74 35.25
C ALA C 105 12.50 -13.50 33.90
N THR C 106 11.35 -12.83 33.95
CA THR C 106 10.66 -12.34 32.77
C THR C 106 10.56 -10.84 32.94
N LEU C 107 10.45 -10.11 31.84
CA LEU C 107 10.41 -8.65 31.85
C LEU C 107 9.48 -8.12 32.94
N GLN C 108 8.41 -8.86 33.20
CA GLN C 108 7.43 -8.47 34.20
C GLN C 108 8.05 -8.26 35.58
N GLU C 109 8.93 -9.19 35.98
CA GLU C 109 9.63 -9.03 37.24
C GLU C 109 10.52 -7.80 37.19
N TYR C 110 11.18 -7.62 36.04
CA TYR C 110 12.14 -6.54 35.88
C TYR C 110 11.48 -5.18 36.03
N VAL C 111 10.20 -5.12 35.70
CA VAL C 111 9.48 -3.85 35.73
C VAL C 111 8.63 -3.66 36.98
N GLU C 112 8.20 -4.77 37.59
CA GLU C 112 7.20 -4.66 38.63
C GLU C 112 7.68 -4.87 40.07
N GLN C 113 8.78 -5.59 40.23
CA GLN C 113 9.37 -5.78 41.55
C GLN C 113 10.30 -4.62 41.85
N LYS C 114 9.87 -3.71 42.71
CA LYS C 114 10.69 -2.54 43.06
C LYS C 114 12.07 -2.93 43.58
N ASP C 115 12.13 -3.99 44.37
CA ASP C 115 13.39 -4.53 44.85
C ASP C 115 13.69 -5.83 44.10
N PHE C 116 13.95 -5.72 42.80
CA PHE C 116 14.19 -6.90 41.96
C PHE C 116 15.68 -7.13 41.74
N ALA C 117 16.48 -6.12 42.05
CA ALA C 117 17.91 -6.14 41.76
C ALA C 117 18.12 -6.24 40.26
N HIS C 118 17.64 -5.21 39.57
CA HIS C 118 17.80 -5.05 38.13
C HIS C 118 19.27 -5.16 37.71
N LEU C 119 20.14 -4.55 38.51
CA LEU C 119 21.54 -4.32 38.16
C LEU C 119 22.36 -5.58 37.84
N GLY C 120 23.32 -5.45 36.92
CA GLY C 120 23.63 -4.17 36.29
C GLY C 120 23.15 -4.03 34.86
N LEU C 121 21.93 -3.54 34.69
CA LEU C 121 21.37 -3.34 33.35
C LEU C 121 20.18 -2.35 33.26
N GLU C 122 20.35 -1.37 32.38
CA GLU C 122 19.48 -0.21 32.20
C GLU C 122 18.29 -0.48 31.28
N PRO C 123 17.22 0.34 31.39
CA PRO C 123 15.99 0.02 30.66
C PRO C 123 16.17 0.17 29.16
N ILE C 124 16.79 1.28 28.78
CA ILE C 124 17.00 1.57 27.37
C ILE C 124 17.89 0.50 26.78
N THR C 125 18.89 0.08 27.56
CA THR C 125 19.79 -0.97 27.08
C THR C 125 19.00 -2.26 26.83
N LEU C 126 18.21 -2.68 27.82
CA LEU C 126 17.28 -3.80 27.72
C LEU C 126 16.49 -3.76 26.43
N LEU C 127 15.85 -2.62 26.17
CA LEU C 127 15.08 -2.46 24.94
C LEU C 127 15.95 -2.57 23.68
N HIS C 128 17.16 -2.02 23.71
CA HIS C 128 18.05 -2.12 22.55
C HIS C 128 18.42 -3.56 22.25
N GLN C 129 18.73 -4.32 23.30
CA GLN C 129 19.02 -5.75 23.16
C GLN C 129 17.81 -6.51 22.57
N THR C 130 16.63 -6.23 23.12
CA THR C 130 15.42 -6.83 22.58
C THR C 130 15.29 -6.57 21.10
N THR C 131 15.39 -5.29 20.71
CA THR C 131 15.19 -4.92 19.33
C THR C 131 16.27 -5.51 18.44
N SER C 132 17.47 -5.68 18.98
CA SER C 132 18.53 -6.30 18.22
C SER C 132 18.13 -7.74 17.90
N GLY C 133 17.93 -8.56 18.93
CA GLY C 133 17.54 -9.94 18.71
C GLY C 133 16.32 -10.14 17.82
N LEU C 134 15.31 -9.28 18.02
CA LEU C 134 14.11 -9.25 17.20
C LEU C 134 14.49 -9.00 15.74
N ALA C 135 15.39 -8.05 15.55
CA ALA C 135 15.84 -7.67 14.23
C ALA C 135 16.47 -8.88 13.59
N HIS C 136 17.22 -9.63 14.38
CA HIS C 136 17.90 -10.82 13.89
C HIS C 136 16.92 -11.91 13.43
N LEU C 137 15.85 -12.14 14.21
CA LEU C 137 14.82 -13.08 13.78
C LEU C 137 14.19 -12.63 12.47
N HIS C 138 13.84 -11.35 12.38
CA HIS C 138 13.27 -10.81 11.13
C HIS C 138 14.27 -10.87 9.98
N SER C 139 15.56 -11.01 10.31
CA SER C 139 16.61 -11.01 9.31
C SER C 139 16.65 -12.31 8.54
N LEU C 140 16.28 -13.39 9.20
CA LEU C 140 16.22 -14.71 8.56
C LEU C 140 14.82 -14.91 7.99
N ASN C 141 14.09 -13.81 7.90
CA ASN C 141 12.70 -13.80 7.48
C ASN C 141 11.82 -14.71 8.33
N ILE C 142 11.95 -14.58 9.64
CA ILE C 142 11.08 -15.28 10.58
C ILE C 142 10.43 -14.28 11.55
N VAL C 143 9.14 -14.46 11.80
CA VAL C 143 8.35 -13.53 12.61
C VAL C 143 8.04 -14.16 13.95
N HIS C 144 8.01 -13.34 14.99
CA HIS C 144 7.80 -13.85 16.34
C HIS C 144 6.32 -13.94 16.69
N ARG C 145 5.51 -13.03 16.15
CA ARG C 145 4.05 -13.09 16.30
C ARG C 145 3.51 -12.93 17.74
N ASP C 146 4.29 -13.32 18.74
CA ASP C 146 3.81 -13.22 20.11
C ASP C 146 4.82 -12.61 21.07
N LEU C 147 5.04 -11.31 20.94
CA LEU C 147 6.04 -10.61 21.76
C LEU C 147 5.39 -9.93 22.94
N LYS C 148 5.75 -10.35 24.15
CA LYS C 148 5.17 -9.80 25.36
C LYS C 148 6.18 -9.90 26.50
N PRO C 149 6.01 -9.07 27.54
CA PRO C 149 6.88 -9.08 28.71
C PRO C 149 7.22 -10.48 29.22
N HIS C 150 6.23 -11.35 29.31
CA HIS C 150 6.50 -12.71 29.76
C HIS C 150 7.40 -13.48 28.81
N ASN C 151 7.33 -13.17 27.51
CA ASN C 151 8.22 -13.80 26.53
C ASN C 151 9.46 -12.94 26.26
N ILE C 152 9.78 -12.05 27.19
CA ILE C 152 11.07 -11.37 27.18
C ILE C 152 11.77 -11.69 28.53
N LEU C 153 12.86 -12.46 28.45
CA LEU C 153 13.51 -13.04 29.62
C LEU C 153 14.85 -12.39 29.97
N LEU C 154 15.23 -12.46 31.24
CA LEU C 154 16.53 -11.98 31.69
C LEU C 154 17.45 -13.18 31.99
N SER C 155 18.71 -13.09 31.59
CA SER C 155 19.62 -14.22 31.78
C SER C 155 20.00 -14.36 33.24
N MET C 156 20.54 -15.52 33.58
CA MET C 156 21.04 -15.70 34.93
C MET C 156 22.41 -15.06 34.91
N PRO C 157 22.82 -14.46 36.04
CA PRO C 157 24.08 -13.71 36.12
C PRO C 157 25.24 -14.50 35.52
N ASN C 158 26.04 -13.88 34.67
CA ASN C 158 27.21 -14.56 34.12
C ASN C 158 28.44 -14.45 35.03
N ALA C 159 29.61 -14.68 34.45
CA ALA C 159 30.86 -14.73 35.22
C ALA C 159 31.11 -13.53 36.13
N HIS C 160 30.89 -12.31 35.61
CA HIS C 160 31.20 -11.12 36.39
C HIS C 160 29.97 -10.34 36.87
N GLY C 161 28.79 -10.93 36.75
CA GLY C 161 27.60 -10.36 37.35
C GLY C 161 26.63 -9.64 36.44
N ARG C 162 27.01 -9.45 35.19
CA ARG C 162 26.17 -8.71 34.24
C ARG C 162 25.00 -9.56 33.70
N ILE C 163 23.79 -9.00 33.81
CA ILE C 163 22.57 -9.66 33.35
C ILE C 163 22.31 -9.34 31.87
N LYS C 164 21.69 -10.25 31.13
CA LYS C 164 21.35 -10.00 29.73
C LYS C 164 19.85 -10.21 29.48
N ALA C 165 19.35 -9.74 28.33
CA ALA C 165 17.94 -9.93 27.97
C ALA C 165 17.77 -10.63 26.61
N MET C 166 16.81 -11.57 26.58
CA MET C 166 16.60 -12.44 25.44
C MET C 166 15.10 -12.57 25.11
N ILE C 167 14.79 -13.05 23.88
CA ILE C 167 13.41 -13.30 23.46
C ILE C 167 13.17 -14.80 23.25
N SER C 168 12.03 -15.29 23.74
CA SER C 168 11.71 -16.73 23.74
C SER C 168 10.36 -16.99 23.07
N ASP C 169 9.89 -18.24 23.12
CA ASP C 169 8.57 -18.62 22.58
C ASP C 169 8.38 -18.30 21.10
N PHE C 170 9.45 -17.93 20.42
CA PHE C 170 9.40 -17.67 18.98
C PHE C 170 9.42 -18.97 18.21
N GLY C 171 8.77 -18.98 17.06
CA GLY C 171 8.79 -20.14 16.19
C GLY C 171 7.71 -21.18 16.42
N LEU C 172 6.98 -21.07 17.52
CA LEU C 172 5.81 -21.93 17.67
C LEU C 172 4.51 -21.19 17.31
N CYS C 173 3.39 -21.89 17.37
CA CYS C 173 2.11 -21.30 16.98
C CYS C 173 0.92 -21.93 17.70
N LYS C 174 -0.27 -21.44 17.38
CA LYS C 174 -1.51 -21.96 17.95
C LYS C 174 -2.32 -22.66 16.87
N LYS C 175 -3.03 -23.72 17.23
CA LYS C 175 -3.83 -24.46 16.26
C LYS C 175 -5.34 -24.22 16.44
N LEU C 176 -5.87 -24.67 17.58
CA LEU C 176 -7.29 -24.58 17.98
C LEU C 176 -8.30 -24.23 16.88
N VAL C 189 -5.85 -17.80 16.97
CA VAL C 189 -5.05 -16.63 16.56
C VAL C 189 -3.82 -16.51 17.47
N PRO C 190 -2.66 -16.27 16.85
CA PRO C 190 -1.42 -16.17 17.63
C PRO C 190 -1.34 -14.85 18.36
N GLY C 191 -0.40 -14.73 19.29
CA GLY C 191 -0.24 -13.52 20.07
C GLY C 191 -1.20 -13.53 21.24
N THR C 192 -0.93 -12.74 22.27
CA THR C 192 -1.81 -12.73 23.43
C THR C 192 -2.47 -11.38 23.63
N GLU C 193 -3.67 -11.40 24.20
CA GLU C 193 -4.50 -10.21 24.31
C GLU C 193 -3.85 -9.06 25.08
N GLY C 194 -3.78 -7.92 24.43
CA GLY C 194 -3.17 -6.74 25.01
C GLY C 194 -1.92 -6.39 24.22
N TRP C 195 -1.51 -7.31 23.35
CA TRP C 195 -0.26 -7.17 22.62
C TRP C 195 -0.43 -7.47 21.13
N ILE C 196 -1.67 -7.75 20.73
CA ILE C 196 -1.93 -8.20 19.37
C ILE C 196 -2.12 -7.03 18.42
N ALA C 197 -1.30 -6.99 17.37
CA ALA C 197 -1.43 -5.95 16.37
C ALA C 197 -2.85 -5.96 15.82
N PRO C 198 -3.46 -4.77 15.66
CA PRO C 198 -4.88 -4.66 15.31
C PRO C 198 -5.26 -5.39 14.04
N GLU C 199 -4.54 -5.17 12.95
CA GLU C 199 -4.87 -5.80 11.68
C GLU C 199 -4.88 -7.35 11.74
N MET C 200 -4.20 -7.93 12.72
CA MET C 200 -4.15 -9.38 12.83
C MET C 200 -5.43 -9.95 13.39
N LEU C 201 -6.43 -9.09 13.60
CA LEU C 201 -7.78 -9.54 13.94
C LEU C 201 -8.70 -9.36 12.74
N SER C 202 -8.76 -8.14 12.21
CA SER C 202 -9.47 -7.83 10.97
C SER C 202 -10.92 -8.30 10.95
N PRO C 209 1.75 -13.31 8.47
CA PRO C 209 2.09 -12.14 9.29
C PRO C 209 3.50 -11.61 9.02
N THR C 210 3.63 -10.29 8.98
CA THR C 210 4.90 -9.66 8.68
C THR C 210 5.62 -9.13 9.92
N TYR C 211 6.74 -8.42 9.71
CA TYR C 211 7.52 -7.85 10.82
C TYR C 211 6.72 -6.80 11.61
N THR C 212 5.80 -6.15 10.90
CA THR C 212 5.04 -5.04 11.45
C THR C 212 4.25 -5.42 12.70
N VAL C 213 3.73 -6.64 12.73
CA VAL C 213 3.03 -7.17 13.90
C VAL C 213 3.92 -7.10 15.13
N ASP C 214 5.07 -7.75 15.03
CA ASP C 214 6.08 -7.74 16.08
C ASP C 214 6.49 -6.34 16.50
N ILE C 215 6.61 -5.43 15.54
CA ILE C 215 6.98 -4.06 15.91
C ILE C 215 5.86 -3.35 16.66
N PHE C 216 4.61 -3.68 16.35
CA PHE C 216 3.49 -3.12 17.11
C PHE C 216 3.60 -3.58 18.55
N SER C 217 3.74 -4.90 18.70
CA SER C 217 3.88 -5.49 20.02
C SER C 217 5.06 -4.85 20.75
N ALA C 218 6.15 -4.66 20.03
CA ALA C 218 7.37 -4.16 20.64
C ALA C 218 7.25 -2.69 21.04
N GLY C 219 6.41 -1.93 20.34
CA GLY C 219 6.17 -0.56 20.69
C GLY C 219 5.44 -0.57 22.00
N CYS C 220 4.40 -1.40 22.06
CA CYS C 220 3.70 -1.60 23.33
C CYS C 220 4.70 -1.90 24.46
N VAL C 221 5.45 -2.99 24.37
CA VAL C 221 6.36 -3.32 25.47
C VAL C 221 7.39 -2.24 25.77
N PHE C 222 7.84 -1.54 24.73
CA PHE C 222 8.70 -0.36 24.91
C PHE C 222 8.08 0.56 25.94
N TYR C 223 6.91 1.06 25.59
CA TYR C 223 6.23 1.98 26.48
C TYR C 223 6.01 1.36 27.86
N TYR C 224 5.69 0.06 27.87
CA TYR C 224 5.45 -0.65 29.12
C TYR C 224 6.64 -0.51 30.05
N VAL C 225 7.82 -0.84 29.54
CA VAL C 225 9.07 -0.72 30.27
C VAL C 225 9.30 0.70 30.75
N ILE C 226 9.32 1.64 29.81
CA ILE C 226 9.59 3.05 30.12
C ILE C 226 8.61 3.60 31.16
N SER C 227 7.31 3.38 30.95
CA SER C 227 6.29 3.85 31.88
C SER C 227 6.35 3.16 33.24
N GLU C 228 7.37 2.33 33.44
CA GLU C 228 7.49 1.55 34.66
C GLU C 228 6.22 0.81 35.04
N GLY C 229 5.48 0.34 34.03
CA GLY C 229 4.31 -0.47 34.32
C GLY C 229 3.01 -0.13 33.60
N TYR C 230 2.95 1.00 32.91
CA TYR C 230 1.72 1.33 32.19
C TYR C 230 1.76 0.86 30.74
N HIS C 231 0.61 0.39 30.28
CA HIS C 231 0.47 -0.10 28.92
C HIS C 231 -0.21 1.03 28.17
N PRO C 232 0.09 1.19 26.88
CA PRO C 232 -0.49 2.32 26.15
C PRO C 232 -1.99 2.19 25.92
N PHE C 233 -2.53 0.99 25.99
CA PHE C 233 -3.90 0.77 25.50
C PHE C 233 -5.08 0.44 26.43
N GLY C 234 -5.05 0.64 27.75
CA GLY C 234 -3.89 0.73 28.60
C GLY C 234 -4.15 -0.29 29.71
N LYS C 235 -5.31 -0.17 30.36
CA LYS C 235 -5.74 -1.15 31.35
C LYS C 235 -5.98 -2.52 30.70
N SER C 236 -5.78 -3.59 31.45
CA SER C 236 -5.72 -4.94 30.89
C SER C 236 -7.01 -5.47 30.22
N LEU C 237 -8.17 -5.08 30.74
CA LEU C 237 -9.42 -5.61 30.17
C LEU C 237 -9.81 -4.84 28.92
N GLN C 238 -9.42 -3.57 28.89
CA GLN C 238 -9.75 -2.71 27.77
C GLN C 238 -8.66 -2.70 26.70
N ARG C 239 -7.51 -3.31 26.99
CA ARG C 239 -6.35 -3.19 26.11
C ARG C 239 -6.60 -3.56 24.67
N GLN C 240 -7.02 -4.80 24.44
CA GLN C 240 -7.18 -5.28 23.08
C GLN C 240 -8.25 -4.48 22.36
N ALA C 241 -9.32 -4.17 23.07
CA ALA C 241 -10.40 -3.34 22.55
C ALA C 241 -9.86 -1.99 22.04
N ASN C 242 -9.18 -1.23 22.91
CA ASN C 242 -8.58 0.03 22.48
C ASN C 242 -7.60 -0.15 21.35
N ILE C 243 -6.91 -1.29 21.32
CA ILE C 243 -6.02 -1.54 20.21
C ILE C 243 -6.83 -1.51 18.92
N LEU C 244 -7.89 -2.31 18.86
CA LEU C 244 -8.76 -2.34 17.69
C LEU C 244 -9.43 -0.99 17.38
N LEU C 245 -9.60 -0.17 18.40
CA LEU C 245 -10.24 1.15 18.24
C LEU C 245 -9.23 2.26 17.93
N GLY C 246 -8.01 2.10 18.43
CA GLY C 246 -6.99 3.10 18.16
C GLY C 246 -6.65 4.00 19.33
N ALA C 247 -7.27 3.76 20.49
CA ALA C 247 -6.98 4.54 21.70
C ALA C 247 -5.58 4.31 22.23
N CYS C 248 -4.77 5.35 22.28
CA CYS C 248 -3.44 5.25 22.86
C CYS C 248 -3.38 6.23 24.01
N ASN C 249 -2.51 5.99 24.97
CA ASN C 249 -2.39 6.96 26.03
C ASN C 249 -1.13 7.80 25.96
N LEU C 250 0.00 7.20 26.33
CA LEU C 250 1.26 7.94 26.40
C LEU C 250 1.19 9.14 27.35
N ASP C 251 0.33 9.04 28.37
CA ASP C 251 0.14 10.16 29.27
C ASP C 251 1.35 10.33 30.20
N CYS C 252 2.26 9.35 30.20
CA CYS C 252 3.43 9.37 31.09
C CYS C 252 4.51 10.20 30.46
N PHE C 253 4.25 10.62 29.23
CA PHE C 253 5.22 11.29 28.40
C PHE C 253 4.92 12.77 28.27
N HIS C 254 5.58 13.58 29.11
CA HIS C 254 5.44 15.02 29.06
C HIS C 254 5.91 15.54 27.70
N SER C 255 5.57 16.78 27.38
CA SER C 255 5.99 17.38 26.11
C SER C 255 6.94 18.56 26.31
N ASP C 256 7.37 18.78 27.56
CA ASP C 256 8.37 19.80 27.87
C ASP C 256 9.62 19.10 28.36
N LYS C 257 9.66 17.78 28.17
CA LYS C 257 10.82 16.98 28.56
C LYS C 257 11.45 16.33 27.34
N HIS C 258 12.72 16.64 27.12
CA HIS C 258 13.45 16.17 25.94
C HIS C 258 13.43 14.65 25.73
N GLU C 259 13.84 13.94 26.78
CA GLU C 259 13.80 12.49 26.82
C GLU C 259 12.42 11.95 26.42
N ASP C 260 11.40 12.44 27.13
CA ASP C 260 10.02 12.02 26.89
C ASP C 260 9.61 12.24 25.43
N VAL C 261 10.04 13.36 24.85
CA VAL C 261 9.65 13.71 23.48
C VAL C 261 10.28 12.77 22.45
N ILE C 262 11.57 12.46 22.64
CA ILE C 262 12.21 11.47 21.79
C ILE C 262 11.48 10.12 21.86
N ALA C 263 11.39 9.59 23.08
CA ALA C 263 10.63 8.36 23.31
C ALA C 263 9.26 8.36 22.61
N ARG C 264 8.40 9.33 22.93
CA ARG C 264 7.09 9.47 22.27
C ARG C 264 7.25 9.29 20.78
N GLU C 265 8.20 10.05 20.23
CA GLU C 265 8.36 10.13 18.79
C GLU C 265 8.60 8.74 18.20
N LEU C 266 9.32 7.89 18.93
CA LEU C 266 9.53 6.52 18.47
C LEU C 266 8.34 5.60 18.68
N ILE C 267 7.91 5.49 19.94
CA ILE C 267 6.79 4.64 20.32
C ILE C 267 5.58 4.85 19.39
N GLU C 268 5.18 6.10 19.19
CA GLU C 268 4.02 6.42 18.35
C GLU C 268 4.12 5.86 16.95
N LYS C 269 5.31 5.91 16.37
CA LYS C 269 5.51 5.34 15.04
C LYS C 269 5.58 3.82 15.12
N MET C 270 5.90 3.28 16.29
CA MET C 270 5.94 1.83 16.49
C MET C 270 4.56 1.16 16.63
N ILE C 271 3.69 1.77 17.43
CA ILE C 271 2.36 1.19 17.70
C ILE C 271 1.29 1.75 16.78
N ALA C 272 1.73 2.37 15.67
CA ALA C 272 0.82 3.01 14.72
C ALA C 272 -0.16 2.01 14.14
N MET C 273 -1.41 2.42 13.98
CA MET C 273 -2.42 1.47 13.54
C MET C 273 -2.27 1.06 12.08
N ASP C 274 -1.54 1.87 11.31
CA ASP C 274 -1.25 1.53 9.93
C ASP C 274 0.10 0.84 9.82
N PRO C 275 0.11 -0.46 9.47
CA PRO C 275 1.36 -1.22 9.32
C PRO C 275 2.37 -0.55 8.41
N GLN C 276 1.88 0.14 7.39
CA GLN C 276 2.77 0.85 6.48
C GLN C 276 3.56 1.97 7.18
N GLN C 277 3.19 2.31 8.42
CA GLN C 277 3.85 3.38 9.16
C GLN C 277 4.83 2.85 10.20
N ARG C 278 4.77 1.56 10.48
CA ARG C 278 5.66 0.98 11.48
C ARG C 278 7.05 0.71 10.93
N PRO C 279 8.08 1.31 11.54
CA PRO C 279 9.48 1.19 11.14
C PRO C 279 10.05 -0.23 11.26
N SER C 280 11.06 -0.51 10.46
CA SER C 280 11.77 -1.78 10.52
C SER C 280 12.51 -1.86 11.86
N ALA C 281 12.79 -3.08 12.31
CA ALA C 281 13.47 -3.28 13.58
C ALA C 281 14.83 -2.58 13.68
N LYS C 282 15.60 -2.59 12.60
CA LYS C 282 16.89 -1.92 12.60
C LYS C 282 16.76 -0.45 12.19
N HIS C 283 15.65 -0.14 11.52
CA HIS C 283 15.23 1.24 11.36
C HIS C 283 14.98 1.78 12.77
N VAL C 284 14.41 0.94 13.65
CA VAL C 284 14.10 1.35 15.03
C VAL C 284 15.33 1.41 15.91
N LEU C 285 16.27 0.49 15.67
CA LEU C 285 17.51 0.48 16.46
C LEU C 285 18.37 1.73 16.25
N LYS C 286 18.25 2.33 15.07
CA LYS C 286 19.04 3.51 14.72
C LYS C 286 18.51 4.81 15.33
N HIS C 287 17.29 4.74 15.87
CA HIS C 287 16.60 5.89 16.44
C HIS C 287 17.43 6.61 17.49
N PRO C 288 17.25 7.94 17.59
CA PRO C 288 17.90 8.78 18.60
C PRO C 288 17.59 8.33 20.02
N PHE C 289 16.47 7.62 20.18
CA PHE C 289 16.06 7.05 21.46
C PHE C 289 17.24 6.40 22.18
N PHE C 290 18.14 5.78 21.43
CA PHE C 290 19.21 5.00 22.03
C PHE C 290 20.52 5.76 22.19
N TRP C 291 20.62 6.92 21.55
CA TRP C 291 21.89 7.65 21.46
C TRP C 291 22.48 8.01 22.82
N SER C 292 23.71 7.59 23.05
CA SER C 292 24.47 8.02 24.23
C SER C 292 24.51 9.54 24.19
N LEU C 293 24.67 10.17 25.36
CA LEU C 293 24.76 11.63 25.39
C LEU C 293 25.92 12.05 24.50
N GLU C 294 27.02 11.28 24.54
CA GLU C 294 28.12 11.54 23.65
C GLU C 294 27.59 11.64 22.22
N LYS C 295 26.70 10.72 21.83
CA LYS C 295 26.22 10.70 20.46
C LYS C 295 25.33 11.90 20.17
N GLN C 296 24.65 12.40 21.18
CA GLN C 296 23.71 13.50 20.99
C GLN C 296 24.48 14.79 20.76
N LEU C 297 25.41 15.05 21.68
CA LEU C 297 26.32 16.17 21.57
C LEU C 297 27.05 16.11 20.25
N GLN C 298 27.65 14.96 19.97
CA GLN C 298 28.41 14.78 18.73
C GLN C 298 27.51 15.09 17.54
N PHE C 299 26.23 14.79 17.69
CA PHE C 299 25.29 15.08 16.64
C PHE C 299 25.04 16.59 16.48
N PHE C 300 24.85 17.28 17.59
CA PHE C 300 24.71 18.74 17.54
C PHE C 300 25.91 19.40 16.87
N GLN C 301 27.11 19.01 17.29
CA GLN C 301 28.30 19.55 16.67
C GLN C 301 28.24 19.27 15.18
N ASP C 302 28.13 17.99 14.82
CA ASP C 302 28.15 17.58 13.41
C ASP C 302 27.16 18.37 12.54
N VAL C 303 25.96 18.58 13.06
CA VAL C 303 24.99 19.40 12.35
C VAL C 303 25.50 20.83 12.20
N SER C 304 25.90 21.47 13.31
CA SER C 304 26.32 22.87 13.27
C SER C 304 27.47 23.09 12.31
N ASP C 305 28.36 22.11 12.24
CA ASP C 305 29.43 22.12 11.27
C ASP C 305 28.85 22.07 9.87
N ARG C 306 27.96 21.11 9.64
CA ARG C 306 27.42 20.90 8.30
C ARG C 306 26.62 22.08 7.72
N ILE C 307 25.79 22.72 8.54
CA ILE C 307 24.97 23.84 8.04
C ILE C 307 25.79 25.08 7.71
N GLU C 308 27.03 25.10 8.20
CA GLU C 308 27.89 26.25 8.00
C GLU C 308 28.34 26.35 6.54
N LYS C 309 28.65 27.57 6.11
CA LYS C 309 28.97 27.86 4.71
C LYS C 309 27.83 27.50 3.76
N GLU C 310 26.59 27.76 4.20
CA GLU C 310 25.41 27.56 3.36
C GLU C 310 24.43 28.73 3.54
N ALA C 311 24.00 29.33 2.43
CA ALA C 311 23.15 30.52 2.49
C ALA C 311 21.75 30.22 3.02
N LEU C 312 21.05 31.25 3.49
CA LEU C 312 19.71 31.09 4.06
C LEU C 312 18.65 30.79 3.02
N ASP C 313 18.78 31.34 1.82
CA ASP C 313 17.82 31.05 0.76
C ASP C 313 17.79 29.56 0.44
N GLY C 314 18.87 28.86 0.78
CA GLY C 314 18.95 27.42 0.61
C GLY C 314 17.93 26.67 1.44
N PRO C 315 17.47 25.52 0.94
CA PRO C 315 16.40 24.72 1.56
C PRO C 315 16.73 24.28 2.97
N ILE C 316 17.95 23.79 3.18
CA ILE C 316 18.36 23.26 4.46
C ILE C 316 18.12 24.21 5.63
N VAL C 317 18.77 25.37 5.59
CA VAL C 317 18.69 26.33 6.68
C VAL C 317 17.28 26.91 6.87
N ARG C 318 16.56 27.10 5.77
CA ARG C 318 15.20 27.62 5.88
C ARG C 318 14.23 26.55 6.38
N GLN C 319 14.66 25.29 6.33
CA GLN C 319 13.88 24.19 6.92
C GLN C 319 14.27 24.00 8.38
N LEU C 320 15.47 24.45 8.75
CA LEU C 320 15.93 24.28 10.12
C LEU C 320 15.30 25.29 11.08
N GLU C 321 14.82 26.41 10.54
CA GLU C 321 14.13 27.41 11.35
C GLU C 321 12.64 27.39 11.04
N ARG C 322 12.24 26.32 10.36
CA ARG C 322 10.84 26.00 10.07
C ARG C 322 9.99 26.15 11.33
N GLY C 323 10.22 25.28 12.30
CA GLY C 323 9.53 25.36 13.58
C GLY C 323 10.17 26.46 14.41
N GLY C 324 11.34 26.89 13.98
CA GLY C 324 12.11 27.99 14.54
C GLY C 324 11.77 28.50 15.94
N ARG C 325 11.42 29.78 15.99
CA ARG C 325 11.04 30.46 17.22
C ARG C 325 10.52 29.59 18.36
N ALA C 326 9.52 28.77 18.09
CA ALA C 326 8.81 28.03 19.15
C ALA C 326 9.72 27.12 19.94
N VAL C 327 10.66 26.48 19.25
CA VAL C 327 11.51 25.45 19.84
C VAL C 327 12.69 26.03 20.63
N VAL C 328 13.05 27.28 20.33
CA VAL C 328 14.10 27.97 21.06
C VAL C 328 13.53 28.79 22.23
N LYS C 329 12.29 28.48 22.60
CA LYS C 329 11.61 29.19 23.69
C LYS C 329 11.58 30.69 23.45
N MET C 330 11.15 31.05 22.24
CA MET C 330 11.16 32.43 21.75
C MET C 330 12.57 33.00 21.48
N ASP C 331 13.32 33.28 22.55
CA ASP C 331 14.71 33.77 22.45
C ASP C 331 15.58 33.01 23.46
N TRP C 332 16.37 32.07 22.96
CA TRP C 332 17.14 31.18 23.84
C TRP C 332 18.08 31.88 24.81
N ARG C 333 18.59 33.04 24.40
CA ARG C 333 19.42 33.88 25.26
C ARG C 333 18.77 34.06 26.61
N GLU C 334 17.46 34.27 26.58
CA GLU C 334 16.70 34.56 27.78
C GLU C 334 16.58 33.31 28.65
N ASN C 335 16.79 32.15 28.03
CA ASN C 335 16.60 30.87 28.70
C ASN C 335 17.87 30.14 29.11
N ILE C 336 19.04 30.71 28.82
CA ILE C 336 20.30 30.12 29.24
C ILE C 336 20.81 30.81 30.48
N THR C 337 21.76 30.16 31.15
CA THR C 337 22.25 30.62 32.44
C THR C 337 22.92 31.99 32.30
N VAL C 338 22.88 32.80 33.35
CA VAL C 338 23.42 34.15 33.29
C VAL C 338 24.91 34.25 32.86
N PRO C 339 25.81 33.44 33.48
CA PRO C 339 27.21 33.41 33.06
C PRO C 339 27.35 33.25 31.55
N LEU C 340 26.62 32.29 31.02
CA LEU C 340 26.62 31.98 29.60
C LEU C 340 26.19 33.16 28.73
N GLN C 341 25.01 33.72 28.99
CA GLN C 341 24.52 34.87 28.21
C GLN C 341 25.50 36.04 28.29
N THR C 342 26.12 36.21 29.46
CA THR C 342 27.18 37.21 29.65
C THR C 342 28.34 36.96 28.70
N ASP C 343 28.76 35.70 28.60
CA ASP C 343 29.81 35.32 27.64
C ASP C 343 29.39 35.54 26.20
N LEU C 344 28.10 35.42 25.93
CA LEU C 344 27.57 35.47 24.58
C LEU C 344 27.38 36.90 24.08
N ARG C 345 27.15 37.82 25.01
CA ARG C 345 26.94 39.22 24.67
C ARG C 345 28.08 39.82 23.87
N LYS C 346 29.30 39.44 24.24
CA LYS C 346 30.51 40.04 23.70
C LYS C 346 30.67 39.93 22.18
N PHE C 347 30.49 38.72 21.64
CA PHE C 347 30.68 38.54 20.20
C PHE C 347 29.40 38.73 19.36
N ARG C 348 28.25 38.75 20.03
CA ARG C 348 26.93 38.98 19.39
C ARG C 348 26.78 38.16 18.11
N THR C 349 26.19 38.74 17.06
CA THR C 349 26.00 38.07 15.76
C THR C 349 25.21 36.77 15.92
N TYR C 350 24.61 36.60 17.09
CA TYR C 350 23.81 35.43 17.42
C TYR C 350 22.40 35.90 17.65
N LYS C 351 21.45 35.28 16.96
CA LYS C 351 20.12 35.84 16.90
C LYS C 351 19.36 35.64 18.20
N GLY C 352 19.18 34.39 18.60
CA GLY C 352 18.42 34.06 19.78
C GLY C 352 17.06 33.55 19.38
N GLY C 353 16.56 34.10 18.28
CA GLY C 353 15.37 33.57 17.65
C GLY C 353 15.78 32.53 16.64
N SER C 354 17.08 32.26 16.56
CA SER C 354 17.60 31.32 15.56
C SER C 354 18.01 29.97 16.16
N VAL C 355 17.56 28.89 15.54
CA VAL C 355 18.04 27.57 15.87
C VAL C 355 19.51 27.38 15.46
N ARG C 356 19.82 27.66 14.19
CA ARG C 356 21.16 27.46 13.62
C ARG C 356 22.25 28.14 14.45
N ASP C 357 21.91 29.34 14.94
CA ASP C 357 22.79 30.07 15.84
C ASP C 357 22.91 29.40 17.21
N LEU C 358 21.83 28.85 17.75
CA LEU C 358 21.95 28.15 19.03
C LEU C 358 22.89 26.96 18.87
N LEU C 359 22.75 26.26 17.74
CA LEU C 359 23.63 25.14 17.46
C LEU C 359 25.09 25.54 17.26
N ARG C 360 25.33 26.61 16.51
CA ARG C 360 26.70 27.00 16.25
C ARG C 360 27.34 27.57 17.51
N ALA C 361 26.52 28.10 18.41
CA ALA C 361 27.04 28.63 19.65
C ALA C 361 27.35 27.48 20.60
N MET C 362 26.53 26.43 20.53
CA MET C 362 26.80 25.23 21.31
C MET C 362 28.08 24.60 20.82
N ARG C 363 28.32 24.70 19.52
CA ARG C 363 29.53 24.15 18.91
C ARG C 363 30.77 24.97 19.23
N ASN C 364 30.60 26.29 19.34
CA ASN C 364 31.69 27.17 19.72
C ASN C 364 32.05 27.00 21.22
N LYS C 365 31.05 27.03 22.09
CA LYS C 365 31.29 26.85 23.53
C LYS C 365 31.70 25.41 23.88
N LYS C 366 31.33 24.45 23.04
CA LYS C 366 31.86 23.10 23.22
C LYS C 366 33.32 23.09 22.80
N HIS C 367 33.57 23.60 21.59
CA HIS C 367 34.90 23.51 20.98
C HIS C 367 35.99 24.27 21.73
N HIS C 368 35.67 25.43 22.30
CA HIS C 368 36.66 26.23 23.02
C HIS C 368 36.58 26.08 24.55
N TYR C 369 35.89 25.04 25.01
CA TYR C 369 35.56 24.88 26.44
C TYR C 369 36.74 25.04 27.42
N ARG C 370 37.94 24.60 27.04
CA ARG C 370 39.11 24.74 27.92
C ARG C 370 39.49 26.20 28.13
N GLU C 371 39.23 27.00 27.09
CA GLU C 371 39.65 28.40 27.07
C GLU C 371 38.59 29.38 27.61
N LEU C 372 37.40 28.87 27.94
CA LEU C 372 36.31 29.67 28.47
C LEU C 372 36.60 30.04 29.91
N PRO C 373 35.98 31.11 30.41
CA PRO C 373 36.08 31.46 31.84
C PRO C 373 35.55 30.30 32.69
N VAL C 374 35.90 30.30 33.97
CA VAL C 374 35.61 29.15 34.83
C VAL C 374 34.17 29.17 35.36
N GLU C 375 33.64 30.37 35.53
CA GLU C 375 32.26 30.56 35.94
C GLU C 375 31.33 29.83 34.98
N VAL C 376 31.61 29.95 33.69
CA VAL C 376 30.79 29.30 32.68
C VAL C 376 31.02 27.78 32.65
N GLN C 377 32.28 27.37 32.72
CA GLN C 377 32.63 25.96 32.78
C GLN C 377 31.92 25.28 33.95
N GLU C 378 31.61 26.05 34.99
CA GLU C 378 30.89 25.51 36.13
C GLU C 378 29.41 25.30 35.83
N THR C 379 28.82 26.21 35.07
CA THR C 379 27.42 26.07 34.68
C THR C 379 27.21 25.08 33.52
N LEU C 380 28.28 24.72 32.83
CA LEU C 380 28.18 23.85 31.65
C LEU C 380 28.71 22.44 31.88
N GLY C 381 29.93 22.34 32.41
CA GLY C 381 30.64 21.08 32.53
C GLY C 381 29.85 20.05 33.30
N SER C 382 30.24 18.77 33.24
CA SER C 382 31.53 18.30 32.75
C SER C 382 31.73 18.34 31.24
N ILE C 383 31.09 17.37 30.57
CA ILE C 383 31.26 16.95 29.15
C ILE C 383 31.49 15.42 29.16
N PRO C 384 30.79 14.70 28.27
CA PRO C 384 29.78 15.23 27.36
C PRO C 384 28.50 15.43 28.13
N ASP C 385 28.27 14.54 29.09
CA ASP C 385 27.02 14.41 29.80
C ASP C 385 26.39 15.71 30.30
N ASP C 386 27.01 16.33 31.30
CA ASP C 386 26.42 17.54 31.89
C ASP C 386 26.28 18.69 30.87
N PHE C 387 27.13 18.68 29.84
CA PHE C 387 27.07 19.69 28.80
C PHE C 387 25.87 19.53 27.85
N VAL C 388 25.64 18.34 27.25
CA VAL C 388 24.46 18.16 26.39
C VAL C 388 23.23 18.37 27.24
N ARG C 389 23.25 17.76 28.43
CA ARG C 389 22.11 17.86 29.33
C ARG C 389 21.76 19.31 29.59
N TYR C 390 22.79 20.15 29.75
CA TYR C 390 22.57 21.59 29.93
C TYR C 390 21.55 22.12 28.94
N PHE C 391 21.81 21.90 27.67
CA PHE C 391 20.91 22.41 26.65
C PHE C 391 19.59 21.65 26.54
N THR C 392 19.65 20.33 26.44
CA THR C 392 18.42 19.57 26.21
C THR C 392 17.42 19.78 27.34
N SER C 393 17.93 20.03 28.55
CA SER C 393 17.09 20.30 29.71
C SER C 393 16.27 21.57 29.53
N ARG C 394 16.85 22.52 28.79
CA ARG C 394 16.24 23.84 28.62
C ARG C 394 15.49 23.90 27.30
N PHE C 395 15.86 23.03 26.37
CA PHE C 395 15.23 22.99 25.06
C PHE C 395 14.83 21.57 24.70
N PRO C 396 13.70 21.15 25.27
CA PRO C 396 13.17 19.78 25.18
C PRO C 396 13.11 19.34 23.73
N HIS C 397 12.65 20.25 22.88
CA HIS C 397 12.38 19.92 21.49
C HIS C 397 13.59 20.12 20.54
N LEU C 398 14.73 20.57 21.05
CA LEU C 398 15.85 20.88 20.18
C LEU C 398 16.33 19.67 19.37
N LEU C 399 16.68 18.59 20.06
CA LEU C 399 17.12 17.36 19.40
C LEU C 399 16.10 16.94 18.35
N SER C 400 14.87 16.72 18.80
CA SER C 400 13.80 16.27 17.92
C SER C 400 13.68 17.14 16.68
N HIS C 401 13.68 18.45 16.89
CA HIS C 401 13.46 19.38 15.80
C HIS C 401 14.58 19.31 14.78
N THR C 402 15.81 19.33 15.28
CA THR C 402 16.94 19.36 14.37
C THR C 402 16.96 18.07 13.57
N TYR C 403 16.79 16.96 14.27
CA TYR C 403 16.83 15.64 13.66
C TYR C 403 15.79 15.55 12.56
N GLN C 404 14.57 16.00 12.87
CA GLN C 404 13.50 15.99 11.88
C GLN C 404 13.87 16.85 10.68
N ALA C 405 14.27 18.08 10.95
CA ALA C 405 14.67 19.00 9.89
C ALA C 405 15.77 18.41 9.01
N MET C 406 16.80 17.90 9.67
CA MET C 406 17.98 17.43 8.97
C MET C 406 17.88 15.98 8.45
N GLU C 407 16.66 15.49 8.26
CA GLU C 407 16.51 14.20 7.60
C GLU C 407 16.89 14.39 6.14
N LEU C 408 16.80 15.64 5.69
CA LEU C 408 17.13 16.02 4.33
C LEU C 408 18.57 15.68 4.01
N CYS C 409 19.46 15.86 4.99
CA CYS C 409 20.89 15.65 4.79
C CYS C 409 21.29 14.17 4.69
N ARG C 410 20.43 13.28 5.17
CA ARG C 410 20.55 11.86 4.86
C ARG C 410 20.40 11.70 3.35
N HIS C 411 21.26 10.91 2.72
CA HIS C 411 22.27 10.12 3.39
C HIS C 411 23.65 10.61 2.99
N GLU C 412 24.16 11.59 3.72
CA GLU C 412 25.51 12.07 3.48
C GLU C 412 26.45 11.21 4.31
N ARG C 413 27.70 11.14 3.88
CA ARG C 413 28.71 10.30 4.51
C ARG C 413 28.76 10.47 6.03
N LEU C 414 28.69 11.72 6.49
CA LEU C 414 28.81 12.04 7.90
C LEU C 414 27.63 11.51 8.71
N PHE C 415 26.43 11.68 8.18
CA PHE C 415 25.21 11.47 8.95
C PHE C 415 24.63 10.06 8.87
N GLN C 416 25.40 9.12 8.37
CA GLN C 416 24.87 7.76 8.24
C GLN C 416 24.80 7.03 9.58
N THR C 417 25.68 7.37 10.52
CA THR C 417 25.63 6.82 11.87
C THR C 417 24.37 7.27 12.61
N TYR C 418 23.69 8.29 12.05
CA TYR C 418 22.49 8.83 12.67
C TYR C 418 21.23 8.50 11.89
N TYR C 419 21.36 8.24 10.60
CA TYR C 419 20.20 8.02 9.73
C TYR C 419 20.15 6.67 9.04
N TRP C 420 18.94 6.18 8.86
CA TRP C 420 18.69 4.95 8.15
C TRP C 420 18.71 5.23 6.65
N HIS C 421 19.31 4.32 5.89
CA HIS C 421 19.45 4.48 4.45
C HIS C 421 18.77 3.35 3.69
N ARG D 20 1.25 84.90 43.97
CA ARG D 20 2.31 85.69 43.33
C ARG D 20 2.24 85.51 41.81
N MET D 21 1.18 86.04 41.21
CA MET D 21 0.83 85.77 39.81
C MET D 21 1.80 86.32 38.74
N VAL D 22 1.97 85.53 37.67
CA VAL D 22 2.70 85.95 36.49
C VAL D 22 1.75 86.10 35.32
N ILE D 23 1.92 87.14 34.51
CA ILE D 23 1.09 87.28 33.32
C ILE D 23 1.77 86.87 32.00
N VAL D 24 2.41 87.82 31.30
CA VAL D 24 2.76 87.68 29.87
C VAL D 24 1.60 87.04 29.07
N GLY D 25 0.44 87.73 29.14
CA GLY D 25 -0.81 87.25 28.56
C GLY D 25 -0.77 87.07 27.07
N LYS D 26 -1.70 86.26 26.53
CA LYS D 26 -2.83 85.70 27.25
C LYS D 26 -2.55 84.50 28.15
N ILE D 27 -1.31 84.01 28.15
CA ILE D 27 -0.87 82.98 29.10
C ILE D 27 -0.86 83.59 30.51
N SER D 28 -1.15 82.79 31.52
CA SER D 28 -1.10 83.23 32.91
C SER D 28 -0.88 82.03 33.83
N PHE D 29 -0.30 82.27 35.01
CA PHE D 29 -0.13 81.20 36.01
C PHE D 29 0.40 81.67 37.37
N CYS D 30 0.19 80.83 38.39
CA CYS D 30 0.80 81.03 39.71
C CYS D 30 2.02 80.13 39.88
N PRO D 31 3.22 80.72 39.88
CA PRO D 31 4.54 80.07 39.92
C PRO D 31 4.79 79.09 41.07
N LYS D 32 4.02 79.19 42.15
CA LYS D 32 4.23 78.29 43.29
C LYS D 32 3.63 76.90 43.05
N ASP D 33 2.62 76.82 42.17
CA ASP D 33 2.00 75.53 41.86
C ASP D 33 2.76 74.75 40.77
N VAL D 34 3.85 74.10 41.14
CA VAL D 34 4.66 73.38 40.17
C VAL D 34 4.13 71.98 39.91
N LEU D 35 4.06 71.63 38.63
CA LEU D 35 3.57 70.32 38.22
C LEU D 35 4.77 69.40 38.00
N GLY D 36 5.95 69.99 37.85
CA GLY D 36 7.12 69.14 37.84
C GLY D 36 8.29 69.57 36.97
N HIS D 37 9.48 69.13 37.35
CA HIS D 37 10.68 69.52 36.64
C HIS D 37 10.83 68.73 35.34
N GLY D 38 11.18 69.45 34.26
CA GLY D 38 11.45 68.82 32.99
C GLY D 38 12.92 68.53 32.81
N ALA D 39 13.38 68.68 31.56
CA ALA D 39 14.79 68.48 31.24
C ALA D 39 15.40 69.84 30.96
N GLU D 40 16.68 69.97 31.29
CA GLU D 40 17.43 71.21 31.01
C GLU D 40 16.80 72.50 31.55
N GLY D 41 16.27 72.43 32.77
CA GLY D 41 15.78 73.61 33.47
C GLY D 41 14.33 73.97 33.17
N THR D 42 13.61 73.05 32.55
CA THR D 42 12.22 73.30 32.23
C THR D 42 11.30 72.93 33.39
N ILE D 43 10.38 73.82 33.74
CA ILE D 43 9.49 73.60 34.87
C ILE D 43 8.03 73.74 34.44
N VAL D 44 7.19 72.78 34.83
CA VAL D 44 5.77 72.78 34.45
C VAL D 44 4.86 73.17 35.60
N TYR D 45 3.91 74.08 35.31
CA TYR D 45 3.02 74.69 36.28
C TYR D 45 1.54 74.48 35.97
N LYS D 46 0.72 74.58 37.00
CA LYS D 46 -0.71 74.70 36.81
C LYS D 46 -1.10 76.15 37.00
N GLY D 47 -1.75 76.72 36.00
CA GLY D 47 -2.30 78.05 36.13
C GLY D 47 -3.69 78.11 35.50
N MET D 48 -4.01 79.27 34.96
CA MET D 48 -5.30 79.52 34.31
C MET D 48 -5.12 79.90 32.84
N PHE D 49 -6.21 79.91 32.10
CA PHE D 49 -6.18 80.53 30.78
C PHE D 49 -7.25 81.63 30.73
N ASP D 50 -8.42 81.29 30.21
CA ASP D 50 -9.57 82.16 30.33
C ASP D 50 -10.02 82.11 31.77
N ASN D 51 -10.35 80.91 32.24
CA ASN D 51 -10.62 80.66 33.65
C ASN D 51 -10.56 79.17 33.96
N ARG D 52 -10.35 78.37 32.92
CA ARG D 52 -10.15 76.94 33.11
C ARG D 52 -8.73 76.71 33.62
N ASP D 53 -8.52 75.61 34.34
CA ASP D 53 -7.19 75.26 34.80
C ASP D 53 -6.39 74.71 33.62
N VAL D 54 -5.11 75.07 33.55
CA VAL D 54 -4.30 74.73 32.37
C VAL D 54 -2.89 74.44 32.86
N ALA D 55 -2.12 73.66 32.10
CA ALA D 55 -0.69 73.56 32.38
C ALA D 55 0.08 74.59 31.56
N VAL D 56 1.16 75.09 32.13
CA VAL D 56 2.02 76.05 31.46
C VAL D 56 3.47 75.69 31.70
N LYS D 57 4.17 75.45 30.61
CA LYS D 57 5.54 75.01 30.67
C LYS D 57 6.40 76.19 30.26
N ARG D 58 7.28 76.62 31.18
CA ARG D 58 8.23 77.69 30.86
C ARG D 58 9.53 77.06 30.39
N ILE D 59 9.93 77.42 29.17
CA ILE D 59 11.16 76.89 28.60
C ILE D 59 12.20 77.99 28.35
N LEU D 60 13.42 77.71 28.76
CA LEU D 60 14.55 78.54 28.39
C LEU D 60 14.75 78.33 26.90
N PRO D 61 14.57 79.40 26.08
CA PRO D 61 14.59 79.30 24.62
C PRO D 61 15.98 78.94 24.09
N GLU D 62 16.96 79.03 24.98
CA GLU D 62 18.35 78.76 24.64
C GLU D 62 18.62 77.24 24.56
N CYS D 63 17.71 76.45 25.12
CA CYS D 63 17.85 75.00 25.07
C CYS D 63 16.85 74.40 24.07
N PHE D 64 15.63 74.92 24.08
CA PHE D 64 14.49 74.33 23.35
C PHE D 64 14.02 75.13 22.14
N SER D 65 13.82 74.45 21.01
CA SER D 65 13.26 75.08 19.82
C SER D 65 11.85 74.59 19.53
N PHE D 66 10.87 75.37 19.97
CA PHE D 66 9.46 75.14 19.67
C PHE D 66 9.23 75.30 18.16
N ALA D 67 8.39 74.44 17.59
CA ALA D 67 8.00 74.57 16.18
C ALA D 67 6.50 74.85 16.02
N ASP D 68 6.12 76.11 16.23
CA ASP D 68 4.73 76.55 16.14
C ASP D 68 4.02 76.09 14.86
N ARG D 69 4.77 76.10 13.75
CA ARG D 69 4.27 75.68 12.45
C ARG D 69 3.68 74.27 12.50
N GLU D 70 4.38 73.37 13.18
CA GLU D 70 3.91 72.00 13.30
C GLU D 70 2.57 71.97 14.05
N VAL D 71 2.51 72.61 15.21
CA VAL D 71 1.29 72.64 16.01
C VAL D 71 0.12 73.25 15.25
N GLN D 72 0.43 74.19 14.36
CA GLN D 72 -0.59 74.92 13.61
C GLN D 72 -1.13 74.14 12.42
N LEU D 73 -0.26 73.38 11.75
CA LEU D 73 -0.73 72.41 10.79
C LEU D 73 -1.61 71.39 11.52
N LEU D 74 -1.26 71.07 12.76
CA LEU D 74 -2.04 70.12 13.54
C LEU D 74 -3.43 70.60 13.94
N ARG D 75 -3.53 71.87 14.32
CA ARG D 75 -4.81 72.44 14.75
C ARG D 75 -5.69 72.83 13.56
N GLU D 76 -5.11 72.81 12.36
CA GLU D 76 -5.86 72.96 11.13
C GLU D 76 -6.52 71.65 10.74
N SER D 77 -6.08 70.56 11.35
CA SER D 77 -6.70 69.26 11.10
C SER D 77 -7.62 68.87 12.24
N ASP D 78 -8.45 67.86 11.98
CA ASP D 78 -9.45 67.41 12.94
C ASP D 78 -8.77 67.03 14.26
N GLU D 79 -9.37 67.43 15.37
CA GLU D 79 -8.77 67.20 16.69
C GLU D 79 -8.74 65.73 17.07
N HIS D 80 -7.56 65.19 17.33
CA HIS D 80 -7.44 63.81 17.77
C HIS D 80 -7.45 63.73 19.30
N PRO D 81 -8.37 62.93 19.86
CA PRO D 81 -8.65 62.77 21.29
C PRO D 81 -7.55 62.06 22.08
N ASN D 82 -6.53 61.54 21.41
CA ASN D 82 -5.40 60.92 22.11
C ASN D 82 -4.10 61.68 21.86
N VAL D 83 -4.27 62.88 21.30
CA VAL D 83 -3.19 63.82 21.12
C VAL D 83 -3.58 65.05 21.90
N ILE D 84 -2.72 65.46 22.82
CA ILE D 84 -3.03 66.59 23.69
C ILE D 84 -3.05 67.89 22.90
N ARG D 85 -3.61 68.93 23.50
CA ARG D 85 -3.88 70.16 22.78
C ARG D 85 -3.01 71.34 23.21
N TYR D 86 -2.55 72.11 22.22
CA TYR D 86 -1.81 73.34 22.48
C TYR D 86 -2.70 74.56 22.23
N PHE D 87 -3.22 75.12 23.31
CA PHE D 87 -4.02 76.33 23.25
C PHE D 87 -3.23 77.43 22.56
N CYS D 88 -2.19 77.93 23.23
CA CYS D 88 -1.34 78.94 22.61
C CYS D 88 0.06 79.00 23.21
N THR D 89 0.96 79.66 22.47
CA THR D 89 2.33 79.86 22.92
C THR D 89 2.61 81.34 23.02
N GLU D 90 3.41 81.73 24.02
CA GLU D 90 3.76 83.14 24.16
C GLU D 90 5.16 83.37 24.70
N LYS D 91 5.93 84.14 23.95
CA LYS D 91 7.34 84.35 24.22
C LYS D 91 7.58 85.50 25.21
N ASP D 92 8.42 85.23 26.21
CA ASP D 92 8.88 86.23 27.16
C ASP D 92 10.17 86.85 26.60
N ARG D 93 10.68 87.90 27.24
CA ARG D 93 11.92 88.52 26.80
C ARG D 93 13.07 87.53 26.87
N GLN D 94 13.08 86.72 27.92
CA GLN D 94 14.16 85.77 28.18
C GLN D 94 13.67 84.32 28.22
N PHE D 95 12.36 84.12 28.05
CA PHE D 95 11.73 82.80 28.14
C PHE D 95 10.79 82.49 26.98
N GLN D 96 10.20 81.30 27.01
CA GLN D 96 9.02 81.01 26.19
C GLN D 96 7.99 80.22 27.01
N TYR D 97 6.71 80.45 26.74
CA TYR D 97 5.64 79.84 27.53
C TYR D 97 4.71 79.02 26.66
N ILE D 98 4.33 77.84 27.14
CA ILE D 98 3.41 76.99 26.38
C ILE D 98 2.28 76.38 27.22
N ALA D 99 1.04 76.55 26.75
CA ALA D 99 -0.16 76.04 27.44
C ALA D 99 -0.64 74.67 26.94
N ILE D 100 -0.75 73.70 27.84
CA ILE D 100 -1.26 72.37 27.49
C ILE D 100 -2.41 71.91 28.38
N GLU D 101 -3.29 71.10 27.80
CA GLU D 101 -4.44 70.55 28.51
C GLU D 101 -3.99 69.93 29.83
N LEU D 102 -4.64 70.32 30.92
CA LEU D 102 -4.26 69.88 32.27
C LEU D 102 -4.58 68.42 32.55
N CYS D 103 -3.53 67.60 32.62
CA CYS D 103 -3.72 66.17 32.83
C CYS D 103 -3.54 65.76 34.29
N ALA D 104 -4.03 64.58 34.61
CA ALA D 104 -3.97 64.07 35.97
C ALA D 104 -2.68 63.30 36.23
N ALA D 105 -2.14 62.63 35.21
CA ALA D 105 -0.95 61.79 35.41
C ALA D 105 -0.10 61.46 34.16
N THR D 106 0.99 60.73 34.40
CA THR D 106 1.82 60.19 33.33
C THR D 106 1.83 58.68 33.50
N LEU D 107 1.98 57.95 32.38
CA LEU D 107 2.02 56.49 32.38
C LEU D 107 2.68 55.92 33.62
N GLN D 108 3.76 56.58 34.01
CA GLN D 108 4.56 56.15 35.15
C GLN D 108 3.76 56.08 36.45
N GLU D 109 2.85 57.05 36.62
CA GLU D 109 2.03 57.04 37.81
C GLU D 109 1.12 55.83 37.77
N TYR D 110 0.48 55.63 36.61
CA TYR D 110 -0.39 54.48 36.32
C TYR D 110 0.30 53.20 36.75
N VAL D 111 1.51 53.03 36.29
CA VAL D 111 2.17 51.75 36.41
C VAL D 111 2.76 51.51 37.80
N GLU D 112 3.42 52.52 38.36
CA GLU D 112 4.23 52.28 39.56
C GLU D 112 3.53 52.44 40.91
N GLN D 113 2.56 53.34 41.00
CA GLN D 113 1.85 53.49 42.26
C GLN D 113 0.74 52.45 42.34
N LYS D 114 0.92 51.48 43.24
CA LYS D 114 -0.03 50.38 43.42
C LYS D 114 -1.48 50.82 43.57
N ASP D 115 -1.69 51.94 44.25
CA ASP D 115 -3.01 52.49 44.44
C ASP D 115 -3.21 53.70 43.54
N PHE D 116 -3.31 53.47 42.23
CA PHE D 116 -3.47 54.59 41.30
C PHE D 116 -4.93 54.88 40.97
N ALA D 117 -5.78 53.86 41.03
CA ALA D 117 -7.19 53.96 40.64
C ALA D 117 -7.31 54.27 39.15
N HIS D 118 -7.66 53.26 38.36
CA HIS D 118 -7.46 53.35 36.91
C HIS D 118 -8.41 54.24 36.08
N LEU D 119 -9.74 54.14 36.23
CA LEU D 119 -10.42 53.12 37.03
C LEU D 119 -10.68 51.77 36.32
N GLY D 120 -11.17 51.75 35.07
CA GLY D 120 -11.47 52.90 34.24
C GLY D 120 -11.08 52.68 32.79
N LEU D 121 -9.81 52.37 32.56
CA LEU D 121 -9.32 52.05 31.21
C LEU D 121 -8.24 50.96 31.21
N GLU D 122 -8.40 49.97 30.34
CA GLU D 122 -7.49 48.85 30.26
C GLU D 122 -6.14 49.25 29.64
N PRO D 123 -5.06 48.55 30.02
CA PRO D 123 -3.71 48.81 29.53
C PRO D 123 -3.57 48.65 28.01
N ILE D 124 -4.13 47.57 27.46
CA ILE D 124 -4.04 47.31 26.03
C ILE D 124 -4.73 48.43 25.27
N THR D 125 -5.82 48.93 25.85
CA THR D 125 -6.56 50.06 25.29
C THR D 125 -5.72 51.32 25.37
N LEU D 126 -4.91 51.44 26.43
CA LEU D 126 -4.01 52.57 26.61
C LEU D 126 -3.02 52.60 25.46
N LEU D 127 -2.44 51.43 25.19
CA LEU D 127 -1.55 51.27 24.04
C LEU D 127 -2.23 51.62 22.72
N HIS D 128 -3.45 51.10 22.52
CA HIS D 128 -4.20 51.46 21.31
C HIS D 128 -4.32 52.96 21.18
N GLN D 129 -4.79 53.61 22.25
CA GLN D 129 -4.95 55.06 22.32
C GLN D 129 -3.68 55.78 21.91
N THR D 130 -2.57 55.34 22.50
CA THR D 130 -1.29 55.98 22.26
C THR D 130 -0.83 55.86 20.81
N THR D 131 -0.73 54.63 20.31
CA THR D 131 -0.24 54.42 18.94
C THR D 131 -1.20 55.02 17.92
N SER D 132 -2.45 55.20 18.31
CA SER D 132 -3.41 55.86 17.44
C SER D 132 -3.04 57.35 17.36
N GLY D 133 -2.87 57.99 18.52
CA GLY D 133 -2.43 59.38 18.53
C GLY D 133 -1.18 59.57 17.70
N LEU D 134 -0.21 58.68 17.92
CA LEU D 134 1.04 58.68 17.18
C LEU D 134 0.79 58.54 15.68
N ALA D 135 -0.17 57.67 15.34
CA ALA D 135 -0.53 57.44 13.95
C ALA D 135 -1.01 58.74 13.33
N HIS D 136 -1.86 59.45 14.06
CA HIS D 136 -2.36 60.74 13.62
C HIS D 136 -1.19 61.70 13.42
N LEU D 137 -0.20 61.63 14.31
CA LEU D 137 0.98 62.47 14.16
C LEU D 137 1.79 62.12 12.91
N HIS D 138 1.78 60.84 12.56
CA HIS D 138 2.58 60.34 11.43
C HIS D 138 1.95 60.63 10.07
N SER D 139 0.61 60.55 10.01
CA SER D 139 -0.11 60.82 8.77
C SER D 139 0.19 62.23 8.27
N LEU D 140 0.19 63.18 9.20
CA LEU D 140 0.46 64.58 8.87
C LEU D 140 1.96 64.86 8.64
N ASN D 141 2.75 63.79 8.47
CA ASN D 141 4.19 63.91 8.26
C ASN D 141 4.95 64.60 9.39
N ILE D 142 4.49 64.42 10.62
CA ILE D 142 5.19 64.96 11.78
C ILE D 142 5.74 63.85 12.69
N VAL D 143 7.03 63.95 13.00
CA VAL D 143 7.67 63.00 13.89
C VAL D 143 7.78 63.57 15.29
N HIS D 144 7.53 62.74 16.29
CA HIS D 144 7.51 63.17 17.67
C HIS D 144 8.91 63.23 18.31
N ARG D 145 9.79 62.32 17.86
CA ARG D 145 11.20 62.28 18.29
C ARG D 145 11.45 61.79 19.72
N ASP D 146 10.72 62.33 20.69
CA ASP D 146 10.89 61.89 22.08
C ASP D 146 9.63 61.32 22.71
N LEU D 147 9.30 60.06 22.38
CA LEU D 147 8.21 59.37 23.05
C LEU D 147 8.74 58.71 24.33
N LYS D 148 7.95 58.77 25.40
CA LYS D 148 8.34 58.19 26.68
C LYS D 148 7.11 58.16 27.57
N PRO D 149 7.17 57.49 28.73
CA PRO D 149 6.06 57.48 29.69
C PRO D 149 5.65 58.84 30.25
N HIS D 150 6.64 59.64 30.64
CA HIS D 150 6.40 61.00 31.14
C HIS D 150 5.78 61.89 30.08
N ASN D 151 5.75 61.40 28.86
CA ASN D 151 5.35 62.14 27.69
C ASN D 151 3.99 61.64 27.22
N ILE D 152 3.49 60.61 27.89
CA ILE D 152 2.15 60.07 27.64
C ILE D 152 1.33 60.30 28.90
N LEU D 153 0.18 60.95 28.73
CA LEU D 153 -0.57 61.53 29.85
C LEU D 153 -1.99 60.99 30.03
N LEU D 154 -2.35 60.74 31.27
CA LEU D 154 -3.72 60.43 31.66
C LEU D 154 -4.47 61.70 32.04
N SER D 155 -5.55 61.99 31.31
CA SER D 155 -6.33 63.20 31.51
C SER D 155 -7.12 63.18 32.82
N MET D 156 -7.92 64.23 33.04
CA MET D 156 -8.76 64.31 34.23
C MET D 156 -10.04 63.53 33.99
N PRO D 157 -10.56 62.84 35.03
CA PRO D 157 -11.80 62.06 34.94
C PRO D 157 -12.91 62.83 34.21
N ASN D 158 -13.78 62.10 33.52
CA ASN D 158 -14.87 62.72 32.78
C ASN D 158 -16.12 62.88 33.64
N ALA D 159 -17.23 63.27 33.01
CA ALA D 159 -18.48 63.51 33.72
C ALA D 159 -18.94 62.32 34.56
N HIS D 160 -18.66 61.11 34.07
CA HIS D 160 -19.07 59.89 34.77
C HIS D 160 -17.88 59.09 35.27
N GLY D 161 -16.68 59.66 35.15
CA GLY D 161 -15.49 59.09 35.76
C GLY D 161 -14.47 58.44 34.85
N ARG D 162 -14.68 58.53 33.54
CA ARG D 162 -13.77 57.86 32.60
C ARG D 162 -12.45 58.61 32.35
N ILE D 163 -11.36 57.85 32.35
CA ILE D 163 -10.01 58.37 32.16
C ILE D 163 -9.50 58.11 30.72
N LYS D 164 -8.70 59.02 30.18
CA LYS D 164 -8.19 58.88 28.81
C LYS D 164 -6.64 58.94 28.75
N ALA D 165 -6.06 58.80 27.56
CA ALA D 165 -4.63 59.02 27.37
C ALA D 165 -4.30 59.84 26.11
N MET D 166 -3.38 60.79 26.25
CA MET D 166 -2.93 61.63 25.15
C MET D 166 -1.41 61.68 25.04
N ILE D 167 -0.90 62.06 23.86
CA ILE D 167 0.55 62.30 23.72
C ILE D 167 0.89 63.80 23.78
N SER D 168 2.01 64.16 24.40
CA SER D 168 2.38 65.58 24.61
C SER D 168 3.86 65.89 24.30
N ASP D 169 4.28 67.12 24.60
CA ASP D 169 5.66 67.59 24.32
C ASP D 169 6.12 67.37 22.88
N PHE D 170 5.16 67.22 21.97
CA PHE D 170 5.44 66.92 20.57
C PHE D 170 5.68 68.17 19.72
N GLY D 171 6.59 68.10 18.76
CA GLY D 171 6.85 69.24 17.89
C GLY D 171 7.97 70.16 18.34
N LEU D 172 8.38 70.09 19.61
CA LEU D 172 9.51 70.87 20.09
C LEU D 172 10.81 70.05 20.01
N CYS D 173 11.93 70.70 19.67
CA CYS D 173 13.21 69.98 19.56
C CYS D 173 14.37 70.64 20.32
N LYS D 174 15.59 70.12 20.12
CA LYS D 174 16.76 70.55 20.91
C LYS D 174 17.93 71.09 20.07
N LYS D 175 18.50 72.22 20.48
CA LYS D 175 19.55 72.89 19.69
C LYS D 175 20.97 72.46 20.09
N LEU D 176 21.49 73.04 21.17
CA LEU D 176 22.78 72.63 21.71
C LEU D 176 22.76 72.53 23.23
N VAL D 189 21.53 65.88 21.27
CA VAL D 189 20.77 64.87 20.55
C VAL D 189 19.29 64.95 20.91
N PRO D 190 18.43 64.86 19.89
CA PRO D 190 16.99 64.80 20.18
C PRO D 190 16.62 63.46 20.81
N GLY D 191 15.55 63.45 21.59
CA GLY D 191 15.13 62.24 22.30
C GLY D 191 15.62 62.20 23.73
N THR D 192 15.48 61.05 24.36
CA THR D 192 15.78 60.92 25.78
C THR D 192 16.48 59.60 26.09
N GLU D 193 17.58 59.69 26.82
CA GLU D 193 18.40 58.53 27.20
C GLU D 193 17.53 57.44 27.81
N GLY D 194 17.50 56.29 27.14
CA GLY D 194 16.72 55.16 27.58
C GLY D 194 15.64 54.79 26.59
N TRP D 195 15.35 55.71 25.67
CA TRP D 195 14.20 55.58 24.78
C TRP D 195 14.58 56.02 23.37
N ILE D 196 15.88 56.19 23.15
CA ILE D 196 16.34 56.67 21.85
C ILE D 196 16.55 55.50 20.92
N ALA D 197 15.95 55.56 19.74
CA ALA D 197 16.26 54.60 18.69
C ALA D 197 17.74 54.77 18.31
N PRO D 198 18.44 53.65 18.08
CA PRO D 198 19.90 53.65 17.90
C PRO D 198 20.37 54.64 16.84
N GLU D 199 19.78 54.58 15.65
CA GLU D 199 20.29 55.35 14.51
C GLU D 199 20.23 56.89 14.63
N MET D 200 19.50 57.39 15.63
CA MET D 200 19.47 58.84 15.90
C MET D 200 20.76 59.27 16.58
N LEU D 201 21.62 58.29 16.85
CA LEU D 201 22.94 58.55 17.41
C LEU D 201 24.00 58.43 16.31
N SER D 202 24.16 57.23 15.76
CA SER D 202 25.04 57.00 14.61
C SER D 202 26.48 57.47 14.85
N PRO D 209 15.55 61.93 9.69
CA PRO D 209 15.01 60.69 10.29
C PRO D 209 13.51 60.56 10.05
N THR D 210 12.95 59.37 10.27
CA THR D 210 11.54 59.12 9.99
C THR D 210 10.73 58.64 11.19
N TYR D 211 9.55 58.09 10.94
CA TYR D 211 8.61 57.73 12.00
C TYR D 211 9.04 56.50 12.78
N THR D 212 9.91 55.71 12.16
CA THR D 212 10.33 54.46 12.74
C THR D 212 10.91 54.63 14.14
N VAL D 213 11.60 55.76 14.34
CA VAL D 213 12.18 56.08 15.64
C VAL D 213 11.08 56.14 16.71
N ASP D 214 9.95 56.72 16.33
CA ASP D 214 8.78 56.74 17.18
C ASP D 214 8.25 55.34 17.37
N ILE D 215 8.26 54.53 16.32
CA ILE D 215 7.79 53.14 16.46
C ILE D 215 8.62 52.41 17.50
N PHE D 216 9.90 52.77 17.57
CA PHE D 216 10.85 52.14 18.47
C PHE D 216 10.61 52.54 19.92
N SER D 217 10.61 53.84 20.17
CA SER D 217 10.23 54.34 21.48
C SER D 217 8.93 53.64 21.89
N ALA D 218 7.99 53.58 20.94
CA ALA D 218 6.69 52.96 21.17
C ALA D 218 6.81 51.53 21.67
N GLY D 219 7.58 50.69 20.98
CA GLY D 219 7.74 49.32 21.42
C GLY D 219 8.31 49.24 22.82
N CYS D 220 9.28 50.11 23.09
CA CYS D 220 9.85 50.18 24.43
C CYS D 220 8.73 50.39 25.46
N VAL D 221 8.03 51.53 25.38
CA VAL D 221 6.96 51.81 26.33
C VAL D 221 5.90 50.70 26.37
N PHE D 222 5.59 50.15 25.20
CA PHE D 222 4.72 48.99 25.05
C PHE D 222 5.06 47.94 26.08
N TYR D 223 6.27 47.38 25.93
CA TYR D 223 6.68 46.32 26.84
C TYR D 223 6.71 46.85 28.26
N TYR D 224 7.02 48.14 28.41
CA TYR D 224 7.09 48.75 29.73
C TYR D 224 5.77 48.59 30.48
N VAL D 225 4.68 49.09 29.88
CA VAL D 225 3.38 49.01 30.51
C VAL D 225 2.90 47.56 30.64
N ILE D 226 3.09 46.74 29.61
CA ILE D 226 2.63 45.34 29.69
C ILE D 226 3.28 44.59 30.86
N SER D 227 4.56 44.88 31.10
CA SER D 227 5.32 44.24 32.15
C SER D 227 5.18 44.93 33.51
N GLU D 228 4.29 45.92 33.58
CA GLU D 228 4.01 46.67 34.81
C GLU D 228 5.25 47.15 35.59
N GLY D 229 6.27 47.61 34.87
CA GLY D 229 7.44 48.20 35.49
C GLY D 229 8.80 47.65 35.08
N TYR D 230 8.89 47.04 33.90
CA TYR D 230 10.16 46.58 33.34
C TYR D 230 10.45 47.21 31.98
N HIS D 231 11.73 47.43 31.70
CA HIS D 231 12.15 47.96 30.41
C HIS D 231 12.80 46.83 29.64
N PRO D 232 12.62 46.83 28.31
CA PRO D 232 13.25 45.81 27.45
C PRO D 232 14.78 45.81 27.46
N PHE D 233 15.41 46.95 27.76
CA PHE D 233 16.85 47.09 27.55
C PHE D 233 17.91 47.15 28.69
N GLY D 234 17.57 47.13 29.99
CA GLY D 234 16.25 47.08 30.56
C GLY D 234 16.34 47.75 31.92
N LYS D 235 17.56 47.91 32.40
CA LYS D 235 17.81 48.73 33.57
C LYS D 235 18.42 50.08 33.14
N SER D 236 18.07 51.13 33.87
CA SER D 236 18.44 52.50 33.50
C SER D 236 19.90 52.76 33.05
N LEU D 237 20.87 52.55 33.94
CA LEU D 237 22.25 52.92 33.64
C LEU D 237 22.82 52.17 32.43
N GLN D 238 22.22 51.04 32.11
CA GLN D 238 22.74 50.20 31.03
C GLN D 238 21.87 50.27 29.79
N ARG D 239 20.75 50.98 29.90
CA ARG D 239 19.69 50.96 28.87
C ARG D 239 20.12 51.40 27.48
N GLN D 240 20.55 52.65 27.34
CA GLN D 240 20.84 53.18 26.01
C GLN D 240 22.08 52.49 25.45
N ALA D 241 23.00 52.18 26.36
CA ALA D 241 24.15 51.37 26.01
C ALA D 241 23.68 50.07 25.34
N ASN D 242 22.81 49.34 26.02
CA ASN D 242 22.25 48.10 25.48
C ASN D 242 21.49 48.27 24.16
N ILE D 243 20.80 49.41 24.00
CA ILE D 243 20.07 49.71 22.77
C ILE D 243 21.04 49.84 21.61
N LEU D 244 22.22 50.40 21.87
CA LEU D 244 23.25 50.42 20.84
C LEU D 244 23.90 49.05 20.67
N LEU D 245 23.81 48.21 21.70
CA LEU D 245 24.35 46.84 21.62
C LEU D 245 23.36 45.88 20.97
N GLY D 246 22.08 46.03 21.29
CA GLY D 246 21.06 45.16 20.76
C GLY D 246 20.40 44.27 21.81
N ALA D 247 20.91 44.37 23.03
CA ALA D 247 20.42 43.60 24.17
C ALA D 247 18.90 43.68 24.36
N CYS D 248 18.22 42.55 24.30
CA CYS D 248 16.79 42.53 24.59
C CYS D 248 16.48 41.55 25.70
N ASN D 249 15.62 41.96 26.63
CA ASN D 249 15.22 41.01 27.66
C ASN D 249 13.88 40.31 27.42
N LEU D 250 12.77 41.05 27.48
CA LEU D 250 11.43 40.47 27.32
C LEU D 250 11.24 39.21 28.20
N ASP D 251 11.77 39.25 29.41
CA ASP D 251 11.84 38.08 30.27
C ASP D 251 10.51 37.67 30.88
N CYS D 252 9.56 38.58 30.94
CA CYS D 252 8.27 38.31 31.57
C CYS D 252 7.28 37.75 30.56
N PHE D 253 7.71 37.67 29.31
CA PHE D 253 6.90 37.12 28.23
C PHE D 253 7.22 35.65 28.02
N HIS D 254 6.48 34.78 28.69
CA HIS D 254 6.81 33.36 28.69
C HIS D 254 6.48 32.69 27.36
N SER D 255 6.89 31.44 27.20
CA SER D 255 6.63 30.71 25.97
C SER D 255 5.55 29.65 26.18
N ASP D 256 5.12 29.52 27.44
CA ASP D 256 4.06 28.60 27.78
C ASP D 256 2.71 29.33 27.97
N LYS D 257 2.68 30.62 27.65
CA LYS D 257 1.43 31.39 27.69
C LYS D 257 1.12 32.20 26.43
N HIS D 258 -0.14 32.11 26.05
CA HIS D 258 -0.76 32.65 24.84
C HIS D 258 -0.50 34.14 24.53
N GLU D 259 -1.14 34.98 25.34
CA GLU D 259 -1.06 36.43 25.24
C GLU D 259 0.40 36.87 25.18
N ASP D 260 1.26 36.16 25.91
CA ASP D 260 2.68 36.49 25.97
C ASP D 260 3.42 36.26 24.65
N VAL D 261 3.13 35.16 23.98
CA VAL D 261 3.66 34.91 22.64
C VAL D 261 3.19 36.02 21.69
N ILE D 262 1.93 36.40 21.84
CA ILE D 262 1.40 37.48 20.99
C ILE D 262 2.16 38.80 21.18
N ALA D 263 2.05 39.32 22.40
CA ALA D 263 2.77 40.53 22.82
C ALA D 263 4.23 40.51 22.35
N ARG D 264 4.97 39.45 22.70
CA ARG D 264 6.34 39.25 22.20
C ARG D 264 6.39 39.55 20.72
N GLU D 265 5.70 38.72 19.94
CA GLU D 265 5.79 38.82 18.49
C GLU D 265 5.57 40.26 17.99
N LEU D 266 4.77 41.06 18.69
CA LEU D 266 4.60 42.46 18.27
C LEU D 266 5.70 43.45 18.74
N ILE D 267 5.93 43.49 20.05
CA ILE D 267 7.01 44.27 20.64
C ILE D 267 8.31 44.11 19.85
N GLU D 268 8.65 42.87 19.51
CA GLU D 268 9.92 42.57 18.84
C GLU D 268 10.01 43.14 17.42
N LYS D 269 8.88 43.20 16.76
CA LYS D 269 8.84 43.79 15.43
C LYS D 269 9.08 45.28 15.59
N MET D 270 8.48 45.86 16.63
CA MET D 270 8.54 47.32 16.75
C MET D 270 9.88 47.87 17.25
N ILE D 271 10.69 47.04 17.89
CA ILE D 271 11.91 47.56 18.49
C ILE D 271 13.21 47.11 17.79
N ALA D 272 13.04 46.55 16.58
CA ALA D 272 14.14 45.94 15.82
C ALA D 272 15.25 46.92 15.48
N MET D 273 16.50 46.49 15.69
CA MET D 273 17.66 47.34 15.45
C MET D 273 17.73 47.91 14.03
N ASP D 274 17.19 47.17 13.06
CA ASP D 274 17.03 47.70 11.72
C ASP D 274 15.63 48.29 11.60
N PRO D 275 15.55 49.63 11.47
CA PRO D 275 14.29 50.36 11.36
C PRO D 275 13.42 49.87 10.21
N GLN D 276 14.05 49.23 9.23
CA GLN D 276 13.36 48.70 8.07
C GLN D 276 12.41 47.57 8.44
N GLN D 277 12.57 47.06 9.66
CA GLN D 277 11.73 45.98 10.19
C GLN D 277 10.55 46.53 11.00
N ARG D 278 10.75 47.68 11.63
CA ARG D 278 9.71 48.34 12.40
C ARG D 278 8.50 48.69 11.52
N PRO D 279 7.31 48.20 11.92
CA PRO D 279 6.07 48.35 11.17
C PRO D 279 5.54 49.79 11.18
N SER D 280 4.57 50.06 10.31
CA SER D 280 3.88 51.35 10.33
C SER D 280 3.03 51.45 11.59
N ALA D 281 2.80 52.67 12.05
CA ALA D 281 2.00 52.90 13.25
C ALA D 281 0.65 52.22 13.15
N LYS D 282 0.01 52.35 11.98
CA LYS D 282 -1.27 51.72 11.77
C LYS D 282 -1.17 50.22 11.51
N HIS D 283 0.01 49.77 11.05
CA HIS D 283 0.28 48.35 11.03
C HIS D 283 0.22 47.87 12.47
N VAL D 284 0.90 48.58 13.36
CA VAL D 284 0.89 48.25 14.79
C VAL D 284 -0.53 48.25 15.34
N LEU D 285 -1.35 49.16 14.81
CA LEU D 285 -2.77 49.16 15.14
C LEU D 285 -3.49 47.88 14.69
N LYS D 286 -3.10 47.37 13.52
CA LYS D 286 -3.74 46.19 12.92
C LYS D 286 -3.36 44.84 13.57
N HIS D 287 -2.51 44.88 14.58
CA HIS D 287 -1.98 43.65 15.20
C HIS D 287 -2.95 42.95 16.18
N PRO D 288 -2.84 41.60 16.27
CA PRO D 288 -3.59 40.77 17.22
C PRO D 288 -3.34 41.04 18.70
N PHE D 289 -2.38 41.90 19.00
CA PHE D 289 -2.07 42.17 20.39
C PHE D 289 -3.25 42.85 21.08
N PHE D 290 -4.02 43.60 20.29
CA PHE D 290 -5.10 44.44 20.79
C PHE D 290 -6.43 43.70 20.86
N TRP D 291 -6.42 42.41 20.56
CA TRP D 291 -7.66 41.72 20.22
C TRP D 291 -8.62 41.41 21.39
N SER D 292 -9.90 41.36 21.06
CA SER D 292 -10.97 40.93 21.95
C SER D 292 -11.46 39.57 21.50
N LEU D 293 -11.87 38.78 22.48
CA LEU D 293 -12.11 37.35 22.36
C LEU D 293 -13.07 36.95 21.24
N GLU D 294 -14.15 37.72 21.09
CA GLU D 294 -15.12 37.54 19.99
C GLU D 294 -14.45 37.52 18.62
N LYS D 295 -13.61 38.51 18.37
CA LYS D 295 -12.96 38.63 17.08
C LYS D 295 -11.76 37.66 16.91
N GLN D 296 -11.16 37.23 18.02
CA GLN D 296 -10.23 36.08 17.99
C GLN D 296 -10.91 34.82 17.43
N LEU D 297 -12.05 34.48 18.05
CA LEU D 297 -12.90 33.38 17.58
C LEU D 297 -13.19 33.51 16.08
N GLN D 298 -13.80 34.65 15.72
CA GLN D 298 -14.12 34.98 14.33
C GLN D 298 -12.96 34.65 13.38
N PHE D 299 -11.81 35.24 13.73
CA PHE D 299 -10.63 35.21 12.88
C PHE D 299 -10.04 33.82 12.71
N PHE D 300 -10.20 32.93 13.70
CA PHE D 300 -9.74 31.56 13.45
C PHE D 300 -10.76 30.63 12.77
N GLN D 301 -12.05 30.81 13.04
CA GLN D 301 -13.02 29.97 12.35
C GLN D 301 -13.12 30.33 10.85
N ASP D 302 -12.78 31.58 10.50
CA ASP D 302 -12.69 31.92 9.08
C ASP D 302 -11.69 31.02 8.34
N VAL D 303 -10.54 30.76 8.97
CA VAL D 303 -9.55 29.83 8.40
C VAL D 303 -9.96 28.35 8.46
N SER D 304 -10.41 27.87 9.62
CA SER D 304 -10.80 26.47 9.72
C SER D 304 -11.93 26.16 8.74
N ASP D 305 -12.69 27.19 8.37
CA ASP D 305 -13.68 27.07 7.31
C ASP D 305 -13.03 27.06 5.91
N ARG D 306 -12.17 28.03 5.64
CA ARG D 306 -11.48 28.10 4.35
C ARG D 306 -10.78 26.81 3.95
N ILE D 307 -10.28 26.07 4.94
CA ILE D 307 -9.53 24.85 4.65
C ILE D 307 -10.37 23.74 4.01
N GLU D 308 -11.58 23.54 4.54
CA GLU D 308 -12.46 22.50 4.04
C GLU D 308 -12.86 22.73 2.58
N ALA D 311 -6.55 22.46 -0.77
CA ALA D 311 -6.10 21.08 -0.97
C ALA D 311 -5.05 20.69 0.08
N LEU D 312 -4.97 19.40 0.37
CA LEU D 312 -3.96 18.87 1.29
C LEU D 312 -2.57 19.07 0.71
N ASP D 313 -2.50 19.17 -0.61
CA ASP D 313 -1.24 19.44 -1.30
C ASP D 313 -0.84 20.89 -1.06
N GLY D 314 -1.86 21.73 -0.85
CA GLY D 314 -1.70 23.17 -0.74
C GLY D 314 -0.62 23.64 0.22
N PRO D 315 -0.13 24.85 -0.01
CA PRO D 315 0.90 25.43 0.85
C PRO D 315 0.35 25.63 2.26
N ILE D 316 -0.96 25.83 2.31
CA ILE D 316 -1.65 26.11 3.56
C ILE D 316 -1.49 25.03 4.64
N VAL D 317 -1.75 23.77 4.29
CA VAL D 317 -1.64 22.69 5.27
C VAL D 317 -0.19 22.35 5.60
N ARG D 318 0.69 22.47 4.62
CA ARG D 318 2.09 22.15 4.83
C ARG D 318 2.78 23.21 5.69
N GLN D 319 2.22 24.41 5.71
CA GLN D 319 2.75 25.47 6.57
C GLN D 319 2.03 25.54 7.92
N LEU D 320 0.76 25.16 7.94
CA LEU D 320 -0.05 25.17 9.16
C LEU D 320 0.28 23.98 10.06
N GLU D 321 0.89 22.95 9.48
CA GLU D 321 1.38 21.85 10.29
C GLU D 321 2.90 21.88 10.29
N ARG D 322 3.48 22.96 9.75
CA ARG D 322 4.93 23.17 9.78
C ARG D 322 5.41 23.17 11.23
N GLY D 323 4.60 23.75 12.10
CA GLY D 323 4.79 23.61 13.54
C GLY D 323 4.14 22.32 14.03
N GLY D 324 2.95 22.03 13.51
CA GLY D 324 2.30 20.76 13.74
C GLY D 324 2.13 20.36 15.20
N ARG D 325 2.61 19.16 15.53
CA ARG D 325 2.36 18.54 16.83
C ARG D 325 2.87 19.29 18.08
N ALA D 326 3.95 20.05 17.93
CA ALA D 326 4.55 20.76 19.07
C ALA D 326 3.55 21.64 19.81
N VAL D 327 2.91 22.55 19.08
CA VAL D 327 1.95 23.48 19.68
C VAL D 327 0.76 22.76 20.32
N VAL D 328 0.36 21.61 19.75
CA VAL D 328 -0.80 20.89 20.25
C VAL D 328 -0.48 19.92 21.41
N LYS D 329 0.70 20.08 22.02
CA LYS D 329 1.19 19.19 23.08
C LYS D 329 1.34 17.73 22.67
N MET D 330 1.87 17.50 21.46
CA MET D 330 2.03 16.16 20.86
C MET D 330 0.71 15.51 20.46
N ASP D 331 -0.25 15.53 21.39
CA ASP D 331 -1.56 14.91 21.19
C ASP D 331 -2.63 15.71 21.95
N TRP D 332 -3.19 16.74 21.31
CA TRP D 332 -4.17 17.62 21.97
C TRP D 332 -5.35 16.88 22.59
N ARG D 333 -5.56 15.64 22.18
CA ARG D 333 -6.61 14.82 22.78
C ARG D 333 -6.31 14.56 24.26
N GLU D 334 -5.03 14.61 24.63
CA GLU D 334 -4.60 14.40 26.02
C GLU D 334 -4.63 15.70 26.82
N ASN D 335 -4.70 16.84 26.11
CA ASN D 335 -4.62 18.15 26.76
C ASN D 335 -5.89 19.00 26.69
N ILE D 336 -6.99 18.38 26.25
CA ILE D 336 -8.32 18.99 26.36
C ILE D 336 -9.07 18.23 27.44
N THR D 337 -10.05 18.88 28.04
CA THR D 337 -10.84 18.23 29.10
C THR D 337 -11.47 16.96 28.57
N VAL D 338 -11.58 15.97 29.45
CA VAL D 338 -12.10 14.65 29.08
C VAL D 338 -13.51 14.59 28.44
N PRO D 339 -14.46 15.44 28.90
CA PRO D 339 -15.79 15.44 28.26
C PRO D 339 -15.76 15.79 26.78
N LEU D 340 -15.05 16.87 26.45
CA LEU D 340 -14.93 17.33 25.08
C LEU D 340 -14.26 16.26 24.23
N GLN D 341 -13.29 15.58 24.81
CA GLN D 341 -12.65 14.42 24.19
C GLN D 341 -13.69 13.34 23.89
N THR D 342 -14.65 13.17 24.79
CA THR D 342 -15.71 12.16 24.62
C THR D 342 -16.70 12.49 23.50
N ASP D 343 -17.23 13.71 23.47
CA ASP D 343 -18.17 14.08 22.39
C ASP D 343 -17.46 14.14 21.04
N LEU D 344 -16.28 14.74 21.04
CA LEU D 344 -15.44 14.77 19.85
C LEU D 344 -15.05 13.36 19.39
N ARG D 345 -15.08 12.39 20.31
CA ARG D 345 -14.85 10.99 19.95
C ARG D 345 -15.99 10.40 19.13
N LYS D 346 -17.23 10.77 19.45
CA LYS D 346 -18.37 10.43 18.59
C LYS D 346 -18.22 11.13 17.25
N PHE D 347 -17.66 12.34 17.27
CA PHE D 347 -17.30 13.02 16.03
C PHE D 347 -16.18 12.27 15.29
N ARG D 348 -14.93 12.70 15.49
CA ARG D 348 -13.74 12.09 14.84
C ARG D 348 -13.86 12.24 13.29
N THR D 349 -12.95 11.70 12.46
CA THR D 349 -11.72 11.00 12.82
C THR D 349 -10.56 11.95 12.95
N TYR D 350 -10.71 12.92 13.84
CA TYR D 350 -9.68 13.91 14.12
C TYR D 350 -8.39 13.27 14.66
N LYS D 351 -7.25 13.67 14.09
CA LYS D 351 -5.97 13.02 14.36
C LYS D 351 -5.51 13.18 15.81
N GLY D 352 -5.42 14.43 16.28
CA GLY D 352 -4.89 14.69 17.61
C GLY D 352 -3.48 15.22 17.53
N GLY D 353 -2.78 14.86 16.46
CA GLY D 353 -1.46 15.39 16.19
C GLY D 353 -1.61 16.41 15.09
N SER D 354 -2.85 16.64 14.71
CA SER D 354 -3.18 17.59 13.67
C SER D 354 -3.71 18.86 14.32
N VAL D 355 -2.96 19.94 14.16
CA VAL D 355 -3.42 21.27 14.54
C VAL D 355 -4.73 21.55 13.81
N ARG D 356 -4.75 21.19 12.53
CA ARG D 356 -5.92 21.37 11.67
C ARG D 356 -7.15 20.66 12.20
N ASP D 357 -6.97 19.44 12.71
CA ASP D 357 -8.09 18.67 13.23
C ASP D 357 -8.52 19.18 14.62
N LEU D 358 -7.67 19.99 15.23
CA LEU D 358 -8.04 20.69 16.47
C LEU D 358 -8.84 21.93 16.11
N LEU D 359 -8.50 22.53 14.98
CA LEU D 359 -9.22 23.70 14.46
C LEU D 359 -10.59 23.28 13.94
N ARG D 360 -10.67 22.06 13.42
CA ARG D 360 -11.91 21.45 12.98
C ARG D 360 -12.70 21.02 14.21
N ALA D 361 -11.99 20.57 15.25
CA ALA D 361 -12.63 20.24 16.54
C ALA D 361 -13.33 21.45 17.13
N MET D 362 -12.64 22.58 17.12
CA MET D 362 -13.19 23.85 17.61
C MET D 362 -14.30 24.43 16.71
N ARG D 363 -14.06 24.46 15.39
CA ARG D 363 -15.04 24.97 14.43
C ARG D 363 -16.34 24.17 14.46
N ASN D 364 -16.19 22.84 14.39
CA ASN D 364 -17.31 21.91 14.61
C ASN D 364 -17.98 22.10 15.96
N LYS D 365 -17.22 22.35 17.02
CA LYS D 365 -17.81 22.52 18.35
C LYS D 365 -18.56 23.84 18.51
N LYS D 366 -18.24 24.83 17.68
CA LYS D 366 -18.96 26.11 17.73
C LYS D 366 -20.15 26.13 16.76
N HIS D 367 -20.05 25.37 15.68
CA HIS D 367 -21.16 25.25 14.73
C HIS D 367 -22.30 24.45 15.36
N HIS D 368 -22.02 23.18 15.69
CA HIS D 368 -23.00 22.32 16.35
C HIS D 368 -23.05 22.59 17.85
N TYR D 369 -22.89 23.85 18.24
CA TYR D 369 -22.79 24.21 19.66
C TYR D 369 -24.13 24.18 20.37
N ARG D 370 -25.21 24.10 19.60
CA ARG D 370 -26.55 24.02 20.16
C ARG D 370 -27.00 22.57 20.42
N GLU D 371 -26.48 21.64 19.63
CA GLU D 371 -26.98 20.26 19.58
C GLU D 371 -26.33 19.29 20.58
N LEU D 372 -25.13 19.64 21.05
CA LEU D 372 -24.35 18.80 21.97
C LEU D 372 -25.02 18.40 23.30
N PRO D 373 -24.37 17.49 24.06
CA PRO D 373 -24.74 17.37 25.47
C PRO D 373 -24.34 18.65 26.19
N VAL D 374 -25.16 19.17 27.10
CA VAL D 374 -24.86 20.45 27.76
C VAL D 374 -23.72 20.32 28.79
N GLU D 375 -23.46 19.09 29.21
CA GLU D 375 -22.32 18.79 30.09
C GLU D 375 -20.99 19.16 29.41
N VAL D 376 -21.02 19.24 28.09
CA VAL D 376 -19.88 19.69 27.29
C VAL D 376 -19.94 21.23 27.09
N GLN D 377 -21.14 21.81 27.17
CA GLN D 377 -21.28 23.27 27.17
C GLN D 377 -20.61 23.86 28.39
N GLU D 378 -20.65 23.13 29.51
CA GLU D 378 -20.02 23.65 30.73
C GLU D 378 -18.50 23.89 30.63
N THR D 379 -17.80 23.00 29.93
CA THR D 379 -16.33 23.07 29.84
C THR D 379 -15.87 24.20 28.90
N LEU D 380 -16.76 24.62 27.99
CA LEU D 380 -16.50 25.74 27.10
C LEU D 380 -17.15 27.04 27.58
N GLY D 381 -18.40 26.94 28.03
CA GLY D 381 -19.22 28.09 28.41
C GLY D 381 -18.56 29.10 29.34
N SER D 382 -18.99 30.35 29.28
CA SER D 382 -20.24 30.75 28.63
C SER D 382 -20.17 31.00 27.11
N ILE D 383 -18.99 31.43 26.63
CA ILE D 383 -18.73 31.87 25.24
C ILE D 383 -18.89 33.38 25.07
N PRO D 384 -17.97 34.05 24.37
CA PRO D 384 -16.76 33.50 23.72
C PRO D 384 -15.53 33.43 24.64
N ASP D 385 -15.52 34.28 25.66
CA ASP D 385 -14.37 34.45 26.54
C ASP D 385 -13.85 33.11 27.10
N ASP D 386 -14.70 32.46 27.89
CA ASP D 386 -14.32 31.24 28.61
C ASP D 386 -13.82 30.09 27.70
N PHE D 387 -14.30 30.00 26.46
CA PHE D 387 -13.80 28.93 25.61
C PHE D 387 -12.59 29.26 24.70
N VAL D 388 -12.48 30.50 24.20
CA VAL D 388 -11.21 30.84 23.56
C VAL D 388 -10.10 30.67 24.59
N ARG D 389 -10.38 31.08 25.83
CA ARG D 389 -9.40 30.90 26.91
C ARG D 389 -9.26 29.44 27.32
N TYR D 390 -10.32 28.65 27.14
CA TYR D 390 -10.26 27.23 27.44
C TYR D 390 -9.31 26.50 26.50
N PHE D 391 -9.24 26.96 25.25
CA PHE D 391 -8.32 26.34 24.31
C PHE D 391 -6.93 27.00 24.26
N THR D 392 -6.84 28.28 24.59
CA THR D 392 -5.56 28.98 24.50
C THR D 392 -4.81 29.03 25.83
N SER D 393 -5.47 28.64 26.91
CA SER D 393 -4.75 28.50 28.17
C SER D 393 -3.79 27.34 28.01
N ARG D 394 -4.31 26.25 27.46
CA ARG D 394 -3.59 24.98 27.33
C ARG D 394 -2.72 24.97 26.09
N PHE D 395 -3.17 25.69 25.06
CA PHE D 395 -2.44 25.74 23.79
C PHE D 395 -2.05 27.20 23.46
N PRO D 396 -0.87 27.62 23.95
CA PRO D 396 -0.44 29.02 23.97
C PRO D 396 -0.03 29.52 22.61
N HIS D 397 0.61 28.67 21.82
CA HIS D 397 1.08 29.08 20.51
C HIS D 397 -0.01 28.94 19.47
N LEU D 398 -1.13 28.34 19.88
CA LEU D 398 -2.26 28.04 18.99
C LEU D 398 -2.59 29.18 18.02
N LEU D 399 -2.96 30.34 18.56
CA LEU D 399 -3.38 31.45 17.70
C LEU D 399 -2.21 32.17 17.03
N SER D 400 -1.03 32.07 17.62
CA SER D 400 0.12 32.76 17.07
C SER D 400 0.65 31.90 15.95
N HIS D 401 0.64 30.59 16.19
CA HIS D 401 1.06 29.63 15.18
C HIS D 401 0.13 29.69 14.00
N THR D 402 -1.17 29.62 14.28
CA THR D 402 -2.13 29.72 13.21
C THR D 402 -1.97 31.06 12.49
N TYR D 403 -2.18 32.17 13.19
CA TYR D 403 -2.06 33.51 12.59
C TYR D 403 -0.82 33.68 11.72
N GLN D 404 0.32 33.16 12.18
CA GLN D 404 1.52 33.21 11.36
C GLN D 404 1.37 32.31 10.13
N ALA D 405 0.78 31.13 10.32
CA ALA D 405 0.64 30.16 9.24
C ALA D 405 -0.27 30.66 8.11
N MET D 406 -1.11 31.64 8.44
CA MET D 406 -2.14 32.11 7.51
C MET D 406 -1.92 33.54 7.02
N GLU D 407 -0.67 33.99 7.04
CA GLU D 407 -0.33 35.29 6.50
C GLU D 407 -0.28 35.18 4.99
N LEU D 408 -0.40 33.95 4.51
CA LEU D 408 -0.42 33.65 3.07
C LEU D 408 -1.60 34.31 2.36
N CYS D 409 -2.78 34.33 3.00
CA CYS D 409 -3.99 34.83 2.37
C CYS D 409 -4.21 36.34 2.51
N ARG D 410 -3.12 37.09 2.54
CA ARG D 410 -3.19 38.54 2.63
C ARG D 410 -3.68 39.15 1.32
N LEU D 414 -12.01 39.27 2.90
CA LEU D 414 -12.55 39.02 4.23
C LEU D 414 -11.46 39.18 5.28
N PHE D 415 -10.23 39.36 4.83
CA PHE D 415 -9.08 39.40 5.73
C PHE D 415 -8.54 40.80 5.97
N GLN D 416 -9.23 41.79 5.44
CA GLN D 416 -8.81 43.17 5.57
C GLN D 416 -8.95 43.65 7.00
N THR D 417 -9.83 43.00 7.77
CA THR D 417 -9.95 43.29 9.19
C THR D 417 -9.01 42.44 10.04
N TYR D 418 -8.27 41.56 9.38
CA TYR D 418 -7.31 40.69 10.06
C TYR D 418 -5.89 41.25 9.92
N TYR D 419 -5.59 41.71 8.71
CA TYR D 419 -4.24 42.11 8.33
C TYR D 419 -4.19 43.60 7.99
#